data_3PXT
#
_entry.id   3PXT
#
_cell.length_a   55.530
_cell.length_b   83.520
_cell.length_c   107.780
_cell.angle_alpha   109.94
_cell.angle_beta   91.54
_cell.angle_gamma   105.78
#
_symmetry.space_group_name_H-M   'P 1'
#
loop_
_entity.id
_entity.type
_entity.pdbx_description
1 polymer 'Methylamine utilization protein MauG'
2 polymer 'Methylamine dehydrogenase light chain'
3 polymer 'Methylamine dehydrogenase heavy chain'
4 non-polymer 'SODIUM ION'
5 non-polymer 'CARBON MONOXIDE'
6 non-polymer 'HEME C'
7 non-polymer 'CALCIUM ION'
8 non-polymer 'ACETATE ION'
9 non-polymer 1-(2-METHOXY-ETHOXY)-2-{2-[2-(2-METHOXY-ETHOXY]-ETHOXY}-ETHANE
10 water water
#
loop_
_entity_poly.entity_id
_entity_poly.type
_entity_poly.pdbx_seq_one_letter_code
_entity_poly.pdbx_strand_id
1 'polypeptide(L)'
;EQARPADDALAALGAQLFVDPALSRNATQSCATCHDPARAFTDPREGKAGLAVSVGDDGQSHGDRNTPTLGYAALVPAFH
RDANGKYKGGQFWDGRADDLKQQAGQPMLNPVEMAMPDRAAVAARLRDDPAYRTGFEALFGKGVLDDPERAFDAAAEALA
AYQATGEFSPFDSKYDRVMRGEEKFTPLEEFGYTVFITWNCRLCHMQRKQGVAERETFTNFEYHNIGLPVNETAREASGL
GADHVDHGLLARPGIEDPAQSGRFKVPSLRNVAVTGPYMHNGVFTDLRTAILFYNKYTSRRPEAKINPETGAPWGEPEVA
RNLSLAELQSGLMLDDGRVDALVAFLETLTDRRYEPLLEESRAAQKDHHHHHH
;
A,B
2 'polypeptide(L)'
;ADAPAGTDPRAKWVPQDNDIQACDYWRHCSIDGNICDCSGGSLTNCPPGTKLATAS(0AF)VASCYNPTDGQSYLIAYRD
CCGYNVSGRCPCLNTEGELPVYRPEFANDIIWCFGAEDDAMTYHCTISPIVGKASHHHHHH
;
C,E
3 'polypeptide(L)'
;QDAPEAETQAQETQGQAAARAAAADLAAGQDDEPRILEAPAPDARRVYVNDPAHFAAVTQQFVIDGEAGRVIGMIDGGFL
PNPVVADDGSFIAHASTVFSRIARGERTDYVEVFDPVTLLPTADIELPDAPRFLVGTYPWMTSLTPDGKTLLFYQFSPAP
AVGVVDLEGKAFKRMLDVPDCYHIFPTAPDTFFMHCRDGSLAKVAFGTEGTPEITHTEVFHPEDEFLINHPAYSQKAGRL
VWPTYTGKIHQIDLSSGDAKFLPAVEALTEAERADGWRPGGWQQVAYHRALDRIYLLVDQRDEWRHKTASRFVVVLDAKT
GERLAKFEMGHEIDSINVSQDEKPLLYALSTGDKTLYIHDAESGEELRSVNQLGHGPQVITTADMG
;
D,F
#
loop_
_chem_comp.id
_chem_comp.type
_chem_comp.name
_chem_comp.formula
ACT non-polymer 'ACETATE ION' 'C2 H3 O2 -1'
CA non-polymer 'CALCIUM ION' 'Ca 2'
CMO non-polymer 'CARBON MONOXIDE' 'C O'
HEC non-polymer 'HEME C' 'C34 H34 Fe N4 O4'
NA non-polymer 'SODIUM ION' 'Na 1'
PG6 non-polymer 1-(2-METHOXY-ETHOXY)-2-{2-[2-(2-METHOXY-ETHOXY]-ETHOXY}-ETHANE 'C12 H26 O6'
#
# COMPACT_ATOMS: atom_id res chain seq x y z
N ALA A 6 28.43 34.48 -56.54
CA ALA A 6 27.25 33.57 -56.62
C ALA A 6 26.38 33.69 -55.37
N ASP A 7 26.69 32.88 -54.36
CA ASP A 7 26.02 32.96 -53.05
C ASP A 7 26.47 34.23 -52.33
N ASP A 8 27.75 34.56 -52.48
CA ASP A 8 28.32 35.81 -51.96
C ASP A 8 27.67 37.04 -52.59
N ALA A 9 27.51 37.01 -53.91
CA ALA A 9 26.94 38.13 -54.65
C ALA A 9 25.49 38.40 -54.23
N LEU A 10 24.70 37.33 -54.11
CA LEU A 10 23.31 37.44 -53.70
C LEU A 10 23.16 38.06 -52.31
N ALA A 11 24.04 37.65 -51.40
CA ALA A 11 24.07 38.15 -50.03
C ALA A 11 24.43 39.64 -50.01
N ALA A 12 25.46 39.99 -50.80
CA ALA A 12 25.93 41.36 -50.94
C ALA A 12 24.82 42.28 -51.46
N LEU A 13 24.01 41.76 -52.39
CA LEU A 13 22.87 42.49 -52.89
C LEU A 13 21.83 42.72 -51.79
N GLY A 14 21.56 41.68 -51.02
CA GLY A 14 20.70 41.76 -49.84
C GLY A 14 21.22 42.75 -48.80
N ALA A 15 22.54 42.82 -48.64
CA ALA A 15 23.17 43.79 -47.74
C ALA A 15 22.87 45.24 -48.13
N GLN A 16 22.84 45.50 -49.44
CA GLN A 16 22.49 46.81 -49.98
C GLN A 16 21.01 47.12 -49.73
N LEU A 17 20.15 46.15 -50.04
CA LEU A 17 18.71 46.32 -49.90
C LEU A 17 18.28 46.57 -48.46
N PHE A 18 18.97 45.93 -47.52
CA PHE A 18 18.65 45.96 -46.11
C PHE A 18 18.69 47.37 -45.49
N VAL A 19 19.67 48.17 -45.91
CA VAL A 19 19.88 49.52 -45.37
C VAL A 19 19.37 50.63 -46.30
N ASP A 20 18.54 50.26 -47.28
CA ASP A 20 18.07 51.19 -48.31
C ASP A 20 16.64 51.69 -48.07
N PRO A 21 16.49 52.98 -47.71
CA PRO A 21 15.16 53.56 -47.45
C PRO A 21 14.32 53.74 -48.71
N ALA A 22 14.93 53.53 -49.87
CA ALA A 22 14.21 53.58 -51.15
C ALA A 22 13.11 52.53 -51.23
N LEU A 23 13.15 51.55 -50.33
CA LEU A 23 12.12 50.50 -50.25
C LEU A 23 10.92 50.86 -49.36
N SER A 24 10.89 52.10 -48.89
CA SER A 24 9.71 52.61 -48.18
C SER A 24 9.10 53.77 -48.96
N ARG A 25 7.79 53.95 -48.83
CA ARG A 25 7.03 54.89 -49.65
C ARG A 25 7.61 56.29 -49.69
N ASN A 26 7.97 56.82 -48.53
CA ASN A 26 8.48 58.17 -48.41
C ASN A 26 10.00 58.20 -48.23
N ALA A 27 10.64 57.05 -48.38
CA ALA A 27 12.08 56.88 -48.15
C ALA A 27 12.55 57.41 -46.79
N THR A 28 11.81 57.04 -45.73
CA THR A 28 12.24 57.42 -44.39
C THR A 28 12.82 56.22 -43.64
N GLN A 29 12.51 55.02 -44.09
CA GLN A 29 12.97 53.83 -43.38
C GLN A 29 13.36 52.64 -44.24
N SER A 30 14.32 51.88 -43.73
CA SER A 30 14.75 50.64 -44.34
C SER A 30 14.56 49.51 -43.32
N CYS A 31 14.82 48.27 -43.74
CA CYS A 31 14.81 47.13 -42.81
C CYS A 31 15.59 47.49 -41.53
N ALA A 32 16.77 48.07 -41.73
CA ALA A 32 17.70 48.42 -40.65
C ALA A 32 17.20 49.50 -39.68
N THR A 33 16.17 50.25 -40.08
CA THR A 33 15.59 51.26 -39.18
C THR A 33 14.97 50.56 -37.96
N CYS A 34 14.19 49.50 -38.24
CA CYS A 34 13.55 48.75 -37.16
C CYS A 34 14.40 47.57 -36.71
N HIS A 35 15.12 46.95 -37.62
CA HIS A 35 16.06 45.89 -37.25
C HIS A 35 17.47 46.46 -37.23
N ASP A 36 17.78 47.20 -36.17
CA ASP A 36 19.02 47.95 -36.09
C ASP A 36 20.18 47.06 -35.68
N PRO A 37 21.18 46.91 -36.58
CA PRO A 37 22.38 46.10 -36.34
C PRO A 37 23.13 46.48 -35.06
N ALA A 38 22.99 47.74 -34.64
CA ALA A 38 23.62 48.21 -33.41
C ALA A 38 22.87 47.73 -32.17
N ARG A 39 21.61 47.34 -32.33
CA ARG A 39 20.80 46.78 -31.23
C ARG A 39 20.32 45.35 -31.49
N ALA A 40 21.21 44.51 -32.03
CA ALA A 40 20.91 43.11 -32.37
C ALA A 40 19.71 42.96 -33.29
N PHE A 41 19.62 43.84 -34.27
CA PHE A 41 18.55 43.83 -35.28
C PHE A 41 17.15 44.01 -34.66
N THR A 42 17.07 44.92 -33.67
CA THR A 42 15.79 45.36 -33.11
C THR A 42 15.70 46.89 -33.11
N ASP A 43 14.61 47.43 -32.59
CA ASP A 43 14.28 48.85 -32.72
C ASP A 43 14.56 49.64 -31.45
N PRO A 44 15.56 50.54 -31.50
CA PRO A 44 15.92 51.41 -30.38
C PRO A 44 15.00 52.62 -30.17
N ARG A 45 14.11 52.88 -31.14
CA ARG A 45 13.35 54.13 -31.16
C ARG A 45 12.16 54.12 -30.21
N GLU A 46 11.99 55.23 -29.48
CA GLU A 46 10.88 55.40 -28.53
C GLU A 46 9.63 55.96 -29.24
N GLY A 47 8.52 55.24 -29.14
CA GLY A 47 7.25 55.68 -29.72
C GLY A 47 6.19 55.91 -28.66
N LYS A 48 4.93 55.95 -29.09
CA LYS A 48 3.79 56.18 -28.19
C LYS A 48 3.67 55.12 -27.07
N ALA A 49 4.24 53.94 -27.30
CA ALA A 49 4.19 52.86 -26.31
C ALA A 49 5.58 52.43 -25.86
N GLY A 50 6.50 53.39 -25.82
CA GLY A 50 7.89 53.12 -25.50
C GLY A 50 8.55 52.37 -26.64
N LEU A 51 9.22 51.27 -26.31
CA LEU A 51 9.92 50.45 -27.29
C LEU A 51 9.17 49.15 -27.60
N ALA A 52 7.92 49.08 -27.12
CA ALA A 52 7.06 47.90 -27.32
C ALA A 52 6.72 47.62 -28.78
N VAL A 53 6.50 48.68 -29.54
CA VAL A 53 6.09 48.57 -30.94
C VAL A 53 6.80 49.63 -31.79
N SER A 54 6.91 49.36 -33.09
CA SER A 54 7.69 50.21 -33.99
C SER A 54 6.84 51.16 -34.84
N VAL A 55 7.40 52.33 -35.15
CA VAL A 55 6.76 53.31 -36.03
C VAL A 55 7.14 53.05 -37.48
N GLY A 56 6.13 53.07 -38.36
CA GLY A 56 6.32 52.82 -39.79
C GLY A 56 6.80 54.04 -40.57
N ASP A 57 6.76 53.91 -41.90
CA ASP A 57 7.29 54.92 -42.82
C ASP A 57 6.60 56.28 -42.70
N ASP A 58 5.33 56.28 -42.31
CA ASP A 58 4.54 57.51 -42.32
C ASP A 58 4.76 58.40 -41.09
N GLY A 59 5.58 57.94 -40.14
CA GLY A 59 5.89 58.70 -38.93
C GLY A 59 4.82 58.65 -37.85
N GLN A 60 3.67 58.06 -38.19
CA GLN A 60 2.50 58.06 -37.29
C GLN A 60 2.11 56.65 -36.88
N SER A 61 2.06 55.74 -37.85
CA SER A 61 1.53 54.40 -37.65
C SER A 61 2.44 53.50 -36.81
N HIS A 62 1.87 52.96 -35.73
CA HIS A 62 2.52 51.99 -34.85
C HIS A 62 1.93 50.60 -35.08
N GLY A 63 2.76 49.58 -34.91
CA GLY A 63 2.32 48.20 -35.00
C GLY A 63 1.71 47.72 -33.70
N ASP A 64 1.32 46.44 -33.68
CA ASP A 64 0.71 45.85 -32.48
C ASP A 64 1.61 44.78 -31.89
N ARG A 65 2.71 44.50 -32.58
CA ARG A 65 3.68 43.49 -32.14
C ARG A 65 5.08 44.09 -32.04
N ASN A 66 5.87 43.55 -31.12
CA ASN A 66 7.25 43.96 -30.91
C ASN A 66 8.16 43.45 -32.03
N THR A 67 9.09 44.31 -32.46
CA THR A 67 10.08 43.94 -33.47
C THR A 67 11.11 42.92 -32.93
N PRO A 68 11.12 41.70 -33.50
CA PRO A 68 12.06 40.68 -33.05
C PRO A 68 13.43 40.81 -33.74
N THR A 69 14.45 40.27 -33.09
CA THR A 69 15.79 40.17 -33.70
C THR A 69 15.78 39.36 -34.98
N LEU A 70 16.68 39.71 -35.90
CA LEU A 70 16.91 38.93 -37.11
C LEU A 70 18.05 37.94 -36.92
N GLY A 71 18.80 38.10 -35.84
CA GLY A 71 19.86 37.18 -35.48
C GLY A 71 19.30 35.77 -35.34
N TYR A 72 19.92 34.82 -36.03
CA TYR A 72 19.62 33.39 -35.88
C TYR A 72 18.27 32.94 -36.43
N ALA A 73 17.51 33.88 -37.01
CA ALA A 73 16.22 33.58 -37.61
C ALA A 73 16.36 32.64 -38.81
N ALA A 74 17.53 32.64 -39.44
CA ALA A 74 17.85 31.78 -40.58
C ALA A 74 17.98 30.30 -40.20
N LEU A 75 18.01 30.04 -38.90
CA LEU A 75 18.11 28.65 -38.41
C LEU A 75 16.75 28.01 -38.21
N VAL A 76 15.69 28.82 -38.31
CA VAL A 76 14.32 28.32 -38.19
C VAL A 76 13.91 27.56 -39.46
N PRO A 77 13.36 26.34 -39.29
CA PRO A 77 12.88 25.60 -40.46
C PRO A 77 11.62 26.22 -41.05
N ALA A 78 11.33 25.88 -42.31
CA ALA A 78 10.11 26.32 -42.99
C ALA A 78 8.88 25.85 -42.22
N PHE A 79 7.80 26.65 -42.27
CA PHE A 79 6.56 26.30 -41.58
C PHE A 79 6.01 24.93 -42.00
N HIS A 80 5.61 24.13 -41.00
CA HIS A 80 5.04 22.81 -41.21
C HIS A 80 4.36 22.27 -39.95
N ARG A 81 3.58 21.19 -40.12
CA ARG A 81 2.94 20.50 -39.01
C ARG A 81 3.66 19.16 -38.83
N ASP A 82 4.25 18.93 -37.65
CA ASP A 82 5.00 17.69 -37.44
C ASP A 82 4.10 16.48 -37.13
N ALA A 83 4.71 15.31 -36.96
CA ALA A 83 3.97 14.07 -36.79
C ALA A 83 3.09 14.01 -35.53
N ASN A 84 3.43 14.79 -34.50
CA ASN A 84 2.58 14.90 -33.30
C ASN A 84 1.45 15.90 -33.48
N GLY A 85 1.37 16.52 -34.65
CA GLY A 85 0.34 17.52 -34.91
C GLY A 85 0.66 18.87 -34.28
N LYS A 86 1.94 19.11 -34.02
CA LYS A 86 2.42 20.39 -33.53
C LYS A 86 2.98 21.20 -34.69
N TYR A 87 2.49 22.43 -34.86
CA TYR A 87 3.05 23.33 -35.84
C TYR A 87 4.43 23.83 -35.41
N LYS A 88 5.35 23.90 -36.36
CA LYS A 88 6.75 24.28 -36.13
C LYS A 88 7.24 25.19 -37.23
N GLY A 89 8.06 26.17 -36.85
CA GLY A 89 8.79 26.99 -37.81
C GLY A 89 8.06 28.19 -38.38
N GLY A 90 8.53 28.64 -39.53
CA GLY A 90 8.03 29.85 -40.18
C GLY A 90 8.63 31.11 -39.59
N GLN A 91 8.10 32.25 -40.01
CA GLN A 91 8.56 33.56 -39.55
C GLN A 91 7.37 34.46 -39.17
N PHE A 92 7.66 35.51 -38.39
CA PHE A 92 6.66 36.33 -37.68
C PHE A 92 6.21 35.64 -36.39
N TRP A 93 5.81 36.43 -35.40
CA TRP A 93 5.36 35.91 -34.11
C TRP A 93 4.24 34.88 -34.27
N ASP A 94 3.43 35.03 -35.32
CA ASP A 94 2.30 34.13 -35.56
C ASP A 94 2.55 33.15 -36.71
N GLY A 95 3.80 33.08 -37.18
CA GLY A 95 4.19 32.15 -38.23
C GLY A 95 3.44 32.23 -39.55
N ARG A 96 2.86 33.39 -39.85
CA ARG A 96 2.07 33.55 -41.06
C ARG A 96 2.89 33.51 -42.38
N ALA A 97 4.20 33.67 -42.25
CA ALA A 97 5.11 33.53 -43.40
C ALA A 97 5.87 32.21 -43.32
N ASP A 98 5.94 31.50 -44.45
CA ASP A 98 6.53 30.15 -44.51
C ASP A 98 8.00 30.12 -44.14
N ASP A 99 8.74 31.14 -44.56
CA ASP A 99 10.19 31.19 -44.38
C ASP A 99 10.68 32.63 -44.64
N LEU A 100 12.00 32.84 -44.64
CA LEU A 100 12.55 34.19 -44.77
C LEU A 100 12.24 34.85 -46.11
N LYS A 101 12.20 34.05 -47.17
CA LYS A 101 11.85 34.54 -48.51
C LYS A 101 10.41 35.04 -48.59
N GLN A 102 9.45 34.26 -48.07
CA GLN A 102 8.04 34.65 -48.09
CA GLN A 102 8.04 34.67 -48.09
C GLN A 102 7.79 35.84 -47.15
N GLN A 103 8.65 35.97 -46.14
CA GLN A 103 8.54 37.03 -45.14
C GLN A 103 8.94 38.41 -45.67
N ALA A 104 10.01 38.46 -46.48
CA ALA A 104 10.72 39.71 -46.83
C ALA A 104 9.87 40.79 -47.49
N GLY A 105 8.91 40.38 -48.31
CA GLY A 105 8.09 41.31 -49.07
C GLY A 105 6.97 41.96 -48.29
N GLN A 106 6.56 41.32 -47.20
CA GLN A 106 5.39 41.79 -46.43
C GLN A 106 5.57 43.16 -45.76
N PRO A 107 6.72 43.40 -45.07
CA PRO A 107 7.02 44.74 -44.54
C PRO A 107 7.02 45.83 -45.61
N MET A 108 7.53 45.51 -46.80
CA MET A 108 7.57 46.44 -47.92
C MET A 108 6.18 46.97 -48.29
N LEU A 109 5.17 46.10 -48.29
CA LEU A 109 3.84 46.45 -48.77
C LEU A 109 2.85 46.76 -47.66
N ASN A 110 3.30 46.59 -46.41
CA ASN A 110 2.45 46.83 -45.25
C ASN A 110 2.33 48.34 -44.97
N PRO A 111 1.10 48.89 -45.09
CA PRO A 111 0.87 50.33 -44.92
C PRO A 111 1.27 50.89 -43.55
N VAL A 112 1.23 50.07 -42.51
CA VAL A 112 1.67 50.51 -41.17
C VAL A 112 3.20 50.39 -41.01
N GLU A 113 3.84 49.79 -42.01
CA GLU A 113 5.29 49.64 -42.03
C GLU A 113 5.94 50.49 -43.15
N MET A 114 6.61 49.84 -44.09
CA MET A 114 7.33 50.53 -45.17
C MET A 114 6.37 51.20 -46.17
N ALA A 115 5.16 50.64 -46.28
CA ALA A 115 4.02 51.27 -46.97
C ALA A 115 4.11 51.49 -48.49
N MET A 116 4.92 50.69 -49.18
CA MET A 116 4.88 50.72 -50.65
C MET A 116 3.51 50.24 -51.12
N PRO A 117 2.89 50.96 -52.09
CA PRO A 117 1.52 50.60 -52.49
C PRO A 117 1.41 49.21 -53.12
N ASP A 118 2.40 48.83 -53.93
CA ASP A 118 2.38 47.57 -54.66
C ASP A 118 3.79 47.16 -55.12
N ARG A 119 3.90 45.94 -55.65
CA ARG A 119 5.15 45.40 -56.20
C ARG A 119 5.68 46.24 -57.37
N ALA A 120 4.75 46.81 -58.13
CA ALA A 120 5.10 47.72 -59.23
C ALA A 120 5.93 48.89 -58.71
N ALA A 121 5.52 49.45 -57.57
CA ALA A 121 6.19 50.60 -56.96
C ALA A 121 7.60 50.23 -56.48
N VAL A 122 7.72 49.05 -55.87
CA VAL A 122 9.02 48.53 -55.42
C VAL A 122 9.97 48.37 -56.61
N ALA A 123 9.49 47.72 -57.67
CA ALA A 123 10.28 47.53 -58.89
C ALA A 123 10.75 48.87 -59.48
N ALA A 124 9.85 49.84 -59.52
CA ALA A 124 10.16 51.19 -60.01
C ALA A 124 11.34 51.82 -59.27
N ARG A 125 11.35 51.66 -57.95
CA ARG A 125 12.41 52.19 -57.09
C ARG A 125 13.74 51.48 -57.32
N LEU A 126 13.67 50.17 -57.52
CA LEU A 126 14.85 49.35 -57.81
C LEU A 126 15.42 49.70 -59.19
N ARG A 127 14.53 49.98 -60.12
CA ARG A 127 14.91 50.35 -61.48
C ARG A 127 15.68 51.68 -61.53
N ASP A 128 15.41 52.57 -60.58
CA ASP A 128 16.05 53.90 -60.49
C ASP A 128 17.53 53.85 -60.11
N ASP A 129 17.95 52.72 -59.54
CA ASP A 129 19.31 52.57 -59.07
C ASP A 129 20.13 51.76 -60.08
N PRO A 130 21.13 52.41 -60.71
CA PRO A 130 22.04 51.77 -61.65
C PRO A 130 22.82 50.59 -61.05
N ALA A 131 23.13 50.67 -59.76
CA ALA A 131 23.85 49.60 -59.07
C ALA A 131 22.95 48.39 -58.81
N TYR A 132 21.64 48.62 -58.68
CA TYR A 132 20.66 47.53 -58.59
C TYR A 132 20.39 46.89 -59.95
N ARG A 133 20.41 47.69 -61.02
CA ARG A 133 20.27 47.12 -62.36
C ARG A 133 21.44 46.18 -62.65
N THR A 134 22.65 46.64 -62.35
CA THR A 134 23.86 45.81 -62.47
C THR A 134 23.79 44.58 -61.55
N GLY A 135 23.56 44.82 -60.25
CA GLY A 135 23.49 43.76 -59.24
C GLY A 135 22.45 42.67 -59.50
N PHE A 136 21.20 43.08 -59.72
CA PHE A 136 20.10 42.14 -60.00
C PHE A 136 20.28 41.39 -61.31
N GLU A 137 20.63 42.09 -62.38
CA GLU A 137 20.72 41.46 -63.71
C GLU A 137 21.85 40.44 -63.82
N ALA A 138 22.96 40.68 -63.13
CA ALA A 138 24.07 39.72 -63.10
C ALA A 138 23.70 38.43 -62.35
N LEU A 139 22.68 38.50 -61.51
CA LEU A 139 22.24 37.33 -60.72
C LEU A 139 20.99 36.64 -61.27
N PHE A 140 20.07 37.44 -61.79
CA PHE A 140 18.74 36.95 -62.18
C PHE A 140 18.45 37.07 -63.68
N GLY A 141 19.30 37.78 -64.41
CA GLY A 141 19.13 37.95 -65.85
C GLY A 141 18.67 39.35 -66.23
N LYS A 142 18.93 39.71 -67.48
CA LYS A 142 18.61 41.04 -68.00
C LYS A 142 17.09 41.27 -68.04
N GLY A 143 16.67 42.49 -67.66
CA GLY A 143 15.25 42.87 -67.64
C GLY A 143 14.44 42.44 -66.42
N VAL A 144 15.10 41.83 -65.44
CA VAL A 144 14.44 41.35 -64.22
C VAL A 144 13.68 42.44 -63.45
N LEU A 145 14.25 43.65 -63.43
CA LEU A 145 13.67 44.78 -62.70
C LEU A 145 12.51 45.44 -63.43
N ASP A 146 12.27 45.06 -64.68
CA ASP A 146 11.16 45.59 -65.47
C ASP A 146 9.88 44.80 -65.22
N ASP A 147 10.04 43.61 -64.66
CA ASP A 147 8.91 42.78 -64.26
C ASP A 147 8.70 42.90 -62.75
N PRO A 148 7.60 43.55 -62.32
CA PRO A 148 7.31 43.76 -60.90
C PRO A 148 7.41 42.47 -60.06
N GLU A 149 6.83 41.37 -60.56
CA GLU A 149 6.78 40.10 -59.83
C GLU A 149 8.15 39.47 -59.66
N ARG A 150 8.93 39.47 -60.73
CA ARG A 150 10.27 38.91 -60.72
C ARG A 150 11.22 39.74 -59.85
N ALA A 151 11.07 41.06 -59.91
CA ALA A 151 11.91 41.99 -59.15
C ALA A 151 11.67 41.89 -57.65
N PHE A 152 10.39 41.85 -57.28
CA PHE A 152 9.95 41.73 -55.89
C PHE A 152 10.42 40.42 -55.28
N ASP A 153 10.23 39.32 -56.02
CA ASP A 153 10.69 38.00 -55.60
C ASP A 153 12.22 37.92 -55.48
N ALA A 154 12.91 38.58 -56.41
CA ALA A 154 14.38 38.60 -56.41
C ALA A 154 14.91 39.38 -55.22
N ALA A 155 14.26 40.51 -54.91
CA ALA A 155 14.64 41.34 -53.76
C ALA A 155 14.43 40.54 -52.47
N ALA A 156 13.31 39.82 -52.40
CA ALA A 156 13.02 38.95 -51.26
C ALA A 156 14.10 37.86 -51.10
N GLU A 157 14.52 37.28 -52.23
CA GLU A 157 15.60 36.28 -52.27
C GLU A 157 16.94 36.81 -51.75
N ALA A 158 17.30 38.03 -52.15
CA ALA A 158 18.58 38.63 -51.75
C ALA A 158 18.62 38.90 -50.25
N LEU A 159 17.54 39.47 -49.72
CA LEU A 159 17.43 39.74 -48.30
C LEU A 159 17.47 38.46 -47.45
N ALA A 160 16.81 37.41 -47.93
CA ALA A 160 16.83 36.10 -47.27
C ALA A 160 18.24 35.51 -47.24
N ALA A 161 18.95 35.64 -48.35
CA ALA A 161 20.34 35.17 -48.45
C ALA A 161 21.26 35.94 -47.50
N TYR A 162 21.07 37.27 -47.45
CA TYR A 162 21.85 38.12 -46.56
C TYR A 162 21.64 37.72 -45.10
N GLN A 163 20.38 37.49 -44.72
CA GLN A 163 20.04 37.04 -43.36
C GLN A 163 20.60 35.67 -42.98
N ALA A 164 21.03 34.90 -43.99
CA ALA A 164 21.57 33.56 -43.79
C ALA A 164 23.10 33.49 -43.67
N THR A 165 23.76 34.64 -43.76
CA THR A 165 25.21 34.71 -43.62
C THR A 165 25.66 34.61 -42.16
N GLY A 166 26.94 34.33 -41.96
CA GLY A 166 27.54 34.23 -40.64
C GLY A 166 27.37 35.43 -39.74
N GLU A 167 27.20 36.63 -40.33
CA GLU A 167 27.04 37.86 -39.56
C GLU A 167 25.76 37.89 -38.72
N PHE A 168 24.68 37.30 -39.23
CA PHE A 168 23.42 37.25 -38.49
C PHE A 168 23.42 36.14 -37.43
N SER A 169 24.28 35.15 -37.61
CA SER A 169 24.35 33.98 -36.71
C SER A 169 25.81 33.57 -36.46
N PRO A 170 26.57 34.38 -35.69
CA PRO A 170 28.01 34.10 -35.53
C PRO A 170 28.36 32.97 -34.55
N PHE A 171 27.46 32.63 -33.63
CA PHE A 171 27.74 31.63 -32.59
C PHE A 171 29.04 31.93 -31.83
N ASP A 172 29.20 33.18 -31.39
CA ASP A 172 30.40 33.61 -30.67
C ASP A 172 30.08 34.18 -29.28
N SER A 173 28.91 33.84 -28.77
CA SER A 173 28.50 34.22 -27.43
C SER A 173 29.36 33.46 -26.42
N LYS A 174 29.40 33.97 -25.18
CA LYS A 174 30.11 33.28 -24.11
C LYS A 174 29.64 31.82 -23.99
N TYR A 175 28.34 31.59 -24.16
CA TYR A 175 27.78 30.24 -24.15
C TYR A 175 28.49 29.34 -25.16
N ASP A 176 28.63 29.82 -26.39
CA ASP A 176 29.24 29.04 -27.48
C ASP A 176 30.70 28.75 -27.18
N ARG A 177 31.37 29.71 -26.56
CA ARG A 177 32.77 29.58 -26.18
C ARG A 177 32.94 28.53 -25.08
N VAL A 178 32.03 28.55 -24.10
CA VAL A 178 32.05 27.56 -23.02
C VAL A 178 31.77 26.13 -23.52
N MET A 179 30.90 25.99 -24.52
CA MET A 179 30.61 24.68 -25.12
C MET A 179 31.76 24.15 -25.97
N ARG A 180 32.63 25.04 -26.43
CA ARG A 180 33.82 24.67 -27.19
C ARG A 180 34.99 24.39 -26.24
N GLY A 181 34.73 24.48 -24.94
CA GLY A 181 35.74 24.28 -23.91
C GLY A 181 36.76 25.42 -23.85
N GLU A 182 36.41 26.55 -24.47
CA GLU A 182 37.32 27.68 -24.59
C GLU A 182 37.39 28.54 -23.33
N GLU A 183 36.30 28.52 -22.56
CA GLU A 183 36.30 29.11 -21.22
C GLU A 183 35.23 28.45 -20.33
N LYS A 184 35.06 28.99 -19.13
CA LYS A 184 34.13 28.41 -18.16
C LYS A 184 33.05 29.43 -17.80
N PHE A 185 31.86 28.94 -17.46
CA PHE A 185 30.85 29.75 -16.80
C PHE A 185 31.38 30.17 -15.43
N THR A 186 30.95 31.33 -14.95
CA THR A 186 31.14 31.68 -13.54
C THR A 186 30.20 30.81 -12.69
N PRO A 187 30.42 30.75 -11.35
CA PRO A 187 29.49 30.01 -10.51
C PRO A 187 28.02 30.38 -10.75
N LEU A 188 27.71 31.68 -10.79
CA LEU A 188 26.33 32.14 -11.00
C LEU A 188 25.78 31.70 -12.36
N GLU A 189 26.62 31.81 -13.39
CA GLU A 189 26.28 31.40 -14.76
C GLU A 189 25.99 29.90 -14.87
N GLU A 190 26.81 29.07 -14.23
CA GLU A 190 26.60 27.62 -14.29
C GLU A 190 25.29 27.21 -13.61
N PHE A 191 25.02 27.80 -12.45
CA PHE A 191 23.74 27.64 -11.74
C PHE A 191 22.56 27.99 -12.66
N GLY A 192 22.67 29.12 -13.36
CA GLY A 192 21.64 29.56 -14.30
C GLY A 192 21.40 28.58 -15.43
N TYR A 193 22.48 28.09 -16.02
CA TYR A 193 22.44 27.05 -17.06
C TYR A 193 21.76 25.79 -16.53
N THR A 194 22.17 25.35 -15.34
CA THR A 194 21.63 24.17 -14.70
C THR A 194 20.14 24.31 -14.39
N VAL A 195 19.74 25.48 -13.88
CA VAL A 195 18.33 25.77 -13.64
C VAL A 195 17.55 25.69 -14.95
N PHE A 196 18.06 26.36 -15.97
CA PHE A 196 17.46 26.36 -17.30
C PHE A 196 17.17 24.95 -17.86
N ILE A 197 18.17 24.05 -17.81
CA ILE A 197 18.01 22.71 -18.40
C ILE A 197 17.18 21.73 -17.55
N THR A 198 17.03 22.04 -16.27
CA THR A 198 16.32 21.15 -15.35
C THR A 198 14.92 21.65 -15.00
N TRP A 199 14.68 22.94 -15.19
CA TRP A 199 13.35 23.51 -14.98
C TRP A 199 12.57 23.50 -16.29
N ASN A 200 11.34 24.00 -16.27
CA ASN A 200 10.47 23.94 -17.45
C ASN A 200 10.97 24.63 -18.75
N CYS A 201 11.88 25.60 -18.60
CA CYS A 201 12.42 26.38 -19.73
C CYS A 201 12.84 25.55 -20.95
N ARG A 202 13.53 24.45 -20.69
CA ARG A 202 14.13 23.66 -21.77
C ARG A 202 13.10 22.87 -22.57
N LEU A 203 11.88 22.75 -22.04
CA LEU A 203 10.78 22.08 -22.72
C LEU A 203 10.32 22.87 -23.95
N CYS A 204 10.70 24.14 -24.00
CA CYS A 204 10.36 25.01 -25.13
C CYS A 204 11.55 25.75 -25.72
N HIS A 205 12.48 26.18 -24.86
CA HIS A 205 13.64 26.95 -25.32
C HIS A 205 14.89 26.09 -25.55
N MET A 206 14.70 24.90 -26.08
CA MET A 206 15.79 24.05 -26.58
C MET A 206 15.33 23.42 -27.88
N GLN A 207 16.23 23.37 -28.86
CA GLN A 207 15.91 22.83 -30.18
C GLN A 207 15.32 21.41 -30.14
N ARG A 208 15.98 20.53 -29.41
CA ARG A 208 15.60 19.12 -29.39
C ARG A 208 15.04 18.74 -28.03
N LYS A 209 14.27 17.66 -28.00
CA LYS A 209 13.76 17.10 -26.76
C LYS A 209 14.91 16.50 -25.97
N GLN A 210 15.76 15.76 -26.67
CA GLN A 210 16.93 15.11 -26.09
C GLN A 210 18.09 15.11 -27.10
N GLY A 211 19.28 14.79 -26.62
CA GLY A 211 20.49 14.86 -27.44
C GLY A 211 21.08 16.26 -27.47
N VAL A 212 22.10 16.44 -28.30
CA VAL A 212 22.82 17.71 -28.38
C VAL A 212 22.59 18.34 -29.75
N ALA A 213 22.18 19.60 -29.76
CA ALA A 213 22.01 20.35 -31.00
C ALA A 213 23.36 20.87 -31.49
N GLU A 214 23.57 20.79 -32.81
CA GLU A 214 24.81 21.26 -33.41
C GLU A 214 24.89 22.79 -33.41
N ARG A 215 23.75 23.44 -33.63
CA ARG A 215 23.68 24.89 -33.66
C ARG A 215 22.46 25.37 -32.86
N GLU A 216 22.56 25.27 -31.54
CA GLU A 216 21.45 25.60 -30.64
C GLU A 216 21.04 27.05 -30.72
N THR A 217 19.75 27.31 -30.89
CA THR A 217 19.25 28.69 -30.82
C THR A 217 18.21 28.93 -29.70
N PHE A 218 18.04 27.93 -28.84
CA PHE A 218 17.22 28.07 -27.62
C PHE A 218 15.76 28.36 -27.92
N THR A 219 15.25 27.59 -28.88
CA THR A 219 13.83 27.55 -29.26
C THR A 219 13.56 26.23 -29.98
N ASN A 220 12.43 25.61 -29.68
CA ASN A 220 12.00 24.42 -30.41
C ASN A 220 11.14 24.73 -31.65
N PHE A 221 11.03 26.03 -31.98
CA PHE A 221 10.24 26.52 -33.13
C PHE A 221 8.73 26.22 -33.03
N GLU A 222 8.26 25.84 -31.85
CA GLU A 222 6.86 25.48 -31.66
C GLU A 222 6.00 26.69 -31.34
N TYR A 223 4.71 26.47 -31.20
CA TYR A 223 3.76 27.55 -30.94
C TYR A 223 3.04 27.34 -29.62
N HIS A 224 3.13 28.34 -28.75
CA HIS A 224 2.55 28.24 -27.41
C HIS A 224 1.87 29.53 -26.95
N ASN A 225 0.73 29.35 -26.28
CA ASN A 225 0.08 30.41 -25.54
C ASN A 225 0.53 30.36 -24.08
N ILE A 226 1.34 31.34 -23.68
CA ILE A 226 1.78 31.43 -22.28
C ILE A 226 0.93 32.39 -21.42
N GLY A 227 -0.18 32.86 -21.98
CA GLY A 227 -1.21 33.56 -21.19
C GLY A 227 -0.91 35.01 -20.86
N LEU A 228 -0.19 35.68 -21.75
CA LEU A 228 0.15 37.09 -21.57
C LEU A 228 -1.07 37.99 -21.71
N PRO A 229 -1.12 39.08 -20.89
CA PRO A 229 -2.19 40.05 -21.04
C PRO A 229 -1.92 41.00 -22.20
N VAL A 230 -2.94 41.76 -22.57
CA VAL A 230 -2.81 42.82 -23.57
C VAL A 230 -1.79 43.85 -23.08
N ASN A 231 -0.97 44.37 -23.99
CA ASN A 231 -0.16 45.54 -23.70
C ASN A 231 -1.00 46.77 -23.99
N GLU A 232 -1.46 47.43 -22.92
CA GLU A 232 -2.47 48.50 -23.02
C GLU A 232 -2.05 49.68 -23.89
N THR A 233 -0.89 50.27 -23.63
CA THR A 233 -0.43 51.42 -24.40
C THR A 233 -0.09 51.05 -25.84
N ALA A 234 0.57 49.91 -26.04
CA ALA A 234 0.89 49.44 -27.39
C ALA A 234 -0.37 49.16 -28.20
N ARG A 235 -1.35 48.49 -27.60
CA ARG A 235 -2.63 48.22 -28.26
C ARG A 235 -3.31 49.53 -28.64
N GLU A 236 -3.25 50.52 -27.76
CA GLU A 236 -3.78 51.85 -28.03
C GLU A 236 -3.07 52.50 -29.22
N ALA A 237 -1.74 52.47 -29.19
CA ALA A 237 -0.90 53.03 -30.26
C ALA A 237 -1.12 52.33 -31.60
N SER A 238 -1.41 51.03 -31.55
CA SER A 238 -1.59 50.22 -32.77
C SER A 238 -2.75 50.70 -33.62
N GLY A 239 -3.75 51.31 -32.97
CA GLY A 239 -4.94 51.81 -33.64
C GLY A 239 -5.93 50.72 -34.03
N LEU A 240 -5.66 49.49 -33.59
CA LEU A 240 -6.48 48.32 -33.96
C LEU A 240 -7.80 48.24 -33.21
N GLY A 241 -7.95 49.06 -32.17
CA GLY A 241 -9.18 49.11 -31.38
C GLY A 241 -9.08 48.25 -30.13
N ALA A 242 -9.80 48.66 -29.08
CA ALA A 242 -9.82 47.94 -27.81
C ALA A 242 -10.68 46.66 -27.85
N ASP A 243 -11.43 46.49 -28.93
CA ASP A 243 -12.17 45.25 -29.18
C ASP A 243 -11.33 44.19 -29.93
N HIS A 244 -10.13 44.56 -30.35
CA HIS A 244 -9.25 43.65 -31.10
C HIS A 244 -8.65 42.58 -30.20
N VAL A 245 -8.52 41.38 -30.75
CA VAL A 245 -7.86 40.27 -30.08
C VAL A 245 -6.78 39.71 -31.00
N ASP A 246 -5.55 39.67 -30.50
CA ASP A 246 -4.47 39.03 -31.24
C ASP A 246 -4.59 37.52 -31.02
N HIS A 247 -4.98 36.81 -32.07
CA HIS A 247 -5.21 35.38 -31.99
C HIS A 247 -3.98 34.55 -32.34
N GLY A 248 -2.84 35.21 -32.54
CA GLY A 248 -1.59 34.53 -32.81
C GLY A 248 -1.66 33.62 -34.02
N LEU A 249 -1.19 32.38 -33.88
CA LEU A 249 -1.09 31.43 -34.99
C LEU A 249 -2.39 31.24 -35.78
N LEU A 250 -3.54 31.31 -35.10
CA LEU A 250 -4.84 31.20 -35.76
C LEU A 250 -5.02 32.23 -36.89
N ALA A 251 -4.29 33.34 -36.80
CA ALA A 251 -4.32 34.38 -37.83
C ALA A 251 -3.68 33.96 -39.17
N ARG A 252 -2.80 32.96 -39.14
CA ARG A 252 -2.17 32.44 -40.37
C ARG A 252 -3.20 31.84 -41.32
N PRO A 253 -3.22 32.30 -42.59
CA PRO A 253 -4.12 31.72 -43.59
C PRO A 253 -3.91 30.22 -43.70
N GLY A 254 -5.02 29.46 -43.64
CA GLY A 254 -4.94 28.02 -43.68
C GLY A 254 -5.05 27.36 -42.31
N ILE A 255 -4.71 28.11 -41.25
CA ILE A 255 -4.88 27.60 -39.90
C ILE A 255 -6.33 27.82 -39.46
N GLU A 256 -7.03 26.74 -39.15
CA GLU A 256 -8.45 26.83 -38.81
C GLU A 256 -8.73 26.21 -37.44
N ASP A 257 -7.78 25.39 -37.00
CA ASP A 257 -7.85 24.68 -35.73
C ASP A 257 -7.92 25.65 -34.54
N PRO A 258 -9.07 25.69 -33.83
CA PRO A 258 -9.30 26.62 -32.71
C PRO A 258 -8.31 26.43 -31.56
N ALA A 259 -7.70 25.25 -31.48
CA ALA A 259 -6.68 24.98 -30.46
C ALA A 259 -5.39 25.81 -30.65
N GLN A 260 -5.25 26.46 -31.81
CA GLN A 260 -4.07 27.29 -32.10
C GLN A 260 -4.26 28.77 -31.74
N SER A 261 -5.50 29.15 -31.39
CA SER A 261 -5.80 30.53 -31.02
C SER A 261 -4.98 30.97 -29.81
N GLY A 262 -4.31 32.11 -29.93
CA GLY A 262 -3.51 32.70 -28.83
C GLY A 262 -2.09 32.19 -28.70
N ARG A 263 -1.69 31.25 -29.57
CA ARG A 263 -0.34 30.68 -29.54
C ARG A 263 0.60 31.50 -30.40
N PHE A 264 1.83 31.66 -29.93
CA PHE A 264 2.85 32.42 -30.65
C PHE A 264 4.13 31.59 -30.74
N LYS A 265 4.99 31.92 -31.69
CA LYS A 265 6.24 31.18 -31.92
C LYS A 265 7.20 31.40 -30.76
N VAL A 266 7.75 30.30 -30.24
CA VAL A 266 8.80 30.36 -29.22
C VAL A 266 10.00 31.15 -29.75
N PRO A 267 10.30 32.31 -29.16
CA PRO A 267 11.46 33.06 -29.64
C PRO A 267 12.77 32.38 -29.27
N SER A 268 13.79 32.58 -30.11
CA SER A 268 15.16 32.25 -29.75
C SER A 268 15.61 33.21 -28.65
N LEU A 269 16.29 32.67 -27.64
CA LEU A 269 16.75 33.48 -26.51
C LEU A 269 18.16 34.06 -26.68
N ARG A 270 18.77 33.82 -27.84
CA ARG A 270 20.04 34.45 -28.15
C ARG A 270 19.87 35.96 -28.24
N ASN A 271 20.79 36.69 -27.61
CA ASN A 271 20.76 38.15 -27.52
C ASN A 271 19.61 38.71 -26.68
N VAL A 272 18.89 37.84 -25.98
CA VAL A 272 17.71 38.25 -25.21
C VAL A 272 18.01 39.39 -24.24
N ALA A 273 19.21 39.41 -23.68
CA ALA A 273 19.60 40.43 -22.71
C ALA A 273 19.60 41.86 -23.27
N VAL A 274 19.70 41.99 -24.59
CA VAL A 274 19.79 43.30 -25.23
C VAL A 274 18.65 43.64 -26.20
N THR A 275 17.60 42.82 -26.20
CA THR A 275 16.48 43.02 -27.13
C THR A 275 15.16 43.27 -26.42
N GLY A 276 15.23 43.82 -25.21
CA GLY A 276 14.03 44.27 -24.50
C GLY A 276 13.36 45.38 -25.28
N PRO A 277 12.04 45.60 -25.07
CA PRO A 277 11.16 44.89 -24.14
C PRO A 277 10.73 43.51 -24.66
N TYR A 278 9.99 42.76 -23.85
CA TYR A 278 9.85 41.34 -24.08
C TYR A 278 8.45 40.85 -24.43
N MET A 279 8.41 39.68 -25.07
CA MET A 279 7.18 39.03 -25.54
C MET A 279 6.67 39.67 -26.83
N HIS A 280 5.69 39.02 -27.46
CA HIS A 280 5.16 39.43 -28.77
C HIS A 280 4.64 40.86 -28.83
N ASN A 281 4.24 41.39 -27.68
CA ASN A 281 3.71 42.76 -27.59
C ASN A 281 4.56 43.70 -26.74
N GLY A 282 5.79 43.29 -26.44
CA GLY A 282 6.75 44.09 -25.68
C GLY A 282 6.26 44.63 -24.34
N VAL A 283 5.38 43.87 -23.68
CA VAL A 283 4.74 44.33 -22.44
C VAL A 283 5.74 44.52 -21.29
N PHE A 284 6.74 43.65 -21.21
CA PHE A 284 7.74 43.72 -20.13
C PHE A 284 9.03 44.38 -20.61
N THR A 285 9.44 45.44 -19.94
CA THR A 285 10.67 46.16 -20.29
C THR A 285 11.93 45.41 -19.81
N ASP A 286 11.82 44.76 -18.66
CA ASP A 286 12.97 44.13 -18.01
C ASP A 286 13.00 42.62 -18.25
N LEU A 287 14.21 42.07 -18.40
CA LEU A 287 14.41 40.63 -18.60
C LEU A 287 13.97 39.83 -17.38
N ARG A 288 14.34 40.33 -16.19
CA ARG A 288 13.92 39.73 -14.94
C ARG A 288 12.38 39.61 -14.85
N THR A 289 11.67 40.66 -15.27
CA THR A 289 10.20 40.64 -15.30
C THR A 289 9.67 39.49 -16.14
N ALA A 290 10.26 39.28 -17.32
CA ALA A 290 9.88 38.18 -18.21
C ALA A 290 10.05 36.82 -17.53
N ILE A 291 11.21 36.59 -16.90
CA ILE A 291 11.45 35.39 -16.09
C ILE A 291 10.40 35.27 -14.98
N LEU A 292 10.16 36.36 -14.25
CA LEU A 292 9.20 36.37 -13.14
C LEU A 292 7.76 36.07 -13.54
N PHE A 293 7.41 36.34 -14.80
CA PHE A 293 6.07 36.03 -15.30
C PHE A 293 5.72 34.54 -15.18
N TYR A 294 6.72 33.69 -15.39
CA TYR A 294 6.53 32.24 -15.31
C TYR A 294 6.23 31.74 -13.91
N ASN A 295 6.67 32.49 -12.90
CA ASN A 295 6.32 32.19 -11.52
C ASN A 295 4.83 32.26 -11.21
N LYS A 296 4.07 33.01 -12.01
CA LYS A 296 2.66 33.24 -11.73
C LYS A 296 1.84 31.94 -11.78
N TYR A 297 2.37 30.93 -12.45
CA TYR A 297 1.72 29.64 -12.60
C TYR A 297 2.21 28.62 -11.58
N THR A 298 3.26 28.97 -10.84
CA THR A 298 3.93 28.00 -9.95
C THR A 298 3.95 28.46 -8.48
N SER A 299 4.22 29.74 -8.26
CA SER A 299 4.35 30.30 -6.93
C SER A 299 3.00 30.54 -6.24
N ARG A 300 2.96 30.32 -4.93
CA ARG A 300 1.78 30.62 -4.13
C ARG A 300 1.88 31.94 -3.37
N ARG A 301 3.05 32.57 -3.43
CA ARG A 301 3.28 33.87 -2.79
C ARG A 301 2.45 34.98 -3.46
N PRO A 302 1.84 35.87 -2.64
CA PRO A 302 1.05 36.98 -3.18
C PRO A 302 1.81 37.86 -4.19
N GLU A 303 3.12 38.01 -4.00
CA GLU A 303 3.96 38.82 -4.90
C GLU A 303 4.02 38.29 -6.35
N ALA A 304 3.76 37.01 -6.51
CA ALA A 304 3.81 36.35 -7.82
C ALA A 304 2.68 36.77 -8.75
N LYS A 305 1.57 37.21 -8.17
CA LYS A 305 0.42 37.70 -8.93
C LYS A 305 0.66 39.12 -9.41
N ILE A 306 1.77 39.72 -8.96
CA ILE A 306 2.04 41.13 -9.18
C ILE A 306 3.16 41.36 -10.19
N ASN A 307 2.88 42.18 -11.19
CA ASN A 307 3.89 42.66 -12.13
C ASN A 307 4.73 43.72 -11.43
N PRO A 308 6.03 43.44 -11.21
CA PRO A 308 6.91 44.36 -10.46
C PRO A 308 7.10 45.71 -11.14
N GLU A 309 6.88 45.76 -12.45
CA GLU A 309 7.01 47.00 -13.23
C GLU A 309 5.83 47.97 -13.01
N THR A 310 4.67 47.41 -12.62
CA THR A 310 3.44 48.19 -12.42
C THR A 310 3.00 48.21 -10.96
N GLY A 311 3.28 47.13 -10.23
CA GLY A 311 2.83 46.95 -8.86
C GLY A 311 1.37 46.52 -8.79
N ALA A 312 0.80 46.22 -9.96
CA ALA A 312 -0.59 45.76 -10.07
C ALA A 312 -0.61 44.33 -10.63
N PRO A 313 -1.76 43.62 -10.48
CA PRO A 313 -1.85 42.27 -11.04
C PRO A 313 -1.47 42.24 -12.52
N TRP A 314 -0.85 41.14 -12.96
CA TRP A 314 -0.36 41.00 -14.34
C TRP A 314 -1.43 41.37 -15.35
N GLY A 315 -2.64 40.89 -15.11
CA GLY A 315 -3.76 41.07 -16.01
C GLY A 315 -4.20 39.74 -16.58
N GLU A 316 -5.50 39.63 -16.89
CA GLU A 316 -6.06 38.42 -17.49
C GLU A 316 -5.45 38.18 -18.88
N PRO A 317 -5.37 36.90 -19.30
CA PRO A 317 -4.82 36.62 -20.63
C PRO A 317 -5.69 37.24 -21.72
N GLU A 318 -5.03 37.71 -22.79
CA GLU A 318 -5.73 38.21 -23.98
C GLU A 318 -6.62 37.10 -24.55
N VAL A 319 -6.08 35.88 -24.55
CA VAL A 319 -6.78 34.70 -25.04
C VAL A 319 -6.78 33.65 -23.92
N ALA A 320 -7.94 33.43 -23.31
CA ALA A 320 -8.05 32.57 -22.12
C ALA A 320 -8.34 31.09 -22.46
N ARG A 321 -7.62 30.57 -23.44
CA ARG A 321 -7.72 29.15 -23.81
C ARG A 321 -6.44 28.71 -24.52
N ASN A 322 -6.26 27.39 -24.63
CA ASN A 322 -5.08 26.80 -25.27
C ASN A 322 -3.75 27.13 -24.58
N LEU A 323 -3.85 27.51 -23.30
CA LEU A 323 -2.69 27.81 -22.47
C LEU A 323 -1.86 26.55 -22.30
N SER A 324 -0.54 26.69 -22.35
CA SER A 324 0.36 25.55 -22.19
C SER A 324 0.54 25.19 -20.71
N LEU A 325 -0.56 24.81 -20.06
CA LEU A 325 -0.56 24.59 -18.61
C LEU A 325 0.28 23.40 -18.15
N ALA A 326 0.34 22.34 -18.96
CA ALA A 326 1.14 21.16 -18.65
C ALA A 326 2.62 21.51 -18.47
N GLU A 327 3.12 22.38 -19.35
CA GLU A 327 4.51 22.83 -19.32
C GLU A 327 4.72 23.91 -18.26
N LEU A 328 3.78 24.85 -18.17
CA LEU A 328 3.89 26.00 -17.28
C LEU A 328 3.67 25.69 -15.79
N GLN A 329 2.77 24.75 -15.50
CA GLN A 329 2.47 24.40 -14.11
C GLN A 329 3.39 23.27 -13.63
N SER A 330 4.67 23.63 -13.47
CA SER A 330 5.74 22.71 -13.12
C SER A 330 5.75 22.27 -11.65
N GLY A 331 5.12 23.08 -10.80
CA GLY A 331 5.09 22.82 -9.37
C GLY A 331 6.28 23.38 -8.60
N LEU A 332 7.15 24.11 -9.28
CA LEU A 332 8.31 24.70 -8.61
C LEU A 332 8.46 26.19 -8.93
N MET A 333 8.54 26.98 -7.87
CA MET A 333 8.72 28.43 -7.94
C MET A 333 10.21 28.77 -7.98
N LEU A 334 10.58 29.72 -8.85
CA LEU A 334 11.91 30.29 -8.88
C LEU A 334 12.08 31.36 -7.78
N ASP A 335 12.97 31.10 -6.83
CA ASP A 335 13.33 32.11 -5.83
C ASP A 335 14.21 33.18 -6.50
N ASP A 336 14.49 34.25 -5.77
CA ASP A 336 15.26 35.36 -6.31
C ASP A 336 16.65 34.96 -6.79
N GLY A 337 17.32 34.10 -6.02
CA GLY A 337 18.64 33.57 -6.38
C GLY A 337 18.64 32.85 -7.71
N ARG A 338 17.61 32.03 -7.95
CA ARG A 338 17.48 31.32 -9.23
C ARG A 338 17.11 32.27 -10.39
N VAL A 339 16.40 33.34 -10.07
CA VAL A 339 16.07 34.37 -11.06
C VAL A 339 17.37 35.08 -11.46
N ASP A 340 18.14 35.53 -10.46
CA ASP A 340 19.49 36.05 -10.67
C ASP A 340 20.34 35.12 -11.54
N ALA A 341 20.28 33.83 -11.22
CA ALA A 341 21.04 32.81 -11.94
C ALA A 341 20.60 32.74 -13.40
N LEU A 342 19.28 32.71 -13.63
CA LEU A 342 18.75 32.66 -14.99
C LEU A 342 19.12 33.89 -15.80
N VAL A 343 19.03 35.07 -15.18
CA VAL A 343 19.43 36.31 -15.83
C VAL A 343 20.89 36.20 -16.28
N ALA A 344 21.75 35.78 -15.36
CA ALA A 344 23.18 35.65 -15.62
C ALA A 344 23.49 34.66 -16.75
N PHE A 345 22.77 33.55 -16.78
CA PHE A 345 22.89 32.59 -17.88
C PHE A 345 22.43 33.19 -19.21
N LEU A 346 21.23 33.77 -19.23
CA LEU A 346 20.68 34.33 -20.47
C LEU A 346 21.57 35.43 -21.05
N GLU A 347 22.29 36.13 -20.17
CA GLU A 347 23.29 37.11 -20.57
C GLU A 347 24.47 36.48 -21.34
N THR A 348 24.76 35.21 -21.09
CA THR A 348 25.85 34.52 -21.83
C THR A 348 25.45 34.17 -23.25
N LEU A 349 24.17 34.35 -23.59
CA LEU A 349 23.68 34.11 -24.93
C LEU A 349 23.81 35.35 -25.83
N THR A 350 24.44 36.39 -25.30
CA THR A 350 24.70 37.63 -26.06
C THR A 350 25.88 37.44 -27.02
N ASP A 351 25.70 37.77 -28.29
CA ASP A 351 26.79 37.70 -29.27
C ASP A 351 27.96 38.58 -28.84
N ARG A 352 29.17 38.17 -29.22
CA ARG A 352 30.39 38.91 -28.88
C ARG A 352 30.23 40.42 -29.11
N ARG A 353 29.81 40.79 -30.32
CA ARG A 353 29.70 42.22 -30.69
C ARG A 353 28.69 43.03 -29.87
N TYR A 354 27.81 42.34 -29.14
CA TYR A 354 26.81 43.04 -28.32
C TYR A 354 27.10 43.03 -26.81
N GLU A 355 28.23 42.45 -26.43
CA GLU A 355 28.68 42.43 -25.04
C GLU A 355 28.87 43.83 -24.43
N PRO A 356 29.38 44.82 -25.21
CA PRO A 356 29.42 46.19 -24.68
C PRO A 356 28.03 46.78 -24.36
N LEU A 357 26.99 46.28 -25.03
CA LEU A 357 25.61 46.71 -24.78
C LEU A 357 25.05 46.20 -23.45
N LEU A 358 25.75 45.21 -22.87
CA LEU A 358 25.31 44.58 -21.63
C LEU A 358 25.35 45.53 -20.42
N GLU A 359 25.86 46.75 -20.63
CA GLU A 359 25.79 47.82 -19.64
C GLU A 359 25.02 49.02 -20.19
N ALA B 6 -18.76 -41.43 55.73
CA ALA B 6 -18.73 -39.94 55.73
C ALA B 6 -19.11 -39.34 54.37
N ASP B 7 -18.26 -39.55 53.38
CA ASP B 7 -18.50 -39.01 52.03
C ASP B 7 -19.69 -39.69 51.33
N ASP B 8 -19.71 -41.02 51.37
CA ASP B 8 -20.85 -41.79 50.88
C ASP B 8 -22.12 -41.47 51.69
N ALA B 9 -21.98 -41.40 53.01
CA ALA B 9 -23.10 -41.19 53.93
C ALA B 9 -23.74 -39.81 53.79
N LEU B 10 -22.92 -38.78 53.66
CA LEU B 10 -23.43 -37.42 53.47
C LEU B 10 -24.26 -37.34 52.19
N ALA B 11 -23.72 -37.91 51.11
CA ALA B 11 -24.42 -38.00 49.83
C ALA B 11 -25.71 -38.83 49.92
N ALA B 12 -25.67 -39.94 50.65
CA ALA B 12 -26.84 -40.81 50.84
C ALA B 12 -27.98 -40.06 51.53
N LEU B 13 -27.64 -39.27 52.54
CA LEU B 13 -28.63 -38.42 53.22
C LEU B 13 -29.24 -37.46 52.19
N GLY B 14 -28.36 -36.83 51.40
CA GLY B 14 -28.77 -35.97 50.29
C GLY B 14 -29.73 -36.62 49.30
N ALA B 15 -29.45 -37.88 48.95
CA ALA B 15 -30.34 -38.65 48.06
C ALA B 15 -31.76 -38.77 48.59
N GLN B 16 -31.89 -38.92 49.91
CA GLN B 16 -33.20 -39.07 50.55
C GLN B 16 -33.96 -37.75 50.54
N LEU B 17 -33.27 -36.68 50.93
CA LEU B 17 -33.82 -35.33 50.94
C LEU B 17 -34.27 -34.88 49.55
N PHE B 18 -33.52 -35.29 48.53
CA PHE B 18 -33.77 -34.90 47.15
C PHE B 18 -35.15 -35.30 46.64
N VAL B 19 -35.61 -36.49 47.03
CA VAL B 19 -36.91 -37.01 46.58
C VAL B 19 -38.01 -36.89 47.64
N ASP B 20 -37.73 -36.15 48.70
CA ASP B 20 -38.67 -36.03 49.82
C ASP B 20 -39.57 -34.80 49.70
N PRO B 21 -40.87 -35.02 49.43
CA PRO B 21 -41.84 -33.93 49.32
C PRO B 21 -42.08 -33.21 50.66
N ALA B 22 -41.57 -33.77 51.75
CA ALA B 22 -41.82 -33.23 53.09
C ALA B 22 -41.11 -31.91 53.32
N LEU B 23 -40.31 -31.50 52.34
CA LEU B 23 -39.62 -30.22 52.42
C LEU B 23 -40.40 -29.11 51.73
N SER B 24 -41.65 -29.40 51.37
CA SER B 24 -42.56 -28.40 50.80
C SER B 24 -43.78 -28.19 51.68
N ARG B 25 -44.30 -26.96 51.71
CA ARG B 25 -45.38 -26.56 52.62
C ARG B 25 -46.55 -27.56 52.65
N ASN B 26 -47.09 -27.87 51.48
CA ASN B 26 -48.24 -28.75 51.36
C ASN B 26 -47.86 -30.19 51.04
N ALA B 27 -46.56 -30.49 51.11
CA ALA B 27 -45.99 -31.84 50.90
C ALA B 27 -46.33 -32.47 49.54
N THR B 28 -46.42 -31.63 48.52
CA THR B 28 -46.71 -32.09 47.16
C THR B 28 -45.47 -32.14 46.27
N GLN B 29 -44.36 -31.59 46.78
CA GLN B 29 -43.22 -31.23 45.93
C GLN B 29 -41.84 -31.47 46.57
N SER B 30 -40.98 -32.19 45.86
CA SER B 30 -39.58 -32.35 46.25
C SER B 30 -38.67 -31.72 45.20
N CYS B 31 -37.35 -31.72 45.45
CA CYS B 31 -36.39 -31.30 44.43
C CYS B 31 -36.67 -32.03 43.11
N ALA B 32 -36.90 -33.34 43.20
CA ALA B 32 -37.07 -34.22 42.05
C ALA B 32 -38.35 -34.00 41.24
N THR B 33 -39.30 -33.26 41.78
CA THR B 33 -40.51 -32.89 41.06
C THR B 33 -40.17 -31.97 39.88
N CYS B 34 -39.40 -30.91 40.16
CA CYS B 34 -38.93 -30.00 39.13
C CYS B 34 -37.63 -30.44 38.51
N HIS B 35 -36.75 -31.07 39.28
CA HIS B 35 -35.48 -31.58 38.74
C HIS B 35 -35.55 -33.10 38.58
N ASP B 36 -36.32 -33.54 37.58
CA ASP B 36 -36.70 -34.94 37.44
C ASP B 36 -35.59 -35.78 36.81
N PRO B 37 -35.02 -36.74 37.55
CA PRO B 37 -33.94 -37.60 37.03
C PRO B 37 -34.28 -38.37 35.75
N ALA B 38 -35.58 -38.49 35.43
CA ALA B 38 -36.01 -39.14 34.19
C ALA B 38 -35.88 -38.19 32.99
N ARG B 39 -35.72 -36.89 33.26
CA ARG B 39 -35.57 -35.91 32.20
C ARG B 39 -34.36 -35.02 32.44
N ALA B 40 -33.23 -35.67 32.72
CA ALA B 40 -31.94 -35.01 32.97
C ALA B 40 -32.03 -33.93 34.03
N PHE B 41 -32.79 -34.23 35.10
CA PHE B 41 -33.00 -33.31 36.22
C PHE B 41 -33.63 -31.97 35.79
N THR B 42 -34.66 -32.06 34.95
CA THR B 42 -35.46 -30.90 34.54
C THR B 42 -36.94 -31.22 34.71
N ASP B 43 -37.80 -30.21 34.53
CA ASP B 43 -39.24 -30.33 34.81
C ASP B 43 -40.08 -30.71 33.59
N PRO B 44 -40.63 -31.94 33.57
CA PRO B 44 -41.44 -32.40 32.43
C PRO B 44 -42.88 -31.92 32.46
N ARG B 45 -43.30 -31.33 33.58
CA ARG B 45 -44.71 -30.98 33.79
C ARG B 45 -45.14 -29.76 32.97
N GLU B 46 -46.38 -29.77 32.49
CA GLU B 46 -46.94 -28.65 31.73
C GLU B 46 -47.68 -27.68 32.64
N GLY B 47 -47.29 -26.42 32.59
CA GLY B 47 -47.98 -25.34 33.31
C GLY B 47 -48.64 -24.38 32.32
N LYS B 48 -49.04 -23.21 32.82
CA LYS B 48 -49.70 -22.19 32.01
C LYS B 48 -48.85 -21.73 30.82
N ALA B 49 -47.53 -21.83 30.96
CA ALA B 49 -46.61 -21.45 29.88
C ALA B 49 -45.90 -22.66 29.26
N GLY B 50 -46.57 -23.83 29.29
CA GLY B 50 -45.99 -25.06 28.77
C GLY B 50 -44.90 -25.54 29.71
N LEU B 51 -43.77 -25.96 29.15
CA LEU B 51 -42.62 -26.41 29.94
C LEU B 51 -41.58 -25.30 30.19
N ALA B 52 -41.95 -24.06 29.87
CA ALA B 52 -41.04 -22.91 30.01
C ALA B 52 -40.66 -22.60 31.45
N VAL B 53 -41.64 -22.53 32.33
CA VAL B 53 -41.41 -22.26 33.76
C VAL B 53 -42.15 -23.29 34.63
N SER B 54 -41.73 -23.38 35.89
CA SER B 54 -42.21 -24.43 36.77
C SER B 54 -43.24 -23.95 37.78
N VAL B 55 -44.17 -24.84 38.12
CA VAL B 55 -45.24 -24.55 39.07
C VAL B 55 -44.83 -25.00 40.46
N GLY B 56 -44.99 -24.09 41.42
CA GLY B 56 -44.62 -24.37 42.81
C GLY B 56 -45.57 -25.29 43.56
N ASP B 57 -45.31 -25.41 44.86
CA ASP B 57 -46.05 -26.32 45.74
C ASP B 57 -47.53 -25.98 45.93
N ASP B 58 -47.89 -24.70 45.76
CA ASP B 58 -49.30 -24.27 45.90
C ASP B 58 -50.19 -24.66 44.71
N GLY B 59 -49.57 -25.23 43.67
CA GLY B 59 -50.28 -25.63 42.45
C GLY B 59 -50.70 -24.46 41.56
N GLN B 60 -50.32 -23.25 41.94
CA GLN B 60 -50.72 -22.03 41.23
C GLN B 60 -49.53 -21.20 40.76
N SER B 61 -48.62 -20.92 41.69
CA SER B 61 -47.51 -20.01 41.44
C SER B 61 -46.50 -20.55 40.43
N HIS B 62 -46.26 -19.75 39.39
CA HIS B 62 -45.27 -20.07 38.35
C HIS B 62 -44.07 -19.16 38.53
N GLY B 63 -42.87 -19.73 38.39
CA GLY B 63 -41.63 -18.95 38.37
C GLY B 63 -41.51 -18.17 37.07
N ASP B 64 -40.45 -17.38 36.94
CA ASP B 64 -40.22 -16.55 35.75
C ASP B 64 -39.01 -17.06 34.94
N ARG B 65 -38.34 -18.08 35.47
CA ARG B 65 -37.18 -18.67 34.83
C ARG B 65 -37.32 -20.18 34.63
N ASN B 66 -36.68 -20.68 33.58
CA ASN B 66 -36.69 -22.10 33.24
C ASN B 66 -35.87 -22.95 34.23
N THR B 67 -36.41 -24.10 34.61
CA THR B 67 -35.73 -25.02 35.50
C THR B 67 -34.54 -25.68 34.78
N PRO B 68 -33.30 -25.41 35.24
CA PRO B 68 -32.12 -25.95 34.59
C PRO B 68 -31.73 -27.32 35.13
N THR B 69 -30.98 -28.07 34.35
CA THR B 69 -30.43 -29.34 34.79
C THR B 69 -29.52 -29.17 36.01
N LEU B 70 -29.47 -30.20 36.83
CA LEU B 70 -28.53 -30.28 37.94
C LEU B 70 -27.32 -31.13 37.58
N GLY B 71 -27.42 -31.82 36.44
CA GLY B 71 -26.29 -32.56 35.88
C GLY B 71 -25.13 -31.62 35.63
N TYR B 72 -23.95 -32.02 36.11
CA TYR B 72 -22.69 -31.27 35.94
C TYR B 72 -22.61 -29.90 36.63
N ALA B 73 -23.66 -29.50 37.34
CA ALA B 73 -23.65 -28.25 38.12
C ALA B 73 -22.58 -28.28 39.20
N ALA B 74 -22.23 -29.48 39.66
CA ALA B 74 -21.14 -29.67 40.64
C ALA B 74 -19.76 -29.20 40.15
N LEU B 75 -19.60 -29.05 38.84
CA LEU B 75 -18.31 -28.68 38.27
C LEU B 75 -18.06 -27.16 38.27
N VAL B 76 -19.11 -26.40 38.56
CA VAL B 76 -19.04 -24.93 38.49
C VAL B 76 -18.32 -24.35 39.71
N PRO B 77 -17.29 -23.50 39.48
CA PRO B 77 -16.59 -22.87 40.60
C PRO B 77 -17.51 -21.97 41.42
N ALA B 78 -17.16 -21.73 42.68
CA ALA B 78 -17.89 -20.81 43.53
C ALA B 78 -17.83 -19.41 42.91
N PHE B 79 -18.89 -18.62 43.09
CA PHE B 79 -18.96 -17.29 42.50
C PHE B 79 -17.76 -16.42 42.87
N HIS B 80 -17.19 -15.75 41.87
CA HIS B 80 -16.03 -14.86 42.06
C HIS B 80 -15.84 -13.93 40.87
N ARG B 81 -15.03 -12.88 41.04
CA ARG B 81 -14.63 -12.03 39.93
C ARG B 81 -13.15 -12.27 39.63
N ASP B 82 -12.84 -12.60 38.38
CA ASP B 82 -11.44 -12.86 38.01
C ASP B 82 -10.68 -11.58 37.70
N ALA B 83 -9.36 -11.71 37.52
CA ALA B 83 -8.48 -10.57 37.25
C ALA B 83 -8.85 -9.77 36.01
N ASN B 84 -9.56 -10.41 35.08
CA ASN B 84 -10.02 -9.74 33.86
C ASN B 84 -11.28 -8.92 34.10
N GLY B 85 -11.72 -8.85 35.36
CA GLY B 85 -12.94 -8.15 35.73
C GLY B 85 -14.21 -8.91 35.33
N LYS B 86 -14.09 -10.21 35.07
CA LYS B 86 -15.24 -11.00 34.67
C LYS B 86 -15.75 -11.85 35.83
N TYR B 87 -17.03 -11.70 36.13
CA TYR B 87 -17.66 -12.56 37.12
C TYR B 87 -17.79 -13.97 36.56
N LYS B 88 -17.58 -14.95 37.44
CA LYS B 88 -17.60 -16.36 37.06
C LYS B 88 -18.17 -17.24 38.15
N GLY B 89 -18.85 -18.30 37.77
CA GLY B 89 -19.33 -19.29 38.71
C GLY B 89 -20.65 -18.94 39.40
N GLY B 90 -20.88 -19.56 40.55
CA GLY B 90 -22.14 -19.43 41.26
C GLY B 90 -23.23 -20.33 40.71
N GLN B 91 -24.42 -20.27 41.31
CA GLN B 91 -25.59 -21.03 40.85
C GLN B 91 -26.81 -20.11 40.67
N PHE B 92 -27.81 -20.64 39.95
CA PHE B 92 -28.93 -19.85 39.39
C PHE B 92 -28.49 -19.15 38.11
N TRP B 93 -29.47 -18.87 37.23
CA TRP B 93 -29.21 -18.18 35.96
C TRP B 93 -28.52 -16.82 36.17
N ASP B 94 -28.71 -16.21 37.35
CA ASP B 94 -28.12 -14.91 37.68
C ASP B 94 -26.96 -14.99 38.68
N GLY B 95 -26.50 -16.20 38.97
CA GLY B 95 -25.39 -16.42 39.90
C GLY B 95 -25.55 -15.86 41.31
N ARG B 96 -26.78 -15.68 41.76
CA ARG B 96 -27.04 -15.07 43.07
C ARG B 96 -26.72 -16.00 44.26
N ALA B 97 -26.57 -17.29 43.98
CA ALA B 97 -26.07 -18.24 44.97
C ALA B 97 -24.58 -18.43 44.74
N ASP B 98 -23.78 -18.38 45.82
CA ASP B 98 -22.32 -18.55 45.71
C ASP B 98 -21.93 -19.93 45.17
N ASP B 99 -22.64 -20.95 45.64
CA ASP B 99 -22.32 -22.34 45.31
C ASP B 99 -23.55 -23.22 45.53
N LEU B 100 -23.37 -24.54 45.42
CA LEU B 100 -24.46 -25.52 45.61
C LEU B 100 -25.06 -25.46 47.02
N LYS B 101 -24.21 -25.33 48.03
CA LYS B 101 -24.68 -25.28 49.41
C LYS B 101 -25.53 -24.05 49.68
N GLN B 102 -25.06 -22.89 49.25
CA GLN B 102 -25.81 -21.64 49.46
C GLN B 102 -27.12 -21.67 48.66
N GLN B 103 -27.15 -22.44 47.59
CA GLN B 103 -28.32 -22.52 46.71
C GLN B 103 -29.45 -23.36 47.33
N ALA B 104 -29.08 -24.53 47.86
CA ALA B 104 -30.05 -25.57 48.25
C ALA B 104 -31.21 -25.10 49.12
N GLY B 105 -30.94 -24.17 50.03
CA GLY B 105 -31.96 -23.69 50.95
C GLY B 105 -33.00 -22.77 50.35
N GLN B 106 -32.65 -22.13 49.24
CA GLN B 106 -33.49 -21.07 48.66
C GLN B 106 -34.84 -21.55 48.11
N PRO B 107 -34.86 -22.66 47.35
CA PRO B 107 -36.14 -23.23 46.89
C PRO B 107 -37.08 -23.64 48.03
N MET B 108 -36.49 -24.07 49.15
CA MET B 108 -37.26 -24.55 50.31
C MET B 108 -38.11 -23.44 50.91
N LEU B 109 -37.57 -22.23 50.89
CA LEU B 109 -38.21 -21.08 51.54
C LEU B 109 -38.96 -20.18 50.57
N ASN B 110 -38.83 -20.44 49.27
CA ASN B 110 -39.46 -19.59 48.25
C ASN B 110 -40.94 -19.91 48.08
N PRO B 111 -41.83 -18.93 48.36
CA PRO B 111 -43.28 -19.15 48.25
C PRO B 111 -43.80 -19.49 46.84
N VAL B 112 -43.06 -19.13 45.80
CA VAL B 112 -43.46 -19.53 44.44
C VAL B 112 -42.99 -20.96 44.12
N GLU B 113 -42.17 -21.51 45.01
CA GLU B 113 -41.67 -22.88 44.86
C GLU B 113 -42.14 -23.80 46.00
N MET B 114 -41.23 -24.25 46.87
CA MET B 114 -41.58 -25.20 47.92
C MET B 114 -42.35 -24.60 49.11
N ALA B 115 -42.18 -23.30 49.31
CA ALA B 115 -43.06 -22.46 50.17
C ALA B 115 -43.09 -22.73 51.69
N MET B 116 -42.03 -23.32 52.24
CA MET B 116 -41.90 -23.42 53.70
C MET B 116 -41.72 -22.00 54.25
N PRO B 117 -42.48 -21.64 55.31
CA PRO B 117 -42.46 -20.27 55.85
C PRO B 117 -41.12 -19.84 56.44
N ASP B 118 -40.37 -20.79 57.01
CA ASP B 118 -39.06 -20.51 57.63
C ASP B 118 -38.25 -21.78 57.94
N ARG B 119 -37.08 -21.58 58.55
CA ARG B 119 -36.15 -22.67 58.87
C ARG B 119 -36.68 -23.59 59.96
N ALA B 120 -37.30 -23.00 60.98
CA ALA B 120 -37.94 -23.77 62.05
C ALA B 120 -38.98 -24.76 61.52
N ALA B 121 -39.71 -24.35 60.48
CA ALA B 121 -40.70 -25.21 59.83
C ALA B 121 -40.06 -26.41 59.14
N VAL B 122 -38.93 -26.16 58.46
CA VAL B 122 -38.15 -27.20 57.79
C VAL B 122 -37.57 -28.17 58.83
N ALA B 123 -37.02 -27.60 59.91
CA ALA B 123 -36.44 -28.39 61.00
C ALA B 123 -37.48 -29.32 61.65
N ALA B 124 -38.72 -28.84 61.74
CA ALA B 124 -39.84 -29.60 62.31
C ALA B 124 -40.20 -30.84 61.48
N ARG B 125 -40.18 -30.68 60.16
CA ARG B 125 -40.45 -31.79 59.23
C ARG B 125 -39.35 -32.86 59.28
N LEU B 126 -38.10 -32.41 59.38
CA LEU B 126 -36.95 -33.31 59.46
C LEU B 126 -36.98 -34.11 60.75
N ARG B 127 -37.34 -33.41 61.83
CA ARG B 127 -37.49 -33.96 63.19
C ARG B 127 -38.51 -35.11 63.26
N ASP B 128 -39.58 -35.02 62.46
CA ASP B 128 -40.67 -36.01 62.47
C ASP B 128 -40.31 -37.37 61.87
N ASP B 129 -39.23 -37.40 61.08
CA ASP B 129 -38.78 -38.63 60.42
C ASP B 129 -37.67 -39.29 61.23
N PRO B 130 -37.91 -40.51 61.74
CA PRO B 130 -36.90 -41.28 62.49
C PRO B 130 -35.61 -41.48 61.70
N ALA B 131 -35.75 -41.73 60.39
CA ALA B 131 -34.61 -41.96 59.51
C ALA B 131 -33.69 -40.72 59.40
N TYR B 132 -34.28 -39.52 59.47
CA TYR B 132 -33.49 -38.30 59.44
C TYR B 132 -32.80 -38.03 60.77
N ARG B 133 -33.50 -38.33 61.88
CA ARG B 133 -32.89 -38.20 63.20
C ARG B 133 -31.61 -39.02 63.29
N THR B 134 -31.66 -40.27 62.82
CA THR B 134 -30.48 -41.13 62.77
C THR B 134 -29.46 -40.62 61.74
N GLY B 135 -29.91 -40.35 60.52
CA GLY B 135 -29.04 -39.88 59.44
C GLY B 135 -28.32 -38.58 59.75
N PHE B 136 -29.08 -37.56 60.15
CA PHE B 136 -28.53 -36.24 60.47
C PHE B 136 -27.56 -36.23 61.66
N GLU B 137 -27.96 -36.87 62.76
CA GLU B 137 -27.17 -36.88 64.00
C GLU B 137 -25.85 -37.67 63.85
N ALA B 138 -25.85 -38.70 63.02
CA ALA B 138 -24.66 -39.50 62.76
C ALA B 138 -23.56 -38.71 62.05
N LEU B 139 -23.98 -37.73 61.25
CA LEU B 139 -23.06 -36.92 60.46
C LEU B 139 -22.75 -35.58 61.13
N PHE B 140 -23.74 -35.02 61.84
CA PHE B 140 -23.64 -33.64 62.32
C PHE B 140 -23.68 -33.50 63.84
N GLY B 141 -24.05 -34.58 64.54
CA GLY B 141 -24.07 -34.55 66.01
C GLY B 141 -25.47 -34.58 66.57
N LYS B 142 -25.58 -34.93 67.85
CA LYS B 142 -26.87 -35.04 68.51
C LYS B 142 -27.52 -33.68 68.72
N GLY B 143 -28.82 -33.59 68.42
CA GLY B 143 -29.57 -32.35 68.60
C GLY B 143 -29.45 -31.37 67.44
N VAL B 144 -28.87 -31.81 66.33
CA VAL B 144 -28.73 -30.97 65.14
C VAL B 144 -30.10 -30.50 64.63
N LEU B 145 -31.07 -31.41 64.60
CA LEU B 145 -32.40 -31.11 64.10
C LEU B 145 -33.22 -30.24 65.05
N ASP B 146 -32.72 -30.07 66.27
CA ASP B 146 -33.36 -29.20 67.26
C ASP B 146 -32.99 -27.73 67.05
N ASP B 147 -31.92 -27.48 66.30
CA ASP B 147 -31.48 -26.14 65.98
C ASP B 147 -31.76 -25.83 64.51
N PRO B 148 -32.80 -24.99 64.25
CA PRO B 148 -33.29 -24.67 62.91
C PRO B 148 -32.20 -24.23 61.93
N GLU B 149 -31.26 -23.44 62.42
CA GLU B 149 -30.15 -22.96 61.61
C GLU B 149 -29.20 -24.09 61.26
N ARG B 150 -28.84 -24.88 62.27
CA ARG B 150 -27.95 -26.01 62.09
C ARG B 150 -28.54 -27.05 61.14
N ALA B 151 -29.84 -27.32 61.29
CA ALA B 151 -30.54 -28.34 60.50
C ALA B 151 -30.67 -27.94 59.05
N PHE B 152 -31.00 -26.67 58.83
CA PHE B 152 -31.19 -26.13 57.49
C PHE B 152 -29.86 -26.15 56.75
N ASP B 153 -28.81 -25.76 57.45
CA ASP B 153 -27.45 -25.77 56.91
C ASP B 153 -27.02 -27.19 56.55
N ALA B 154 -27.30 -28.14 57.44
CA ALA B 154 -26.93 -29.55 57.24
C ALA B 154 -27.65 -30.14 56.03
N ALA B 155 -28.96 -29.89 55.94
CA ALA B 155 -29.77 -30.34 54.82
C ALA B 155 -29.19 -29.83 53.49
N ALA B 156 -28.82 -28.55 53.45
CA ALA B 156 -28.17 -27.98 52.27
C ALA B 156 -26.85 -28.71 51.98
N GLU B 157 -26.07 -28.94 53.03
CA GLU B 157 -24.78 -29.64 52.94
C GLU B 157 -24.94 -31.02 52.31
N ALA B 158 -25.91 -31.80 52.83
CA ALA B 158 -26.19 -33.13 52.31
C ALA B 158 -26.61 -33.09 50.84
N LEU B 159 -27.48 -32.14 50.50
CA LEU B 159 -27.97 -31.95 49.14
C LEU B 159 -26.88 -31.52 48.15
N ALA B 160 -26.00 -30.63 48.61
CA ALA B 160 -24.82 -30.25 47.82
C ALA B 160 -23.90 -31.45 47.55
N ALA B 161 -23.70 -32.28 48.59
CA ALA B 161 -22.81 -33.44 48.48
C ALA B 161 -23.37 -34.50 47.55
N TYR B 162 -24.69 -34.63 47.53
CA TYR B 162 -25.39 -35.56 46.65
C TYR B 162 -25.26 -35.17 45.17
N GLN B 163 -25.34 -33.87 44.88
CA GLN B 163 -25.21 -33.37 43.52
C GLN B 163 -23.77 -33.48 42.98
N ALA B 164 -22.82 -33.66 43.89
CA ALA B 164 -21.41 -33.81 43.51
C ALA B 164 -21.03 -35.26 43.16
N THR B 165 -21.98 -36.18 43.26
CA THR B 165 -21.68 -37.60 42.98
C THR B 165 -21.70 -37.94 41.48
N GLY B 166 -21.11 -39.08 41.14
CA GLY B 166 -21.01 -39.53 39.76
C GLY B 166 -22.35 -39.66 39.06
N GLU B 167 -23.40 -39.90 39.84
CA GLU B 167 -24.76 -39.98 39.32
C GLU B 167 -25.13 -38.74 38.51
N PHE B 168 -24.74 -37.57 39.03
CA PHE B 168 -25.05 -36.28 38.40
C PHE B 168 -24.11 -35.89 37.26
N SER B 169 -22.86 -36.35 37.33
CA SER B 169 -21.86 -36.04 36.34
C SER B 169 -21.12 -37.30 35.88
N PRO B 170 -21.80 -38.19 35.14
CA PRO B 170 -21.17 -39.48 34.79
C PRO B 170 -20.07 -39.41 33.71
N PHE B 171 -20.06 -38.34 32.92
CA PHE B 171 -19.16 -38.21 31.78
C PHE B 171 -19.13 -39.47 30.90
N ASP B 172 -20.30 -39.99 30.57
CA ASP B 172 -20.38 -41.18 29.72
C ASP B 172 -21.12 -40.95 28.39
N SER B 173 -21.12 -39.69 27.94
CA SER B 173 -21.73 -39.32 26.67
C SER B 173 -20.90 -39.86 25.51
N LYS B 174 -21.49 -39.92 24.31
CA LYS B 174 -20.74 -40.36 23.13
C LYS B 174 -19.50 -39.50 22.93
N TYR B 175 -19.62 -38.20 23.20
CA TYR B 175 -18.48 -37.29 23.15
C TYR B 175 -17.35 -37.74 24.07
N ASP B 176 -17.70 -38.15 25.29
CA ASP B 176 -16.72 -38.68 26.24
C ASP B 176 -16.04 -39.96 25.77
N ARG B 177 -16.83 -40.88 25.22
CA ARG B 177 -16.33 -42.17 24.71
C ARG B 177 -15.41 -41.94 23.51
N VAL B 178 -15.78 -40.99 22.65
CA VAL B 178 -14.96 -40.62 21.49
C VAL B 178 -13.62 -40.02 21.96
N MET B 179 -13.66 -39.12 22.94
CA MET B 179 -12.43 -38.51 23.47
C MET B 179 -11.55 -39.51 24.25
N ARG B 180 -12.10 -40.69 24.55
CA ARG B 180 -11.33 -41.75 25.20
C ARG B 180 -10.72 -42.70 24.18
N GLY B 181 -11.24 -42.66 22.95
CA GLY B 181 -10.81 -43.54 21.87
C GLY B 181 -11.63 -44.81 21.77
N GLU B 182 -12.76 -44.85 22.49
CA GLU B 182 -13.63 -46.02 22.52
C GLU B 182 -14.53 -46.13 21.29
N GLU B 183 -14.88 -44.99 20.69
CA GLU B 183 -15.61 -44.96 19.42
C GLU B 183 -15.34 -43.69 18.62
N LYS B 184 -15.92 -43.61 17.43
CA LYS B 184 -15.69 -42.48 16.54
C LYS B 184 -16.96 -41.70 16.25
N PHE B 185 -16.79 -40.41 15.96
CA PHE B 185 -17.88 -39.57 15.47
C PHE B 185 -18.28 -39.97 14.06
N THR B 186 -19.58 -39.88 13.75
CA THR B 186 -20.04 -39.91 12.36
C THR B 186 -19.46 -38.69 11.62
N PRO B 187 -19.40 -38.75 10.27
CA PRO B 187 -18.97 -37.55 9.58
C PRO B 187 -19.77 -36.30 9.97
N LEU B 188 -21.07 -36.45 10.22
CA LEU B 188 -21.91 -35.30 10.57
C LEU B 188 -21.59 -34.72 11.95
N GLU B 189 -21.38 -35.60 12.93
CA GLU B 189 -21.02 -35.17 14.28
C GLU B 189 -19.63 -34.53 14.33
N GLU B 190 -18.68 -35.11 13.60
CA GLU B 190 -17.32 -34.60 13.49
C GLU B 190 -17.27 -33.20 12.87
N PHE B 191 -18.10 -33.00 11.86
CA PHE B 191 -18.29 -31.69 11.22
C PHE B 191 -18.89 -30.73 12.24
N GLY B 192 -19.90 -31.19 12.98
CA GLY B 192 -20.50 -30.40 14.07
C GLY B 192 -19.52 -29.96 15.13
N TYR B 193 -18.66 -30.90 15.54
CA TYR B 193 -17.58 -30.62 16.49
C TYR B 193 -16.63 -29.57 15.93
N THR B 194 -16.17 -29.78 14.70
CA THR B 194 -15.23 -28.88 14.05
C THR B 194 -15.80 -27.46 13.92
N VAL B 195 -17.09 -27.36 13.61
CA VAL B 195 -17.78 -26.07 13.55
C VAL B 195 -17.83 -25.42 14.94
N PHE B 196 -18.28 -26.18 15.94
CA PHE B 196 -18.31 -25.72 17.32
C PHE B 196 -16.98 -25.06 17.73
N ILE B 197 -15.87 -25.73 17.46
CA ILE B 197 -14.54 -25.25 17.90
C ILE B 197 -13.88 -24.22 17.00
N THR B 198 -14.48 -23.90 15.85
CA THR B 198 -13.91 -22.89 14.95
C THR B 198 -14.80 -21.65 14.86
N TRP B 199 -16.07 -21.81 15.23
CA TRP B 199 -17.01 -20.70 15.23
C TRP B 199 -17.06 -20.08 16.62
N ASN B 200 -17.93 -19.07 16.81
CA ASN B 200 -17.94 -18.34 18.07
C ASN B 200 -18.38 -19.15 19.30
N CYS B 201 -18.95 -20.34 19.07
CA CYS B 201 -19.46 -21.16 20.16
C CYS B 201 -18.41 -21.42 21.24
N ARG B 202 -17.21 -21.81 20.81
CA ARG B 202 -16.10 -22.14 21.72
C ARG B 202 -15.67 -20.97 22.60
N LEU B 203 -15.99 -19.74 22.20
CA LEU B 203 -15.66 -18.55 23.00
C LEU B 203 -16.40 -18.49 24.33
N CYS B 204 -17.51 -19.22 24.44
CA CYS B 204 -18.33 -19.19 25.65
C CYS B 204 -18.65 -20.59 26.18
N HIS B 205 -18.78 -21.56 25.28
CA HIS B 205 -19.22 -22.89 25.65
C HIS B 205 -18.07 -23.90 25.69
N MET B 206 -16.89 -23.43 26.08
CA MET B 206 -15.79 -24.29 26.47
C MET B 206 -15.20 -23.77 27.76
N GLN B 207 -14.78 -24.68 28.61
CA GLN B 207 -14.23 -24.32 29.91
C GLN B 207 -13.11 -23.29 29.82
N ARG B 208 -12.18 -23.53 28.91
CA ARG B 208 -10.92 -22.80 28.88
C ARG B 208 -10.80 -21.93 27.65
N LYS B 209 -10.03 -20.86 27.78
CA LYS B 209 -9.68 -20.01 26.64
C LYS B 209 -8.75 -20.76 25.68
N GLN B 210 -7.89 -21.60 26.24
CA GLN B 210 -6.98 -22.45 25.46
C GLN B 210 -6.55 -23.66 26.29
N GLY B 211 -5.95 -24.64 25.62
CA GLY B 211 -5.61 -25.91 26.26
C GLY B 211 -6.79 -26.85 26.23
N VAL B 212 -6.68 -27.95 26.99
CA VAL B 212 -7.73 -28.96 27.08
C VAL B 212 -8.16 -29.12 28.53
N ALA B 213 -9.48 -29.14 28.75
CA ALA B 213 -10.05 -29.33 30.08
C ALA B 213 -10.06 -30.80 30.48
N GLU B 214 -9.77 -31.06 31.76
CA GLU B 214 -9.83 -32.43 32.30
C GLU B 214 -11.26 -32.95 32.29
N ARG B 215 -12.18 -32.10 32.73
CA ARG B 215 -13.60 -32.45 32.82
C ARG B 215 -14.44 -31.33 32.19
N GLU B 216 -14.52 -31.38 30.87
CA GLU B 216 -15.20 -30.37 30.06
C GLU B 216 -16.71 -30.45 30.26
N THR B 217 -17.35 -29.31 30.50
CA THR B 217 -18.83 -29.26 30.60
C THR B 217 -19.45 -28.22 29.68
N PHE B 218 -18.64 -27.71 28.75
CA PHE B 218 -19.13 -26.86 27.66
C PHE B 218 -19.78 -25.56 28.14
N THR B 219 -19.12 -24.95 29.13
CA THR B 219 -19.40 -23.60 29.58
C THR B 219 -18.13 -23.03 30.19
N ASN B 220 -17.93 -21.73 30.05
CA ASN B 220 -16.81 -21.06 30.70
C ASN B 220 -17.21 -20.42 32.04
N PHE B 221 -18.45 -20.65 32.47
CA PHE B 221 -19.01 -20.15 33.73
C PHE B 221 -19.12 -18.61 33.79
N GLU B 222 -18.93 -17.93 32.66
CA GLU B 222 -19.08 -16.47 32.59
C GLU B 222 -20.54 -16.04 32.49
N TYR B 223 -20.74 -14.72 32.48
CA TYR B 223 -22.05 -14.10 32.36
C TYR B 223 -22.14 -13.24 31.11
N HIS B 224 -23.12 -13.56 30.27
CA HIS B 224 -23.31 -12.84 29.03
C HIS B 224 -24.77 -12.54 28.78
N ASN B 225 -25.02 -11.37 28.20
CA ASN B 225 -26.31 -11.03 27.63
C ASN B 225 -26.28 -11.32 26.14
N ILE B 226 -27.01 -12.35 25.70
CA ILE B 226 -27.12 -12.64 24.26
C ILE B 226 -28.33 -11.96 23.58
N GLY B 227 -29.03 -11.10 24.33
CA GLY B 227 -30.08 -10.23 23.77
C GLY B 227 -31.42 -10.91 23.53
N LEU B 228 -31.81 -11.80 24.43
CA LEU B 228 -33.05 -12.57 24.29
C LEU B 228 -34.29 -11.74 24.64
N PRO B 229 -35.41 -12.02 23.94
CA PRO B 229 -36.67 -11.33 24.22
C PRO B 229 -37.34 -11.91 25.47
N VAL B 230 -38.37 -11.22 25.95
CA VAL B 230 -39.21 -11.73 27.02
C VAL B 230 -39.99 -12.93 26.47
N ASN B 231 -40.10 -13.99 27.27
CA ASN B 231 -41.05 -15.05 27.01
C ASN B 231 -42.39 -14.59 27.55
N GLU B 232 -43.25 -14.12 26.67
CA GLU B 232 -44.50 -13.45 27.06
C GLU B 232 -45.50 -14.30 27.84
N THR B 233 -45.67 -15.57 27.47
CA THR B 233 -46.59 -16.41 28.23
C THR B 233 -46.02 -16.81 29.58
N ALA B 234 -44.70 -17.00 29.65
CA ALA B 234 -44.03 -17.26 30.92
C ALA B 234 -44.04 -16.04 31.84
N ARG B 235 -43.79 -14.87 31.26
CA ARG B 235 -43.80 -13.63 32.03
C ARG B 235 -45.18 -13.35 32.63
N GLU B 236 -46.22 -13.57 31.82
CA GLU B 236 -47.59 -13.39 32.26
C GLU B 236 -47.98 -14.40 33.35
N ALA B 237 -47.58 -15.66 33.15
CA ALA B 237 -47.85 -16.71 34.13
C ALA B 237 -47.17 -16.44 35.48
N SER B 238 -45.97 -15.85 35.43
CA SER B 238 -45.20 -15.51 36.62
C SER B 238 -45.86 -14.41 37.45
N GLY B 239 -46.63 -13.55 36.78
CA GLY B 239 -47.32 -12.43 37.42
C GLY B 239 -46.44 -11.28 37.86
N LEU B 240 -45.20 -11.23 37.36
CA LEU B 240 -44.25 -10.19 37.76
C LEU B 240 -44.55 -8.81 37.18
N GLY B 241 -45.43 -8.77 36.19
CA GLY B 241 -45.87 -7.50 35.59
C GLY B 241 -45.28 -7.25 34.22
N ALA B 242 -45.99 -6.47 33.41
CA ALA B 242 -45.56 -6.10 32.07
C ALA B 242 -44.32 -5.20 32.10
N ASP B 243 -44.18 -4.46 33.19
CA ASP B 243 -43.09 -3.50 33.35
C ASP B 243 -41.86 -4.11 34.03
N HIS B 244 -41.92 -5.40 34.35
CA HIS B 244 -40.80 -6.08 34.97
C HIS B 244 -39.66 -6.35 33.99
N VAL B 245 -38.44 -6.14 34.47
CA VAL B 245 -37.23 -6.47 33.72
C VAL B 245 -36.40 -7.45 34.54
N ASP B 246 -36.06 -8.59 33.93
CA ASP B 246 -35.11 -9.53 34.53
C ASP B 246 -33.70 -9.04 34.23
N HIS B 247 -33.04 -8.51 35.27
CA HIS B 247 -31.71 -7.88 35.12
C HIS B 247 -30.54 -8.86 35.14
N GLY B 248 -30.84 -10.15 35.28
CA GLY B 248 -29.80 -11.18 35.32
C GLY B 248 -28.83 -10.98 36.47
N LEU B 249 -27.53 -11.03 36.18
CA LEU B 249 -26.49 -10.88 37.20
C LEU B 249 -26.64 -9.64 38.11
N LEU B 250 -27.11 -8.53 37.57
CA LEU B 250 -27.30 -7.32 38.38
C LEU B 250 -28.22 -7.54 39.58
N ALA B 251 -29.16 -8.48 39.45
CA ALA B 251 -30.09 -8.81 40.53
C ALA B 251 -29.41 -9.48 41.73
N ARG B 252 -28.21 -10.03 41.55
CA ARG B 252 -27.45 -10.58 42.68
C ARG B 252 -27.12 -9.47 43.67
N PRO B 253 -27.47 -9.67 44.95
CA PRO B 253 -27.10 -8.70 45.99
C PRO B 253 -25.57 -8.58 46.08
N GLY B 254 -25.10 -7.34 46.04
CA GLY B 254 -23.67 -7.07 46.05
C GLY B 254 -23.18 -6.49 44.74
N ILE B 255 -23.78 -6.94 43.64
CA ILE B 255 -23.46 -6.43 42.31
C ILE B 255 -24.24 -5.15 42.05
N GLU B 256 -23.52 -4.07 41.73
CA GLU B 256 -24.11 -2.75 41.49
C GLU B 256 -23.74 -2.21 40.10
N ASP B 257 -22.80 -2.89 39.46
CA ASP B 257 -22.29 -2.52 38.13
C ASP B 257 -23.39 -2.65 37.07
N PRO B 258 -23.87 -1.50 36.53
CA PRO B 258 -24.96 -1.53 35.54
C PRO B 258 -24.59 -2.25 34.23
N ALA B 259 -23.30 -2.51 34.02
CA ALA B 259 -22.86 -3.28 32.85
C ALA B 259 -23.19 -4.77 32.97
N GLN B 260 -23.58 -5.21 34.17
CA GLN B 260 -23.94 -6.62 34.39
C GLN B 260 -25.42 -6.89 34.12
N SER B 261 -26.19 -5.83 33.89
CA SER B 261 -27.62 -5.93 33.58
C SER B 261 -27.91 -6.75 32.32
N GLY B 262 -28.78 -7.75 32.48
CA GLY B 262 -29.19 -8.59 31.38
C GLY B 262 -28.27 -9.76 31.09
N ARG B 263 -27.24 -9.94 31.91
CA ARG B 263 -26.29 -11.05 31.72
C ARG B 263 -26.68 -12.27 32.54
N PHE B 264 -26.60 -13.43 31.90
CA PHE B 264 -26.95 -14.69 32.53
C PHE B 264 -25.80 -15.69 32.44
N LYS B 265 -25.75 -16.63 33.38
CA LYS B 265 -24.67 -17.62 33.42
C LYS B 265 -24.71 -18.49 32.17
N VAL B 266 -23.55 -18.67 31.53
CA VAL B 266 -23.44 -19.58 30.37
C VAL B 266 -23.78 -21.00 30.82
N PRO B 267 -24.86 -21.58 30.29
CA PRO B 267 -25.23 -22.92 30.73
C PRO B 267 -24.32 -23.98 30.14
N SER B 268 -24.11 -25.06 30.89
CA SER B 268 -23.43 -26.23 30.37
C SER B 268 -24.29 -26.77 29.26
N LEU B 269 -23.65 -27.08 28.13
CA LEU B 269 -24.38 -27.67 27.01
C LEU B 269 -24.55 -29.19 27.12
N ARG B 270 -24.11 -29.78 28.24
CA ARG B 270 -24.28 -31.22 28.41
C ARG B 270 -25.75 -31.55 28.61
N ASN B 271 -26.21 -32.60 27.91
CA ASN B 271 -27.61 -33.03 27.92
C ASN B 271 -28.58 -32.05 27.29
N VAL B 272 -28.08 -31.05 26.58
CA VAL B 272 -28.90 -29.97 26.02
C VAL B 272 -30.04 -30.49 25.13
N ALA B 273 -29.76 -31.56 24.38
CA ALA B 273 -30.72 -32.17 23.45
C ALA B 273 -32.03 -32.60 24.11
N VAL B 274 -31.98 -32.95 25.40
CA VAL B 274 -33.14 -33.49 26.11
C VAL B 274 -33.71 -32.56 27.19
N THR B 275 -33.20 -31.32 27.24
CA THR B 275 -33.62 -30.39 28.29
C THR B 275 -34.33 -29.13 27.80
N GLY B 276 -35.03 -29.24 26.67
CA GLY B 276 -35.84 -28.14 26.18
C GLY B 276 -37.02 -27.88 27.11
N PRO B 277 -37.65 -26.68 27.04
CA PRO B 277 -37.27 -25.55 26.18
C PRO B 277 -36.00 -24.85 26.66
N TYR B 278 -35.52 -23.89 25.88
CA TYR B 278 -34.16 -23.37 26.01
C TYR B 278 -34.07 -21.92 26.47
N MET B 279 -32.87 -21.55 26.97
CA MET B 279 -32.60 -20.22 27.54
C MET B 279 -33.20 -20.05 28.94
N HIS B 280 -32.86 -18.93 29.58
CA HIS B 280 -33.23 -18.67 30.98
C HIS B 280 -34.73 -18.56 31.24
N ASN B 281 -35.48 -18.21 30.19
CA ASN B 281 -36.94 -18.08 30.29
C ASN B 281 -37.67 -19.12 29.44
N GLY B 282 -36.94 -20.14 29.00
CA GLY B 282 -37.50 -21.23 28.20
C GLY B 282 -38.23 -20.77 26.95
N VAL B 283 -37.71 -19.70 26.32
CA VAL B 283 -38.39 -19.06 25.19
C VAL B 283 -38.46 -19.92 23.91
N PHE B 284 -37.44 -20.74 23.66
CA PHE B 284 -37.40 -21.56 22.45
C PHE B 284 -37.64 -23.03 22.75
N THR B 285 -38.54 -23.63 21.98
CA THR B 285 -38.95 -25.03 22.16
C THR B 285 -37.89 -25.98 21.63
N ASP B 286 -37.37 -25.69 20.43
CA ASP B 286 -36.51 -26.60 19.68
C ASP B 286 -35.04 -26.23 19.82
N LEU B 287 -34.19 -27.25 19.89
CA LEU B 287 -32.74 -27.04 19.95
C LEU B 287 -32.24 -26.25 18.72
N ARG B 288 -32.76 -26.61 17.55
CA ARG B 288 -32.40 -25.96 16.30
C ARG B 288 -32.68 -24.45 16.36
N THR B 289 -33.76 -24.08 17.04
CA THR B 289 -34.17 -22.69 17.18
C THR B 289 -33.18 -21.90 18.05
N ALA B 290 -32.70 -22.53 19.12
CA ALA B 290 -31.63 -21.95 19.94
C ALA B 290 -30.38 -21.63 19.11
N ILE B 291 -29.99 -22.56 18.23
CA ILE B 291 -28.84 -22.38 17.35
C ILE B 291 -29.08 -21.27 16.33
N LEU B 292 -30.25 -21.29 15.68
CA LEU B 292 -30.64 -20.27 14.70
C LEU B 292 -30.71 -18.85 15.27
N PHE B 293 -31.02 -18.73 16.56
CA PHE B 293 -31.02 -17.42 17.22
C PHE B 293 -29.69 -16.67 17.02
N TYR B 294 -28.57 -17.38 17.08
CA TYR B 294 -27.25 -16.78 16.90
C TYR B 294 -27.02 -16.21 15.52
N ASN B 295 -27.66 -16.81 14.53
CA ASN B 295 -27.61 -16.31 13.16
C ASN B 295 -28.18 -14.91 12.98
N LYS B 296 -29.05 -14.48 13.90
CA LYS B 296 -29.63 -13.14 13.81
C LYS B 296 -28.54 -12.05 13.83
N TYR B 297 -27.41 -12.37 14.46
CA TYR B 297 -26.31 -11.42 14.61
C TYR B 297 -25.35 -11.43 13.43
N THR B 298 -25.47 -12.44 12.57
CA THR B 298 -24.50 -12.67 11.51
C THR B 298 -25.10 -12.70 10.11
N SER B 299 -26.28 -13.33 9.99
CA SER B 299 -26.92 -13.51 8.69
C SER B 299 -27.58 -12.24 8.16
N ARG B 300 -27.50 -12.04 6.86
CA ARG B 300 -28.14 -10.90 6.21
C ARG B 300 -29.50 -11.25 5.64
N ARG B 301 -29.76 -12.55 5.50
CA ARG B 301 -31.04 -13.06 5.03
C ARG B 301 -32.20 -12.61 5.93
N PRO B 302 -33.38 -12.35 5.34
CA PRO B 302 -34.57 -11.93 6.09
C PRO B 302 -35.04 -12.99 7.09
N GLU B 303 -34.87 -14.27 6.74
CA GLU B 303 -35.28 -15.40 7.59
C GLU B 303 -34.54 -15.43 8.94
N ALA B 304 -33.39 -14.75 9.00
CA ALA B 304 -32.59 -14.71 10.22
C ALA B 304 -33.18 -13.78 11.28
N LYS B 305 -34.09 -12.90 10.88
CA LYS B 305 -34.76 -11.98 11.81
C LYS B 305 -35.98 -12.66 12.43
N ILE B 306 -36.38 -13.77 11.83
CA ILE B 306 -37.63 -14.44 12.12
C ILE B 306 -37.43 -15.68 12.98
N ASN B 307 -38.11 -15.71 14.13
CA ASN B 307 -38.20 -16.92 14.95
C ASN B 307 -39.05 -17.97 14.22
N PRO B 308 -38.45 -19.12 13.83
CA PRO B 308 -39.17 -20.12 13.04
C PRO B 308 -40.32 -20.79 13.78
N GLU B 309 -40.30 -20.71 15.11
CA GLU B 309 -41.37 -21.29 15.92
C GLU B 309 -42.62 -20.43 15.93
N THR B 310 -42.47 -19.13 15.69
CA THR B 310 -43.60 -18.20 15.70
C THR B 310 -43.94 -17.61 14.32
N GLY B 311 -42.95 -17.56 13.43
CA GLY B 311 -43.10 -16.89 12.14
C GLY B 311 -43.04 -15.37 12.29
N ALA B 312 -42.75 -14.91 13.50
CA ALA B 312 -42.67 -13.49 13.82
C ALA B 312 -41.23 -13.14 14.21
N PRO B 313 -40.87 -11.84 14.22
CA PRO B 313 -39.49 -11.51 14.59
C PRO B 313 -39.12 -12.03 15.98
N TRP B 314 -37.82 -12.29 16.19
CA TRP B 314 -37.32 -12.80 17.47
C TRP B 314 -37.83 -11.95 18.62
N GLY B 315 -37.72 -10.63 18.44
CA GLY B 315 -38.20 -9.69 19.42
C GLY B 315 -37.10 -8.79 19.94
N GLU B 316 -37.54 -7.64 20.45
CA GLU B 316 -36.67 -6.68 21.08
C GLU B 316 -36.05 -7.36 22.30
N PRO B 317 -34.74 -7.15 22.54
CA PRO B 317 -34.13 -7.74 23.74
C PRO B 317 -34.77 -7.18 25.01
N GLU B 318 -35.00 -8.04 26.02
CA GLU B 318 -35.51 -7.58 27.33
C GLU B 318 -34.59 -6.52 27.93
N VAL B 319 -33.29 -6.69 27.75
CA VAL B 319 -32.27 -5.70 28.14
C VAL B 319 -31.44 -5.37 26.89
N ALA B 320 -31.65 -4.17 26.34
CA ALA B 320 -31.05 -3.78 25.07
C ALA B 320 -29.72 -3.06 25.28
N ARG B 321 -28.94 -3.54 26.23
CA ARG B 321 -27.61 -3.03 26.53
C ARG B 321 -26.71 -4.15 27.06
N ASN B 322 -25.39 -3.92 27.04
CA ASN B 322 -24.39 -4.89 27.52
C ASN B 322 -24.36 -6.21 26.75
N LEU B 323 -24.84 -6.19 25.51
CA LEU B 323 -24.85 -7.37 24.66
C LEU B 323 -23.42 -7.77 24.31
N SER B 324 -23.17 -9.07 24.25
CA SER B 324 -21.84 -9.57 23.91
C SER B 324 -21.61 -9.55 22.40
N LEU B 325 -21.69 -8.35 21.82
CA LEU B 325 -21.62 -8.16 20.37
C LEU B 325 -20.29 -8.62 19.76
N ALA B 326 -19.18 -8.32 20.45
CA ALA B 326 -17.85 -8.73 19.98
C ALA B 326 -17.80 -10.24 19.67
N GLU B 327 -18.40 -11.05 20.54
CA GLU B 327 -18.42 -12.50 20.36
C GLU B 327 -19.53 -12.96 19.42
N LEU B 328 -20.66 -12.26 19.45
CA LEU B 328 -21.85 -12.66 18.69
C LEU B 328 -21.78 -12.27 17.23
N GLN B 329 -21.23 -11.09 16.95
CA GLN B 329 -21.08 -10.59 15.58
C GLN B 329 -19.81 -11.18 14.94
N SER B 330 -19.89 -12.48 14.64
CA SER B 330 -18.75 -13.26 14.15
C SER B 330 -18.42 -13.04 12.67
N GLY B 331 -19.40 -12.53 11.92
CA GLY B 331 -19.21 -12.26 10.49
C GLY B 331 -19.50 -13.43 9.57
N LEU B 332 -19.86 -14.57 10.14
CA LEU B 332 -20.15 -15.79 9.35
C LEU B 332 -21.47 -16.42 9.76
N MET B 333 -22.31 -16.69 8.75
CA MET B 333 -23.63 -17.26 8.93
C MET B 333 -23.56 -18.79 8.96
N LEU B 334 -24.33 -19.41 9.85
CA LEU B 334 -24.49 -20.86 9.83
C LEU B 334 -25.53 -21.28 8.79
N ASP B 335 -25.07 -21.90 7.70
CA ASP B 335 -25.99 -22.51 6.75
C ASP B 335 -26.68 -23.69 7.41
N ASP B 336 -27.74 -24.19 6.77
CA ASP B 336 -28.52 -25.30 7.34
C ASP B 336 -27.70 -26.57 7.55
N GLY B 337 -26.75 -26.82 6.65
CA GLY B 337 -25.82 -27.94 6.78
C GLY B 337 -25.02 -27.90 8.08
N ARG B 338 -24.60 -26.69 8.48
CA ARG B 338 -23.84 -26.51 9.72
C ARG B 338 -24.71 -26.52 10.99
N VAL B 339 -25.93 -26.00 10.87
CA VAL B 339 -26.93 -26.14 11.93
C VAL B 339 -27.23 -27.63 12.17
N ASP B 340 -27.48 -28.37 11.07
CA ASP B 340 -27.63 -29.84 11.15
C ASP B 340 -26.45 -30.48 11.87
N ALA B 341 -25.25 -30.05 11.52
CA ALA B 341 -24.02 -30.57 12.10
C ALA B 341 -23.94 -30.27 13.59
N LEU B 342 -24.21 -29.02 13.97
CA LEU B 342 -24.18 -28.64 15.38
C LEU B 342 -25.19 -29.41 16.23
N VAL B 343 -26.40 -29.59 15.70
CA VAL B 343 -27.44 -30.40 16.37
C VAL B 343 -26.87 -31.80 16.65
N ALA B 344 -26.31 -32.43 15.62
CA ALA B 344 -25.72 -33.76 15.74
C ALA B 344 -24.61 -33.80 16.78
N PHE B 345 -23.72 -32.79 16.76
CA PHE B 345 -22.67 -32.72 17.76
C PHE B 345 -23.24 -32.57 19.17
N LEU B 346 -24.16 -31.63 19.36
CA LEU B 346 -24.73 -31.39 20.69
C LEU B 346 -25.50 -32.61 21.21
N GLU B 347 -25.99 -33.44 20.29
CA GLU B 347 -26.66 -34.68 20.67
C GLU B 347 -25.69 -35.68 21.28
N THR B 348 -24.41 -35.61 20.88
CA THR B 348 -23.36 -36.47 21.44
C THR B 348 -23.01 -36.09 22.89
N LEU B 349 -23.54 -34.96 23.34
CA LEU B 349 -23.32 -34.48 24.71
C LEU B 349 -24.36 -35.06 25.68
N THR B 350 -25.21 -35.94 25.18
CA THR B 350 -26.23 -36.58 26.01
C THR B 350 -25.63 -37.73 26.81
N ASP B 351 -25.80 -37.70 28.13
CA ASP B 351 -25.40 -38.82 29.00
C ASP B 351 -26.02 -40.13 28.50
N ARG B 352 -25.27 -41.23 28.62
CA ARG B 352 -25.70 -42.54 28.10
C ARG B 352 -27.13 -42.93 28.52
N ARG B 353 -27.46 -42.70 29.78
CA ARG B 353 -28.77 -43.08 30.31
C ARG B 353 -29.95 -42.30 29.69
N TYR B 354 -29.66 -41.20 29.00
CA TYR B 354 -30.71 -40.38 28.37
C TYR B 354 -30.72 -40.50 26.85
N GLU B 355 -29.85 -41.35 26.31
CA GLU B 355 -29.83 -41.61 24.89
C GLU B 355 -31.18 -42.08 24.32
N PRO B 356 -31.94 -42.91 25.07
CA PRO B 356 -33.30 -43.26 24.60
C PRO B 356 -34.23 -42.05 24.41
N LEU B 357 -34.01 -40.99 25.18
CA LEU B 357 -34.80 -39.76 25.06
C LEU B 357 -34.55 -38.97 23.75
N LEU B 358 -33.46 -39.30 23.05
CA LEU B 358 -33.10 -38.63 21.80
C LEU B 358 -34.10 -38.82 20.66
N GLU B 359 -34.84 -39.93 20.69
CA GLU B 359 -35.91 -40.18 19.71
C GLU B 359 -37.06 -39.18 19.83
N GLU B 360 -37.60 -39.04 21.04
CA GLU B 360 -38.71 -38.12 21.31
C GLU B 360 -38.29 -36.65 21.30
N THR C 7 31.52 -5.11 -8.59
CA THR C 7 30.79 -5.52 -7.36
C THR C 7 31.18 -4.72 -6.13
N ASP C 8 32.48 -4.45 -5.95
CA ASP C 8 32.98 -3.68 -4.79
C ASP C 8 32.30 -2.31 -4.75
N PRO C 9 31.35 -2.12 -3.81
CA PRO C 9 30.47 -0.94 -3.80
C PRO C 9 31.21 0.39 -3.62
N ARG C 10 32.31 0.37 -2.86
CA ARG C 10 33.03 1.58 -2.48
C ARG C 10 34.03 2.03 -3.53
N ALA C 11 34.32 1.15 -4.49
CA ALA C 11 35.27 1.42 -5.56
C ALA C 11 34.76 2.52 -6.51
N LYS C 12 35.69 3.23 -7.15
CA LYS C 12 35.37 4.22 -8.18
C LYS C 12 34.56 3.56 -9.29
N TRP C 13 33.40 4.15 -9.57
CA TRP C 13 32.42 3.60 -10.51
C TRP C 13 32.98 3.60 -11.93
N VAL C 14 32.82 2.47 -12.62
CA VAL C 14 33.35 2.29 -13.98
C VAL C 14 32.21 2.21 -15.00
N PRO C 15 32.06 3.26 -15.83
CA PRO C 15 30.97 3.26 -16.81
C PRO C 15 31.21 2.31 -17.99
N GLN C 16 30.14 1.72 -18.49
CA GLN C 16 30.17 0.95 -19.73
C GLN C 16 29.06 1.45 -20.66
N ASP C 17 29.20 1.15 -21.95
CA ASP C 17 28.21 1.52 -22.94
C ASP C 17 27.67 0.30 -23.69
N ASN C 18 27.46 -0.81 -22.98
CA ASN C 18 27.02 -2.07 -23.62
C ASN C 18 25.74 -2.72 -23.09
N ASP C 19 25.19 -2.20 -21.99
CA ASP C 19 23.98 -2.78 -21.38
C ASP C 19 23.23 -1.74 -20.54
N ILE C 20 22.08 -1.28 -21.03
CA ILE C 20 21.34 -0.22 -20.34
C ILE C 20 20.60 -0.68 -19.08
N GLN C 21 20.49 -2.00 -18.91
CA GLN C 21 19.79 -2.55 -17.74
C GLN C 21 20.72 -2.78 -16.55
N ALA C 22 22.02 -2.62 -16.76
CA ALA C 22 22.99 -2.75 -15.68
C ALA C 22 23.27 -1.40 -15.02
N CYS C 23 23.58 -1.44 -13.72
CA CYS C 23 23.76 -0.23 -12.94
C CYS C 23 25.04 0.54 -13.29
N ASP C 24 25.94 -0.11 -14.02
CA ASP C 24 27.15 0.58 -14.48
C ASP C 24 27.05 1.16 -15.89
N TYR C 25 25.86 1.17 -16.49
CA TYR C 25 25.67 1.85 -17.76
C TYR C 25 25.94 3.36 -17.59
N TRP C 26 26.64 3.95 -18.54
CA TRP C 26 27.23 5.28 -18.34
C TRP C 26 26.23 6.41 -18.06
N ARG C 27 25.05 6.35 -18.67
CA ARG C 27 24.02 7.39 -18.47
C ARG C 27 23.41 7.37 -17.07
N HIS C 28 23.61 6.27 -16.35
CA HIS C 28 23.05 6.11 -15.01
C HIS C 28 23.96 6.63 -13.89
N CYS C 29 24.95 7.45 -14.24
CA CYS C 29 26.00 7.86 -13.29
C CYS C 29 25.48 8.54 -12.02
N SER C 30 24.28 9.09 -12.07
CA SER C 30 23.67 9.65 -10.86
C SER C 30 22.19 9.29 -10.71
N ILE C 31 21.85 8.07 -11.12
CA ILE C 31 20.48 7.61 -11.01
C ILE C 31 20.19 7.12 -9.60
N ASP C 32 18.93 7.25 -9.19
CA ASP C 32 18.45 6.71 -7.94
C ASP C 32 17.05 6.14 -8.12
N GLY C 33 16.96 4.81 -8.00
CA GLY C 33 15.67 4.13 -8.09
C GLY C 33 15.77 2.92 -8.98
N ASN C 34 14.99 2.94 -10.07
CA ASN C 34 14.90 1.82 -11.01
C ASN C 34 14.93 2.28 -12.46
N ILE C 35 15.62 1.50 -13.29
CA ILE C 35 15.70 1.72 -14.74
C ILE C 35 14.38 1.38 -15.43
N CYS C 36 13.73 2.38 -16.02
CA CYS C 36 12.42 2.17 -16.68
C CYS C 36 12.43 1.13 -17.79
N ASP C 37 13.59 0.92 -18.41
CA ASP C 37 13.68 -0.09 -19.46
C ASP C 37 13.29 -1.47 -18.94
N CYS C 38 13.35 -1.63 -17.61
CA CYS C 38 13.04 -2.91 -16.98
C CYS C 38 11.58 -3.13 -16.58
N SER C 39 10.71 -2.15 -16.83
CA SER C 39 9.28 -2.33 -16.51
C SER C 39 8.33 -1.89 -17.64
N GLY C 40 8.80 -2.01 -18.88
CA GLY C 40 7.98 -1.69 -20.03
C GLY C 40 8.19 -0.31 -20.61
N GLY C 41 9.10 0.45 -20.02
CA GLY C 41 9.52 1.73 -20.61
C GLY C 41 10.69 1.49 -21.55
N SER C 42 11.55 2.51 -21.69
CA SER C 42 12.81 2.34 -22.41
C SER C 42 13.86 3.26 -21.78
N LEU C 43 15.03 3.37 -22.41
CA LEU C 43 16.07 4.24 -21.86
C LEU C 43 15.53 5.66 -21.58
N THR C 44 14.71 6.18 -22.48
CA THR C 44 14.27 7.56 -22.39
C THR C 44 12.74 7.72 -22.47
N ASN C 45 12.02 6.64 -22.18
CA ASN C 45 10.55 6.65 -22.19
C ASN C 45 9.95 5.93 -20.99
N CYS C 46 8.77 6.41 -20.57
CA CYS C 46 8.05 5.84 -19.44
C CYS C 46 7.22 4.62 -19.81
N PRO C 47 7.02 3.71 -18.83
CA PRO C 47 6.12 2.57 -19.06
C PRO C 47 4.66 3.02 -19.17
N PRO C 48 3.81 2.21 -19.82
CA PRO C 48 2.38 2.53 -19.95
C PRO C 48 1.70 2.64 -18.60
N GLY C 49 0.74 3.56 -18.49
CA GLY C 49 -0.01 3.74 -17.25
C GLY C 49 0.62 4.73 -16.28
N THR C 50 1.91 5.01 -16.47
CA THR C 50 2.63 5.96 -15.61
C THR C 50 2.58 7.34 -16.22
N LYS C 51 3.08 8.32 -15.47
CA LYS C 51 3.02 9.73 -15.85
C LYS C 51 4.43 10.34 -15.78
N LEU C 52 4.84 11.00 -16.86
CA LEU C 52 6.19 11.56 -16.99
C LEU C 52 6.31 12.93 -16.33
N ALA C 53 7.28 13.05 -15.43
CA ALA C 53 7.54 14.30 -14.73
C ALA C 53 8.27 15.30 -15.63
N THR C 54 8.18 16.58 -15.31
CA THR C 54 8.95 17.59 -16.04
C THR C 54 10.19 18.00 -15.26
N ALA C 55 10.13 17.89 -13.93
CA ALA C 55 11.28 18.17 -13.07
C ALA C 55 12.39 17.16 -13.27
N SER C 56 13.61 17.55 -12.89
CA SER C 56 14.76 16.65 -13.01
C SER C 56 15.90 16.89 -12.03
N 0AF C 57 16.56 15.84 -11.61
CA 0AF C 57 17.90 16.02 -11.07
C 0AF C 57 18.76 15.83 -12.26
O 0AF C 57 18.37 15.25 -13.23
CB 0AF C 57 18.28 15.24 -9.79
CG 0AF C 57 18.25 13.78 -9.93
CD1 0AF C 57 19.31 13.01 -10.20
CD2 0AF C 57 17.18 12.94 -9.86
NE1 0AF C 57 18.91 11.76 -10.26
CE2 0AF C 57 17.63 11.69 -10.07
CE3 0AF C 57 15.85 13.20 -9.60
CZ2 0AF C 57 16.77 10.63 -10.04
O1 0AF C 57 17.28 9.44 -10.28
CZ3 0AF C 57 15.00 12.12 -9.59
CH2 0AF C 57 15.44 10.82 -9.82
N VAL C 58 19.94 16.37 -12.20
CA VAL C 58 20.95 16.44 -13.27
C VAL C 58 22.35 15.98 -12.86
N ALA C 59 23.08 15.43 -13.84
CA ALA C 59 24.51 15.13 -13.67
C ALA C 59 25.27 15.10 -15.00
N SER C 60 26.56 15.37 -14.93
CA SER C 60 27.42 15.21 -16.08
C SER C 60 27.96 13.78 -16.06
N CYS C 61 27.54 12.95 -17.02
CA CYS C 61 28.03 11.58 -17.09
C CYS C 61 29.03 11.38 -18.21
N TYR C 62 30.19 10.83 -17.85
CA TYR C 62 31.25 10.53 -18.82
C TYR C 62 30.85 9.32 -19.65
N ASN C 63 30.87 9.47 -20.97
CA ASN C 63 30.64 8.36 -21.89
C ASN C 63 31.99 7.79 -22.36
N PRO C 64 32.31 6.55 -21.93
CA PRO C 64 33.58 5.91 -22.28
C PRO C 64 33.76 5.71 -23.78
N THR C 65 32.67 5.61 -24.52
CA THR C 65 32.72 5.34 -25.97
C THR C 65 33.34 6.50 -26.75
N ASP C 66 32.81 7.71 -26.57
CA ASP C 66 33.25 8.87 -27.34
C ASP C 66 34.09 9.87 -26.54
N GLY C 67 34.38 9.56 -25.29
CA GLY C 67 35.21 10.39 -24.44
C GLY C 67 34.57 11.71 -24.00
N GLN C 68 33.30 11.89 -24.34
CA GLN C 68 32.57 13.12 -24.02
C GLN C 68 31.73 12.99 -22.76
N SER C 69 31.49 14.13 -22.11
CA SER C 69 30.68 14.20 -20.93
C SER C 69 29.34 14.84 -21.28
N TYR C 70 28.26 14.11 -20.97
CA TYR C 70 26.91 14.55 -21.33
C TYR C 70 26.07 14.85 -20.09
N LEU C 71 25.25 15.89 -20.18
CA LEU C 71 24.27 16.18 -19.15
C LEU C 71 23.09 15.23 -19.31
N ILE C 72 22.91 14.38 -18.29
CA ILE C 72 21.72 13.53 -18.20
C ILE C 72 20.77 14.19 -17.21
N ALA C 73 19.56 14.50 -17.68
CA ALA C 73 18.50 15.01 -16.84
C ALA C 73 17.59 13.85 -16.50
N TYR C 74 17.74 13.35 -15.28
CA TYR C 74 16.96 12.22 -14.82
C TYR C 74 15.55 12.67 -14.49
N ARG C 75 14.59 12.20 -15.28
CA ARG C 75 13.19 12.47 -15.04
C ARG C 75 12.51 11.18 -14.58
N ASP C 76 11.56 11.33 -13.66
CA ASP C 76 10.85 10.19 -13.09
C ASP C 76 9.54 9.86 -13.81
N CYS C 77 9.22 8.58 -13.85
CA CYS C 77 7.91 8.11 -14.29
C CYS C 77 7.10 7.80 -13.04
N CYS C 78 5.90 8.36 -12.97
CA CYS C 78 5.20 8.53 -11.69
C CYS C 78 3.76 8.03 -11.70
N GLY C 79 3.20 7.83 -10.52
CA GLY C 79 1.81 7.38 -10.38
C GLY C 79 1.64 5.88 -10.30
N TYR C 80 2.77 5.18 -10.19
CA TYR C 80 2.80 3.73 -9.96
C TYR C 80 3.67 3.45 -8.74
N ASN C 81 3.41 2.31 -8.10
CA ASN C 81 4.30 1.81 -7.06
C ASN C 81 5.65 1.51 -7.70
N VAL C 82 6.72 1.59 -6.92
CA VAL C 82 8.08 1.35 -7.42
C VAL C 82 8.16 0.02 -8.17
N SER C 83 8.84 0.01 -9.31
CA SER C 83 8.78 -1.14 -10.21
C SER C 83 9.33 -2.41 -9.56
N GLY C 84 10.40 -2.25 -8.79
CA GLY C 84 11.11 -3.39 -8.22
C GLY C 84 12.03 -4.14 -9.16
N ARG C 85 12.19 -3.66 -10.40
CA ARG C 85 13.13 -4.27 -11.35
C ARG C 85 14.28 -3.34 -11.69
N CYS C 86 15.48 -3.91 -11.83
CA CYS C 86 16.72 -3.17 -12.08
C CYS C 86 16.91 -1.96 -11.17
N PRO C 87 16.92 -2.17 -9.83
CA PRO C 87 17.19 -1.09 -8.89
C PRO C 87 18.64 -0.65 -8.99
N CYS C 88 18.88 0.65 -8.86
CA CYS C 88 20.23 1.20 -8.94
CA CYS C 88 20.21 1.24 -8.99
C CYS C 88 20.35 2.48 -8.13
N LEU C 89 21.53 2.66 -7.53
CA LEU C 89 21.86 3.91 -6.84
C LEU C 89 23.30 4.29 -7.14
N ASN C 90 23.48 5.28 -8.02
CA ASN C 90 24.78 5.89 -8.25
C ASN C 90 24.75 7.37 -7.91
N THR C 91 25.92 7.94 -7.63
CA THR C 91 26.02 9.30 -7.13
C THR C 91 27.24 10.08 -7.64
N GLU C 92 27.51 9.99 -8.94
CA GLU C 92 28.62 10.75 -9.52
C GLU C 92 28.25 12.23 -9.57
N GLY C 93 29.01 13.04 -8.84
CA GLY C 93 28.75 14.47 -8.72
C GLY C 93 27.54 14.86 -7.89
N GLU C 94 26.84 13.88 -7.31
CA GLU C 94 25.61 14.13 -6.54
C GLU C 94 25.89 14.96 -5.29
N LEU C 95 25.11 16.02 -5.11
CA LEU C 95 25.30 16.94 -3.98
C LEU C 95 24.13 16.89 -2.97
N PRO C 96 24.35 17.40 -1.74
CA PRO C 96 23.28 17.35 -0.75
C PRO C 96 22.03 18.14 -1.14
N VAL C 97 20.95 17.89 -0.43
CA VAL C 97 19.62 18.43 -0.72
C VAL C 97 19.58 19.95 -0.90
N TYR C 98 20.50 20.66 -0.25
CA TYR C 98 20.51 22.12 -0.36
C TYR C 98 21.05 22.59 -1.72
N ARG C 99 21.52 21.63 -2.52
CA ARG C 99 21.80 21.83 -3.93
C ARG C 99 20.89 20.90 -4.75
N PRO C 100 19.57 21.18 -4.76
CA PRO C 100 18.59 20.21 -5.28
C PRO C 100 18.81 19.83 -6.74
N GLU C 101 19.27 20.78 -7.55
CA GLU C 101 19.55 20.53 -8.96
C GLU C 101 20.48 19.32 -9.19
N PHE C 102 21.29 19.00 -8.18
CA PHE C 102 22.21 17.85 -8.24
C PHE C 102 21.87 16.75 -7.21
N ALA C 103 20.72 16.86 -6.55
CA ALA C 103 20.35 15.94 -5.47
C ALA C 103 19.42 14.83 -5.97
N ASN C 104 19.73 13.58 -5.60
CA ASN C 104 18.94 12.44 -6.11
C ASN C 104 18.13 11.60 -5.12
N ASP C 105 18.06 12.02 -3.85
CA ASP C 105 17.14 11.37 -2.92
C ASP C 105 15.73 11.88 -3.16
N ILE C 106 15.64 13.05 -3.80
CA ILE C 106 14.36 13.73 -4.06
C ILE C 106 13.54 13.00 -5.12
N ILE C 107 12.25 12.81 -4.83
CA ILE C 107 11.32 12.28 -5.81
C ILE C 107 10.98 13.38 -6.80
N TRP C 108 11.59 13.31 -7.98
CA TRP C 108 11.42 14.32 -9.01
C TRP C 108 10.20 14.02 -9.87
N CYS C 109 9.03 14.04 -9.25
CA CYS C 109 7.77 13.77 -9.95
C CYS C 109 6.98 15.04 -10.26
N PHE C 110 7.50 16.19 -9.83
CA PHE C 110 6.85 17.48 -10.10
C PHE C 110 6.54 17.65 -11.60
N GLY C 111 5.40 18.25 -11.88
CA GLY C 111 4.96 18.50 -13.25
C GLY C 111 4.26 17.32 -13.91
N ALA C 112 4.26 16.17 -13.23
CA ALA C 112 3.61 14.98 -13.79
C ALA C 112 2.11 15.19 -13.89
N GLU C 113 1.52 14.64 -14.94
CA GLU C 113 0.09 14.71 -15.18
C GLU C 113 -0.66 14.04 -14.03
N ASP C 114 -1.87 14.52 -13.75
CA ASP C 114 -2.73 14.00 -12.68
C ASP C 114 -2.10 14.13 -11.29
N ASP C 115 -1.19 15.10 -11.14
CA ASP C 115 -0.43 15.33 -9.91
C ASP C 115 0.25 14.08 -9.35
N ALA C 116 0.63 13.15 -10.25
CA ALA C 116 1.30 11.92 -9.86
C ALA C 116 2.62 12.21 -9.14
N MET C 117 2.79 11.64 -7.96
CA MET C 117 3.96 11.92 -7.11
C MET C 117 4.63 10.67 -6.54
N THR C 118 4.06 9.50 -6.81
CA THR C 118 4.71 8.26 -6.42
C THR C 118 5.80 7.88 -7.43
N TYR C 119 6.83 7.18 -6.95
CA TYR C 119 7.98 6.88 -7.79
C TYR C 119 7.88 5.47 -8.36
N HIS C 120 7.96 5.35 -9.69
CA HIS C 120 7.95 4.03 -10.34
C HIS C 120 9.34 3.65 -10.87
N CYS C 121 9.95 4.58 -11.61
CA CYS C 121 11.24 4.38 -12.26
C CYS C 121 11.76 5.70 -12.83
N THR C 122 13.02 5.69 -13.30
CA THR C 122 13.73 6.87 -13.79
C THR C 122 14.28 6.63 -15.20
N ILE C 123 14.07 7.60 -16.10
CA ILE C 123 14.67 7.54 -17.43
C ILE C 123 16.00 8.31 -17.48
N SER C 124 16.82 8.03 -18.51
CA SER C 124 18.15 8.64 -18.58
C SER C 124 18.46 9.38 -19.90
N PRO C 125 17.73 10.47 -20.20
CA PRO C 125 17.96 11.14 -21.47
C PRO C 125 19.10 12.16 -21.42
N ILE C 126 19.87 12.23 -22.51
CA ILE C 126 20.87 13.27 -22.72
C ILE C 126 20.13 14.56 -23.06
N VAL C 127 20.39 15.61 -22.29
CA VAL C 127 19.78 16.92 -22.56
C VAL C 127 20.79 17.98 -23.00
N GLY C 128 22.07 17.62 -23.00
CA GLY C 128 23.12 18.52 -23.49
C GLY C 128 24.53 18.04 -23.17
N LYS C 129 25.52 18.85 -23.57
CA LYS C 129 26.91 18.62 -23.22
C LYS C 129 27.25 19.28 -21.89
N ALA C 130 28.30 18.80 -21.24
CA ALA C 130 28.69 19.30 -19.92
C ALA C 130 29.43 20.63 -19.96
N SER C 131 29.71 21.18 -18.77
CA SER C 131 30.43 22.44 -18.55
C SER C 131 29.50 23.61 -18.25
N GLN D 11 22.47 -18.07 25.57
CA GLN D 11 22.51 -19.11 24.49
C GLN D 11 21.10 -19.59 24.10
N GLU D 12 20.19 -19.64 25.08
CA GLU D 12 18.80 -19.95 24.79
C GLU D 12 18.17 -18.75 24.07
N THR D 13 17.72 -18.99 22.83
CA THR D 13 17.06 -17.94 22.05
C THR D 13 15.66 -17.66 22.60
N GLN D 14 15.10 -16.53 22.21
CA GLN D 14 13.74 -16.16 22.65
C GLN D 14 12.68 -17.18 22.20
N GLY D 15 12.86 -17.72 20.99
CA GLY D 15 11.96 -18.74 20.48
C GLY D 15 12.02 -20.04 21.26
N GLN D 16 13.23 -20.41 21.67
CA GLN D 16 13.44 -21.58 22.53
C GLN D 16 12.84 -21.37 23.93
N ALA D 17 13.15 -20.23 24.54
CA ALA D 17 12.57 -19.89 25.84
C ALA D 17 11.04 -19.87 25.78
N ALA D 18 10.49 -19.35 24.67
CA ALA D 18 9.03 -19.30 24.49
C ALA D 18 8.42 -20.70 24.35
N ALA D 19 9.14 -21.61 23.70
CA ALA D 19 8.68 -23.01 23.54
C ALA D 19 8.59 -23.74 24.88
N ARG D 20 9.58 -23.52 25.74
N ARG D 20 9.58 -23.54 25.74
CA ARG D 20 9.63 -24.12 27.07
CA ARG D 20 9.61 -24.16 27.07
C ARG D 20 8.46 -23.63 27.93
C ARG D 20 8.46 -23.63 27.94
N ALA D 21 8.23 -22.32 27.91
CA ALA D 21 7.15 -21.71 28.70
C ALA D 21 5.78 -22.23 28.26
N ALA D 22 5.61 -22.38 26.94
CA ALA D 22 4.37 -22.88 26.36
C ALA D 22 4.13 -24.36 26.67
N ALA D 23 5.20 -25.15 26.71
CA ALA D 23 5.13 -26.56 27.08
C ALA D 23 4.80 -26.72 28.56
N ALA D 24 5.37 -25.82 29.37
CA ALA D 24 5.10 -25.79 30.82
C ALA D 24 3.65 -25.45 31.10
N ASP D 25 3.12 -24.41 30.43
CA ASP D 25 1.72 -24.03 30.59
C ASP D 25 0.78 -25.17 30.25
N LEU D 26 1.04 -25.83 29.12
CA LEU D 26 0.23 -26.97 28.67
C LEU D 26 0.25 -28.12 29.68
N ALA D 27 1.45 -28.51 30.12
CA ALA D 27 1.61 -29.62 31.06
C ALA D 27 1.00 -29.32 32.43
N ALA D 28 1.10 -28.06 32.86
CA ALA D 28 0.54 -27.63 34.15
C ALA D 28 -0.95 -27.31 34.09
N GLY D 29 -1.51 -27.24 32.88
CA GLY D 29 -2.92 -26.92 32.70
C GLY D 29 -3.24 -25.45 32.92
N GLN D 30 -2.25 -24.58 32.72
CA GLN D 30 -2.38 -23.15 32.90
C GLN D 30 -3.12 -22.51 31.71
N ASP D 31 -4.15 -21.72 32.02
CA ASP D 31 -4.93 -21.03 31.00
C ASP D 31 -4.39 -19.62 30.80
N ASP D 32 -4.78 -19.03 29.67
CA ASP D 32 -4.37 -17.68 29.29
C ASP D 32 -5.31 -17.28 28.16
N GLU D 33 -5.84 -16.06 28.22
CA GLU D 33 -6.77 -15.59 27.19
C GLU D 33 -6.03 -14.99 26.00
N PRO D 34 -6.26 -15.56 24.79
CA PRO D 34 -5.72 -14.92 23.57
C PRO D 34 -6.19 -13.48 23.48
N ARG D 35 -5.24 -12.54 23.35
CA ARG D 35 -5.54 -11.12 23.45
C ARG D 35 -4.55 -10.25 22.65
N ILE D 36 -4.77 -8.93 22.66
CA ILE D 36 -3.82 -8.00 22.04
C ILE D 36 -2.80 -7.56 23.07
N LEU D 37 -1.53 -7.90 22.82
CA LEU D 37 -0.46 -7.52 23.74
C LEU D 37 -0.22 -6.01 23.74
N GLU D 38 0.29 -5.53 24.87
CA GLU D 38 0.82 -4.17 24.95
C GLU D 38 2.33 -4.29 24.83
N ALA D 39 2.95 -3.32 24.18
CA ALA D 39 4.40 -3.23 24.14
C ALA D 39 4.87 -2.81 25.53
N PRO D 40 6.06 -3.29 25.96
CA PRO D 40 6.70 -2.82 27.19
C PRO D 40 6.79 -1.30 27.22
N ALA D 41 6.87 -0.73 28.42
CA ALA D 41 7.02 0.71 28.57
C ALA D 41 8.25 1.18 27.79
N PRO D 42 8.13 2.34 27.09
CA PRO D 42 9.28 2.96 26.44
C PRO D 42 10.43 3.18 27.43
N ASP D 43 11.63 2.76 27.04
CA ASP D 43 12.82 3.00 27.84
C ASP D 43 13.98 3.43 26.96
N ALA D 44 15.14 3.64 27.57
CA ALA D 44 16.34 4.14 26.87
C ALA D 44 16.81 3.21 25.76
N ARG D 45 16.46 1.93 25.86
CA ARG D 45 16.94 0.87 24.97
C ARG D 45 15.93 0.45 23.91
N ARG D 46 14.77 1.13 23.87
CA ARG D 46 13.85 0.98 22.76
C ARG D 46 14.44 1.65 21.53
N VAL D 47 14.39 0.96 20.41
CA VAL D 47 14.91 1.50 19.16
C VAL D 47 13.92 1.32 18.01
N TYR D 48 13.79 2.38 17.21
CA TYR D 48 12.88 2.39 16.08
C TYR D 48 13.70 2.30 14.81
N VAL D 49 13.27 1.41 13.91
CA VAL D 49 13.89 1.24 12.61
C VAL D 49 12.81 1.41 11.53
N ASN D 50 12.98 2.44 10.71
CA ASN D 50 12.04 2.72 9.62
C ASN D 50 12.52 2.13 8.31
N ASP D 51 11.57 1.60 7.55
CA ASP D 51 11.85 0.98 6.27
C ASP D 51 11.17 1.76 5.14
N PRO D 52 11.89 2.71 4.51
CA PRO D 52 11.35 3.45 3.35
C PRO D 52 11.09 2.53 2.16
N ALA D 53 11.65 1.31 2.23
CA ALA D 53 11.35 0.22 1.30
C ALA D 53 11.70 0.53 -0.14
N HIS D 54 12.79 1.28 -0.33
CA HIS D 54 13.26 1.65 -1.65
C HIS D 54 12.15 2.30 -2.50
N PHE D 55 11.42 3.23 -1.87
CA PHE D 55 10.37 4.03 -2.52
C PHE D 55 9.03 3.31 -2.75
N ALA D 56 8.81 2.19 -2.04
CA ALA D 56 7.51 1.53 -2.08
C ALA D 56 6.40 2.43 -1.55
N ALA D 57 5.19 2.26 -2.10
CA ALA D 57 4.04 3.11 -1.81
C ALA D 57 3.53 2.95 -0.37
N VAL D 58 3.79 1.78 0.23
CA VAL D 58 3.49 1.53 1.64
C VAL D 58 4.79 1.07 2.32
N THR D 59 4.93 1.35 3.61
CA THR D 59 6.18 1.13 4.33
C THR D 59 5.90 0.64 5.75
N GLN D 60 6.95 0.28 6.48
CA GLN D 60 6.82 -0.20 7.85
C GLN D 60 7.85 0.39 8.81
N GLN D 61 7.43 0.60 10.06
CA GLN D 61 8.32 0.90 11.16
C GLN D 61 8.36 -0.29 12.10
N PHE D 62 9.55 -0.60 12.61
CA PHE D 62 9.74 -1.68 13.56
C PHE D 62 10.13 -1.08 14.91
N VAL D 63 9.38 -1.44 15.95
CA VAL D 63 9.72 -1.04 17.31
C VAL D 63 10.45 -2.20 17.96
N ILE D 64 11.65 -1.93 18.43
CA ILE D 64 12.54 -2.99 18.92
C ILE D 64 13.01 -2.72 20.34
N ASP D 65 13.00 -3.77 21.16
CA ASP D 65 13.72 -3.78 22.43
C ASP D 65 15.18 -4.06 22.10
N GLY D 66 16.03 -3.04 22.20
CA GLY D 66 17.44 -3.14 21.85
C GLY D 66 18.23 -4.09 22.75
N GLU D 67 17.86 -4.12 24.04
CA GLU D 67 18.51 -4.93 25.06
C GLU D 67 18.30 -6.43 24.80
N ALA D 68 17.08 -6.79 24.43
CA ALA D 68 16.74 -8.17 24.16
C ALA D 68 16.94 -8.53 22.68
N GLY D 69 17.00 -7.52 21.81
CA GLY D 69 17.01 -7.74 20.38
C GLY D 69 15.73 -8.41 19.95
N ARG D 70 14.61 -7.77 20.28
CA ARG D 70 13.28 -8.32 20.01
C ARG D 70 12.36 -7.26 19.44
N VAL D 71 11.63 -7.63 18.40
CA VAL D 71 10.61 -6.77 17.83
C VAL D 71 9.41 -6.81 18.78
N ILE D 72 9.05 -5.63 19.29
CA ILE D 72 7.97 -5.50 20.27
C ILE D 72 6.73 -4.83 19.68
N GLY D 73 6.86 -4.33 18.45
CA GLY D 73 5.74 -3.74 17.76
C GLY D 73 6.08 -3.28 16.36
N MET D 74 5.05 -2.83 15.64
CA MET D 74 5.20 -2.32 14.30
C MET D 74 4.16 -1.23 14.05
N ILE D 75 4.48 -0.35 13.10
CA ILE D 75 3.57 0.71 12.67
C ILE D 75 3.61 0.73 11.15
N ASP D 76 2.42 0.72 10.53
CA ASP D 76 2.30 0.87 9.08
C ASP D 76 2.39 2.34 8.67
N GLY D 77 3.02 2.59 7.53
CA GLY D 77 3.12 3.92 6.97
C GLY D 77 2.86 3.91 5.48
N GLY D 78 2.74 5.11 4.90
CA GLY D 78 2.49 5.26 3.48
C GLY D 78 3.77 5.49 2.69
N PHE D 79 3.75 6.48 1.80
CA PHE D 79 4.87 6.77 0.92
C PHE D 79 5.89 7.69 1.61
N LEU D 80 7.11 7.18 1.78
CA LEU D 80 8.21 7.91 2.41
C LEU D 80 7.81 8.72 3.65
N PRO D 81 7.21 8.06 4.66
CA PRO D 81 6.82 8.82 5.84
C PRO D 81 8.02 9.27 6.65
N ASN D 82 7.84 10.35 7.40
CA ASN D 82 8.82 10.84 8.36
C ASN D 82 8.42 10.45 9.78
N PRO D 83 9.26 9.66 10.47
CA PRO D 83 8.98 9.32 11.85
C PRO D 83 9.57 10.33 12.83
N VAL D 84 8.88 10.54 13.94
CA VAL D 84 9.45 11.25 15.08
C VAL D 84 9.10 10.48 16.35
N VAL D 85 9.95 10.66 17.36
CA VAL D 85 9.80 10.01 18.65
C VAL D 85 10.05 11.07 19.70
N ALA D 86 9.04 11.34 20.54
CA ALA D 86 9.20 12.24 21.67
C ALA D 86 10.25 11.68 22.63
N ASP D 87 11.18 12.54 23.04
CA ASP D 87 12.31 12.13 23.88
C ASP D 87 11.89 11.65 25.27
N ASP D 88 10.78 12.17 25.79
CA ASP D 88 10.32 11.76 27.11
C ASP D 88 9.61 10.41 27.08
N GLY D 89 9.32 9.92 25.88
CA GLY D 89 8.69 8.61 25.70
C GLY D 89 7.17 8.63 25.75
N SER D 90 6.59 9.83 25.75
CA SER D 90 5.14 9.96 25.91
C SER D 90 4.34 9.51 24.68
N PHE D 91 4.95 9.63 23.50
CA PHE D 91 4.28 9.32 22.23
C PHE D 91 5.25 9.24 21.06
N ILE D 92 4.82 8.56 20.00
CA ILE D 92 5.52 8.59 18.72
C ILE D 92 4.57 9.13 17.66
N ALA D 93 5.13 9.58 16.54
CA ALA D 93 4.34 10.18 15.48
C ALA D 93 5.01 10.02 14.14
N HIS D 94 4.22 10.11 13.08
CA HIS D 94 4.77 10.27 11.73
C HIS D 94 3.90 11.17 10.86
N ALA D 95 4.54 11.78 9.87
CA ALA D 95 3.83 12.42 8.78
C ALA D 95 3.90 11.46 7.62
N SER D 96 2.74 11.13 7.06
CA SER D 96 2.65 10.07 6.07
C SER D 96 1.81 10.50 4.88
N THR D 97 1.77 9.65 3.85
CA THR D 97 1.16 9.97 2.56
C THR D 97 0.49 8.74 1.94
N VAL D 98 -0.81 8.87 1.66
CA VAL D 98 -1.56 7.80 1.00
C VAL D 98 -2.29 8.30 -0.23
N PHE D 99 -2.65 7.36 -1.11
CA PHE D 99 -3.38 7.65 -2.33
C PHE D 99 -4.60 6.73 -2.39
N SER D 100 -5.64 7.16 -3.10
CA SER D 100 -6.91 6.44 -3.08
C SER D 100 -6.90 5.14 -3.91
N ARG D 101 -5.92 4.99 -4.78
CA ARG D 101 -5.76 3.78 -5.58
C ARG D 101 -4.31 3.33 -5.60
N ILE D 102 -3.82 2.96 -4.42
CA ILE D 102 -2.46 2.49 -4.16
C ILE D 102 -1.41 3.61 -4.34
N ALA D 103 -1.08 3.95 -5.58
CA ALA D 103 -0.06 4.94 -5.83
C ALA D 103 -0.55 5.98 -6.80
N ARG D 104 -1.84 5.90 -7.12
CA ARG D 104 -2.50 6.81 -8.04
C ARG D 104 -3.81 7.36 -7.44
N GLY D 105 -4.25 8.51 -7.93
CA GLY D 105 -5.52 9.10 -7.51
C GLY D 105 -5.34 10.25 -6.53
N GLU D 106 -6.32 10.41 -5.64
CA GLU D 106 -6.34 11.50 -4.69
C GLU D 106 -5.29 11.28 -3.59
N ARG D 107 -4.43 12.27 -3.39
CA ARG D 107 -3.37 12.21 -2.38
C ARG D 107 -3.88 12.74 -1.04
N THR D 108 -3.58 12.02 0.04
CA THR D 108 -3.83 12.51 1.39
C THR D 108 -2.53 12.48 2.22
N ASP D 109 -2.07 13.67 2.63
CA ASP D 109 -0.99 13.80 3.59
C ASP D 109 -1.61 13.99 4.97
N TYR D 110 -1.01 13.35 5.98
CA TYR D 110 -1.60 13.34 7.31
C TYR D 110 -0.52 13.10 8.37
N VAL D 111 -0.81 13.56 9.59
CA VAL D 111 0.01 13.25 10.75
C VAL D 111 -0.77 12.27 11.62
N GLU D 112 -0.08 11.25 12.10
CA GLU D 112 -0.63 10.32 13.07
C GLU D 112 0.20 10.37 14.34
N VAL D 113 -0.48 10.41 15.47
CA VAL D 113 0.16 10.33 16.77
C VAL D 113 -0.28 9.00 17.35
N PHE D 114 0.68 8.27 17.90
CA PHE D 114 0.41 6.94 18.45
C PHE D 114 0.75 6.88 19.92
N ASP D 115 -0.02 6.09 20.66
CA ASP D 115 0.36 5.71 22.01
C ASP D 115 1.54 4.74 21.91
N PRO D 116 2.55 4.90 22.79
CA PRO D 116 3.78 4.13 22.59
C PRO D 116 3.76 2.73 23.22
N VAL D 117 2.68 2.37 23.92
CA VAL D 117 2.52 0.99 24.41
C VAL D 117 1.43 0.19 23.68
N THR D 118 0.30 0.83 23.35
CA THR D 118 -0.76 0.15 22.58
C THR D 118 -0.57 0.28 21.05
N LEU D 119 0.24 1.26 20.65
CA LEU D 119 0.49 1.63 19.24
C LEU D 119 -0.78 2.13 18.52
N LEU D 120 -1.83 2.38 19.28
CA LEU D 120 -3.07 2.89 18.74
C LEU D 120 -2.92 4.36 18.33
N PRO D 121 -3.45 4.71 17.14
CA PRO D 121 -3.43 6.12 16.74
C PRO D 121 -4.33 6.93 17.66
N THR D 122 -3.79 8.01 18.23
CA THR D 122 -4.58 8.86 19.14
C THR D 122 -4.93 10.20 18.49
N ALA D 123 -4.27 10.47 17.36
CA ALA D 123 -4.57 11.62 16.53
C ALA D 123 -4.31 11.26 15.07
N ASP D 124 -5.22 11.72 14.21
CA ASP D 124 -5.06 11.63 12.77
C ASP D 124 -5.37 13.03 12.22
N ILE D 125 -4.32 13.74 11.83
CA ILE D 125 -4.42 15.14 11.43
C ILE D 125 -4.09 15.32 9.95
N GLU D 126 -5.13 15.61 9.16
CA GLU D 126 -4.95 15.82 7.72
C GLU D 126 -4.23 17.14 7.42
N LEU D 127 -3.21 17.04 6.56
CA LEU D 127 -2.45 18.20 6.11
C LEU D 127 -2.99 18.68 4.76
N PRO D 128 -3.59 19.89 4.71
CA PRO D 128 -4.23 20.35 3.47
C PRO D 128 -3.24 20.59 2.33
N ASP D 129 -3.74 20.38 1.11
CA ASP D 129 -3.01 20.70 -0.12
C ASP D 129 -1.71 19.90 -0.33
N ALA D 130 -1.69 18.68 0.20
CA ALA D 130 -0.58 17.73 0.00
C ALA D 130 0.79 18.40 0.16
N PRO D 131 1.09 18.88 1.38
CA PRO D 131 2.24 19.76 1.56
C PRO D 131 3.58 19.07 1.86
N ARG D 132 3.58 17.76 2.08
CA ARG D 132 4.81 17.02 2.48
C ARG D 132 5.90 16.98 1.40
N PHE D 133 7.15 17.04 1.87
CA PHE D 133 8.32 16.86 1.01
C PHE D 133 8.60 15.38 0.84
N LEU D 134 8.43 14.90 -0.39
CA LEU D 134 8.60 13.48 -0.70
C LEU D 134 10.04 13.20 -1.15
N VAL D 135 10.80 12.55 -0.27
CA VAL D 135 12.25 12.41 -0.43
C VAL D 135 12.75 11.21 0.38
N GLY D 136 13.83 10.59 -0.08
CA GLY D 136 14.56 9.60 0.72
C GLY D 136 14.62 10.14 2.14
N THR D 137 14.33 9.28 3.11
CA THR D 137 14.02 9.74 4.47
C THR D 137 15.18 10.43 5.21
N TYR D 138 15.00 11.72 5.51
CA TYR D 138 15.92 12.48 6.36
C TYR D 138 15.23 12.81 7.69
N PRO D 139 15.76 12.29 8.80
CA PRO D 139 15.12 12.49 10.12
C PRO D 139 14.72 13.94 10.43
N TRP D 140 15.53 14.90 10.02
CA TRP D 140 15.25 16.29 10.37
C TRP D 140 14.51 17.11 9.32
N MET D 141 13.76 16.42 8.46
CA MET D 141 12.79 17.06 7.55
C MET D 141 11.39 17.11 8.17
N THR D 142 11.27 16.51 9.36
CA THR D 142 10.06 16.55 10.18
C THR D 142 10.53 16.43 11.62
N SER D 143 10.05 17.32 12.48
CA SER D 143 10.65 17.47 13.80
C SER D 143 9.67 17.98 14.84
N LEU D 144 9.80 17.46 16.06
CA LEU D 144 9.00 17.92 17.19
C LEU D 144 9.68 19.08 17.90
N THR D 145 8.88 20.00 18.42
CA THR D 145 9.36 21.02 19.35
C THR D 145 9.64 20.35 20.71
N PRO D 146 10.56 20.93 21.52
CA PRO D 146 10.97 20.27 22.76
C PRO D 146 9.83 19.90 23.72
N ASP D 147 8.78 20.71 23.77
CA ASP D 147 7.60 20.41 24.59
C ASP D 147 6.66 19.37 23.96
N GLY D 148 6.88 19.05 22.70
CA GLY D 148 6.10 18.02 22.01
C GLY D 148 4.67 18.37 21.65
N LYS D 149 4.34 19.66 21.72
CA LYS D 149 2.98 20.10 21.39
C LYS D 149 2.87 20.51 19.92
N THR D 150 4.02 20.60 19.26
CA THR D 150 4.03 21.00 17.86
C THR D 150 4.92 20.09 17.00
N LEU D 151 4.40 19.72 15.83
CA LEU D 151 5.18 19.01 14.83
C LEU D 151 5.48 19.98 13.68
N LEU D 152 6.73 19.99 13.23
CA LEU D 152 7.14 20.82 12.10
C LEU D 152 7.64 19.96 10.94
N PHE D 153 6.98 20.09 9.78
CA PHE D 153 7.36 19.33 8.60
C PHE D 153 7.82 20.26 7.48
N TYR D 154 8.72 19.75 6.64
CA TYR D 154 9.29 20.53 5.56
C TYR D 154 8.48 20.35 4.27
N GLN D 155 8.36 21.44 3.53
CA GLN D 155 7.77 21.44 2.20
C GLN D 155 8.79 22.02 1.24
N PHE D 156 9.04 21.31 0.14
CA PHE D 156 9.97 21.77 -0.90
C PHE D 156 9.24 22.40 -2.10
N SER D 157 8.01 21.96 -2.35
CA SER D 157 7.23 22.39 -3.50
C SER D 157 5.95 23.11 -3.09
N PRO D 158 5.65 24.28 -3.69
CA PRO D 158 6.37 24.94 -4.80
C PRO D 158 7.67 25.64 -4.39
N ALA D 159 7.89 25.80 -3.09
CA ALA D 159 9.05 26.50 -2.57
C ALA D 159 9.34 25.99 -1.15
N PRO D 160 10.60 26.13 -0.68
CA PRO D 160 10.90 25.80 0.71
C PRO D 160 9.91 26.49 1.66
N ALA D 161 9.25 25.68 2.49
CA ALA D 161 8.30 26.16 3.48
C ALA D 161 8.26 25.19 4.66
N VAL D 162 7.75 25.64 5.80
CA VAL D 162 7.64 24.76 6.98
C VAL D 162 6.23 24.79 7.56
N GLY D 163 5.65 23.61 7.71
CA GLY D 163 4.28 23.47 8.20
C GLY D 163 4.23 23.32 9.71
N VAL D 164 3.27 24.01 10.31
CA VAL D 164 3.05 23.98 11.76
C VAL D 164 1.80 23.16 12.10
N VAL D 165 2.03 22.00 12.70
CA VAL D 165 0.94 21.11 13.11
C VAL D 165 0.81 21.11 14.64
N ASP D 166 -0.37 21.49 15.13
CA ASP D 166 -0.67 21.50 16.56
C ASP D 166 -1.12 20.12 17.02
N LEU D 167 -0.26 19.45 17.80
CA LEU D 167 -0.56 18.11 18.28
C LEU D 167 -1.54 18.13 19.47
N GLU D 168 -1.46 19.17 20.28
CA GLU D 168 -2.33 19.30 21.45
C GLU D 168 -3.79 19.51 21.03
N GLY D 169 -4.01 20.42 20.09
CA GLY D 169 -5.34 20.67 19.53
C GLY D 169 -5.69 19.75 18.38
N LYS D 170 -4.72 18.93 17.95
CA LYS D 170 -4.89 17.97 16.86
C LYS D 170 -5.40 18.65 15.58
N ALA D 171 -4.66 19.67 15.14
CA ALA D 171 -5.06 20.49 14.00
C ALA D 171 -3.85 21.05 13.27
N PHE D 172 -3.93 21.11 11.95
CA PHE D 172 -2.96 21.83 11.16
C PHE D 172 -3.20 23.32 11.38
N LYS D 173 -2.12 24.09 11.50
CA LYS D 173 -2.25 25.51 11.77
C LYS D 173 -1.96 26.38 10.54
N ARG D 174 -0.72 26.34 10.06
CA ARG D 174 -0.30 27.13 8.89
C ARG D 174 1.03 26.68 8.28
N MET D 175 1.27 27.14 7.04
CA MET D 175 2.57 27.03 6.40
C MET D 175 3.37 28.30 6.68
N LEU D 176 4.66 28.14 6.97
CA LEU D 176 5.57 29.27 7.13
C LEU D 176 6.42 29.46 5.89
N ASP D 177 6.45 30.69 5.38
CA ASP D 177 7.34 31.07 4.28
C ASP D 177 8.75 31.20 4.85
N VAL D 178 9.71 30.51 4.23
CA VAL D 178 11.12 30.58 4.65
C VAL D 178 12.00 30.96 3.45
N PRO D 179 13.31 31.24 3.68
CA PRO D 179 14.21 31.45 2.53
C PRO D 179 14.62 30.13 1.87
N ASP D 180 15.63 30.16 1.01
CA ASP D 180 16.11 28.94 0.37
C ASP D 180 16.93 28.10 1.34
N CYS D 181 16.24 27.38 2.22
CA CYS D 181 16.87 26.60 3.28
C CYS D 181 16.22 25.22 3.48
N TYR D 182 16.87 24.40 4.30
CA TYR D 182 16.55 22.98 4.40
C TYR D 182 16.75 22.48 5.83
N HIS D 183 16.06 21.39 6.16
CA HIS D 183 16.10 20.76 7.49
C HIS D 183 15.47 21.64 8.57
N ILE D 184 15.03 21.01 9.65
CA ILE D 184 14.31 21.72 10.71
C ILE D 184 14.85 21.27 12.07
N PHE D 185 15.51 22.19 12.76
CA PHE D 185 16.05 21.91 14.10
C PHE D 185 15.40 22.81 15.16
N PRO D 186 14.34 22.30 15.82
CA PRO D 186 13.61 23.10 16.80
C PRO D 186 14.40 23.30 18.09
N THR D 187 14.30 24.50 18.66
CA THR D 187 15.05 24.88 19.85
C THR D 187 14.14 25.31 20.99
N ALA D 188 12.91 25.71 20.63
CA ALA D 188 11.94 26.22 21.60
C ALA D 188 10.53 25.93 21.09
N PRO D 189 9.51 26.15 21.93
CA PRO D 189 8.11 26.00 21.50
C PRO D 189 7.78 26.78 20.22
N ASP D 190 8.55 27.83 19.92
CA ASP D 190 8.23 28.76 18.84
C ASP D 190 9.42 29.11 17.94
N THR D 191 10.46 28.27 17.96
CA THR D 191 11.73 28.57 17.30
C THR D 191 12.41 27.33 16.71
N PHE D 192 12.84 27.44 15.46
CA PHE D 192 13.63 26.37 14.82
C PHE D 192 14.71 26.95 13.91
N PHE D 193 15.74 26.15 13.67
CA PHE D 193 16.83 26.53 12.80
C PHE D 193 16.81 25.68 11.51
N MET D 194 17.26 26.29 10.41
CA MET D 194 17.39 25.60 9.13
C MET D 194 18.80 25.83 8.60
N HIS D 195 19.21 25.02 7.62
CA HIS D 195 20.47 25.23 6.91
C HIS D 195 20.18 25.70 5.49
N CYS D 196 20.77 26.83 5.13
CA CYS D 196 20.50 27.50 3.87
C CYS D 196 21.55 27.24 2.81
N ARG D 197 21.14 27.43 1.56
CA ARG D 197 22.03 27.26 0.40
C ARG D 197 23.27 28.17 0.46
N ASP D 198 23.09 29.40 0.96
CA ASP D 198 24.17 30.39 1.01
C ASP D 198 25.26 30.06 2.03
N GLY D 199 25.06 28.99 2.80
CA GLY D 199 26.06 28.54 3.76
C GLY D 199 25.84 29.00 5.19
N SER D 200 24.75 29.74 5.40
CA SER D 200 24.37 30.19 6.73
C SER D 200 23.33 29.26 7.35
N LEU D 201 23.06 29.46 8.64
CA LEU D 201 21.87 28.92 9.27
C LEU D 201 20.80 30.00 9.35
N ALA D 202 19.54 29.61 9.30
CA ALA D 202 18.43 30.55 9.49
C ALA D 202 17.71 30.23 10.79
N LYS D 203 17.44 31.27 11.56
CA LYS D 203 16.66 31.16 12.78
C LYS D 203 15.26 31.62 12.43
N VAL D 204 14.26 30.78 12.70
CA VAL D 204 12.88 31.15 12.42
C VAL D 204 12.05 31.15 13.69
N ALA D 205 11.51 32.33 14.03
CA ALA D 205 10.66 32.49 15.21
C ALA D 205 9.22 32.78 14.79
N PHE D 206 8.31 31.93 15.21
CA PHE D 206 6.91 32.06 14.80
C PHE D 206 5.94 32.20 15.99
N GLY D 207 5.13 33.27 15.96
CA GLY D 207 4.09 33.46 16.96
C GLY D 207 2.83 32.67 16.60
N THR D 208 1.69 33.11 17.12
CA THR D 208 0.40 32.47 16.78
C THR D 208 -0.06 32.84 15.36
N GLU D 209 0.32 34.04 14.92
CA GLU D 209 0.00 34.52 13.58
C GLU D 209 1.03 35.58 13.15
N GLY D 210 1.09 35.85 11.85
CA GLY D 210 1.99 36.85 11.28
C GLY D 210 3.08 36.19 10.46
N THR D 211 3.94 37.02 9.88
CA THR D 211 5.14 36.53 9.20
C THR D 211 6.15 36.13 10.27
N PRO D 212 6.80 34.98 10.11
CA PRO D 212 7.85 34.60 11.05
C PRO D 212 9.03 35.57 10.99
N GLU D 213 9.70 35.73 12.13
CA GLU D 213 10.92 36.53 12.19
C GLU D 213 12.11 35.63 11.87
N ILE D 214 12.75 35.90 10.73
CA ILE D 214 13.84 35.07 10.22
C ILE D 214 15.17 35.82 10.28
N THR D 215 16.13 35.24 11.00
CA THR D 215 17.46 35.82 11.16
C THR D 215 18.49 34.85 10.61
N HIS D 216 19.54 35.39 9.99
CA HIS D 216 20.62 34.56 9.49
C HIS D 216 21.86 34.68 10.35
N THR D 217 22.61 33.59 10.47
CA THR D 217 23.94 33.63 11.05
C THR D 217 24.90 34.03 9.93
N GLU D 218 26.19 34.13 10.25
CA GLU D 218 27.19 34.30 9.21
C GLU D 218 27.40 32.94 8.52
N VAL D 219 27.86 32.98 7.27
CA VAL D 219 28.20 31.78 6.52
C VAL D 219 29.30 31.03 7.28
N PHE D 220 29.09 29.73 7.49
CA PHE D 220 30.02 28.93 8.30
C PHE D 220 30.74 27.83 7.52
N HIS D 221 30.49 27.76 6.23
CA HIS D 221 31.20 26.84 5.33
C HIS D 221 31.21 27.37 3.90
N PRO D 222 32.25 27.05 3.12
CA PRO D 222 32.29 27.48 1.72
C PRO D 222 31.39 26.65 0.80
N GLU D 223 31.18 27.13 -0.42
CA GLU D 223 30.33 26.49 -1.43
C GLU D 223 30.80 25.10 -1.88
N ASP D 224 32.11 24.86 -1.79
CA ASP D 224 32.71 23.59 -2.24
C ASP D 224 32.89 22.58 -1.09
N GLU D 225 32.33 22.91 0.08
CA GLU D 225 32.31 22.02 1.22
C GLU D 225 30.89 21.47 1.44
N PHE D 226 30.72 20.18 1.22
CA PHE D 226 29.40 19.57 1.17
C PHE D 226 28.95 18.92 2.48
N LEU D 227 27.87 19.45 3.04
CA LEU D 227 27.33 19.01 4.34
C LEU D 227 26.21 17.99 4.15
N ILE D 228 26.40 16.81 4.77
CA ILE D 228 25.55 15.64 4.50
C ILE D 228 24.06 15.81 4.84
N ASN D 229 23.23 14.91 4.30
CA ASN D 229 21.79 15.01 4.47
C ASN D 229 21.28 14.52 5.81
N HIS D 230 22.15 13.83 6.54
CA HIS D 230 21.80 13.25 7.82
C HIS D 230 22.71 13.72 8.97
N PRO D 231 22.61 15.00 9.37
CA PRO D 231 23.35 15.41 10.56
C PRO D 231 22.70 14.86 11.83
N ALA D 232 23.46 14.84 12.92
CA ALA D 232 22.93 14.48 14.24
C ALA D 232 22.50 15.75 14.97
N TYR D 233 21.33 15.71 15.57
CA TYR D 233 20.85 16.83 16.37
C TYR D 233 20.28 16.33 17.69
N SER D 234 20.91 16.75 18.78
CA SER D 234 20.41 16.49 20.12
C SER D 234 19.65 17.72 20.59
N GLN D 235 18.32 17.62 20.63
CA GLN D 235 17.47 18.74 21.01
C GLN D 235 17.71 19.18 22.46
N LYS D 236 17.86 18.20 23.35
CA LYS D 236 18.11 18.47 24.78
C LYS D 236 19.47 19.13 25.04
N ALA D 237 20.42 18.90 24.13
CA ALA D 237 21.73 19.54 24.22
C ALA D 237 21.77 20.81 23.40
N GLY D 238 20.87 20.91 22.42
CA GLY D 238 20.91 21.99 21.43
C GLY D 238 22.16 21.90 20.58
N ARG D 239 22.66 20.68 20.40
CA ARG D 239 23.89 20.43 19.67
C ARG D 239 23.61 19.92 18.26
N LEU D 240 24.12 20.66 17.29
CA LEU D 240 24.03 20.25 15.90
C LEU D 240 25.39 19.76 15.42
N VAL D 241 25.45 18.47 15.09
CA VAL D 241 26.68 17.81 14.66
C VAL D 241 26.58 17.54 13.17
N TRP D 242 27.34 18.29 12.38
CA TRP D 242 27.21 18.21 10.93
C TRP D 242 28.51 17.87 10.20
N PRO D 243 28.71 16.60 9.85
CA PRO D 243 29.88 16.17 9.07
C PRO D 243 29.77 16.54 7.60
N THR D 244 30.93 16.70 6.97
CA THR D 244 31.03 16.98 5.55
C THR D 244 31.40 15.68 4.80
N TYR D 245 31.43 15.75 3.47
CA TYR D 245 31.82 14.62 2.62
C TYR D 245 33.20 14.03 2.96
N THR D 246 34.09 14.87 3.49
CA THR D 246 35.46 14.46 3.85
C THR D 246 35.56 13.99 5.30
N GLY D 247 34.52 14.26 6.10
CA GLY D 247 34.54 13.90 7.51
C GLY D 247 34.89 15.04 8.44
N LYS D 248 35.06 16.24 7.89
CA LYS D 248 35.18 17.44 8.71
C LYS D 248 33.83 17.66 9.41
N ILE D 249 33.85 17.93 10.71
CA ILE D 249 32.62 18.05 11.49
C ILE D 249 32.35 19.44 12.06
N HIS D 250 31.26 20.05 11.59
CA HIS D 250 30.80 21.32 12.14
C HIS D 250 29.95 21.06 13.37
N GLN D 251 30.24 21.77 14.45
CA GLN D 251 29.43 21.68 15.65
C GLN D 251 28.83 23.04 15.95
N ILE D 252 27.51 23.09 16.05
CA ILE D 252 26.81 24.32 16.41
C ILE D 252 26.05 24.14 17.72
N ASP D 253 26.31 25.04 18.66
CA ASP D 253 25.59 25.07 19.92
C ASP D 253 24.41 26.03 19.81
N LEU D 254 23.21 25.49 20.02
CA LEU D 254 21.98 26.26 19.87
C LEU D 254 21.24 26.43 21.21
N SER D 255 21.90 26.03 22.30
CA SER D 255 21.27 25.98 23.64
C SER D 255 20.86 27.32 24.23
N SER D 256 21.61 28.38 23.91
CA SER D 256 21.31 29.73 24.42
C SER D 256 20.16 30.38 23.65
N GLY D 257 19.66 29.70 22.63
CA GLY D 257 18.59 30.22 21.77
C GLY D 257 19.15 30.79 20.49
N ASP D 258 20.44 31.14 20.52
CA ASP D 258 21.16 31.63 19.35
C ASP D 258 22.30 30.67 19.00
N ALA D 259 22.71 30.69 17.72
CA ALA D 259 23.72 29.76 17.22
C ALA D 259 25.12 30.23 17.57
N LYS D 260 25.86 29.36 18.28
CA LYS D 260 27.27 29.63 18.58
C LYS D 260 28.11 28.52 17.97
N PHE D 261 29.05 28.91 17.11
CA PHE D 261 29.83 27.96 16.32
C PHE D 261 31.07 27.48 17.05
N LEU D 262 31.05 26.19 17.39
CA LEU D 262 32.16 25.54 18.09
C LEU D 262 33.34 25.31 17.15
N PRO D 263 34.55 25.06 17.72
CA PRO D 263 35.70 24.75 16.87
C PRO D 263 35.43 23.53 16.00
N ALA D 264 35.66 23.67 14.70
CA ALA D 264 35.50 22.57 13.75
C ALA D 264 36.49 21.45 14.09
N VAL D 265 36.08 20.21 13.86
CA VAL D 265 36.91 19.06 14.17
C VAL D 265 36.97 18.07 12.98
N GLU D 266 38.09 17.37 12.86
CA GLU D 266 38.29 16.38 11.81
C GLU D 266 38.12 14.97 12.35
N ALA D 267 37.14 14.25 11.81
CA ALA D 267 36.88 12.86 12.19
C ALA D 267 37.93 11.88 11.66
N LEU D 268 38.62 12.28 10.59
CA LEU D 268 39.69 11.48 10.03
C LEU D 268 40.98 12.29 10.00
N THR D 269 42.12 11.60 10.06
CA THR D 269 43.42 12.27 9.98
C THR D 269 43.76 12.58 8.52
N GLU D 270 44.71 13.49 8.33
CA GLU D 270 45.16 13.89 7.00
C GLU D 270 45.73 12.70 6.22
N ALA D 271 46.43 11.81 6.92
CA ALA D 271 47.00 10.61 6.33
C ALA D 271 45.90 9.68 5.82
N GLU D 272 44.88 9.48 6.65
CA GLU D 272 43.71 8.66 6.28
C GLU D 272 42.98 9.24 5.07
N ARG D 273 42.75 10.55 5.10
CA ARG D 273 42.12 11.26 3.99
C ARG D 273 42.89 11.10 2.68
N ALA D 274 44.22 11.17 2.75
CA ALA D 274 45.06 10.95 1.58
C ALA D 274 45.01 9.48 1.09
N ASP D 275 44.75 8.56 2.02
CA ASP D 275 44.53 7.14 1.69
C ASP D 275 43.08 6.80 1.32
N GLY D 276 42.26 7.83 1.13
CA GLY D 276 40.91 7.66 0.60
C GLY D 276 39.88 7.24 1.61
N TRP D 277 40.13 7.52 2.88
CA TRP D 277 39.15 7.32 3.93
C TRP D 277 38.12 8.45 3.89
N ARG D 278 36.86 8.06 3.76
CA ARG D 278 35.75 9.01 3.67
C ARG D 278 34.52 8.44 4.35
N PRO D 279 33.74 9.30 5.05
CA PRO D 279 32.46 8.86 5.58
C PRO D 279 31.54 8.42 4.44
N GLY D 280 30.64 7.50 4.74
CA GLY D 280 29.74 6.98 3.73
C GLY D 280 28.61 6.17 4.31
N GLY D 281 27.43 6.34 3.74
CA GLY D 281 26.24 5.62 4.15
C GLY D 281 25.01 6.48 4.08
N TRP D 282 24.14 6.31 5.06
CA TRP D 282 22.89 7.05 5.16
C TRP D 282 22.96 7.93 6.41
N GLN D 283 22.58 7.37 7.56
CA GLN D 283 22.81 8.02 8.84
C GLN D 283 24.26 7.77 9.25
N GLN D 284 25.16 8.60 8.73
CA GLN D 284 26.60 8.41 8.91
C GLN D 284 27.11 8.81 10.30
N VAL D 285 26.37 9.69 10.98
CA VAL D 285 26.83 10.24 12.26
C VAL D 285 25.86 9.97 13.41
N ALA D 286 26.43 9.73 14.59
CA ALA D 286 25.65 9.65 15.82
C ALA D 286 26.28 10.57 16.86
N TYR D 287 25.44 11.05 17.78
CA TYR D 287 25.89 11.89 18.88
C TYR D 287 25.29 11.40 20.21
N HIS D 288 26.18 11.10 21.16
CA HIS D 288 25.76 10.74 22.51
C HIS D 288 25.88 11.98 23.40
N ARG D 289 24.76 12.36 24.02
CA ARG D 289 24.71 13.60 24.78
C ARG D 289 25.54 13.56 26.07
N ALA D 290 25.23 12.62 26.95
CA ALA D 290 25.89 12.54 28.26
C ALA D 290 27.41 12.43 28.14
N LEU D 291 27.87 11.60 27.21
CA LEU D 291 29.30 11.41 27.00
C LEU D 291 29.93 12.48 26.12
N ASP D 292 29.08 13.32 25.47
CA ASP D 292 29.54 14.37 24.55
C ASP D 292 30.50 13.75 23.53
N ARG D 293 29.98 12.78 22.78
CA ARG D 293 30.79 11.89 21.95
C ARG D 293 30.18 11.75 20.54
N ILE D 294 31.04 11.76 19.53
CA ILE D 294 30.60 11.68 18.13
C ILE D 294 31.02 10.34 17.51
N TYR D 295 30.11 9.73 16.74
CA TYR D 295 30.35 8.45 16.09
C TYR D 295 30.13 8.62 14.59
N LEU D 296 31.09 8.17 13.78
CA LEU D 296 30.97 8.35 12.33
C LEU D 296 31.26 7.08 11.52
N LEU D 297 30.35 6.76 10.60
CA LEU D 297 30.54 5.67 9.65
C LEU D 297 31.57 6.10 8.61
N VAL D 298 32.69 5.37 8.55
CA VAL D 298 33.78 5.70 7.63
C VAL D 298 34.26 4.43 6.91
N ASP D 299 34.92 4.62 5.77
CA ASP D 299 35.55 3.53 5.03
C ASP D 299 36.47 4.11 3.94
N GLN D 300 37.25 3.25 3.30
CA GLN D 300 38.01 3.61 2.10
C GLN D 300 37.10 3.50 0.89
N ARG D 301 37.00 4.59 0.13
CA ARG D 301 36.04 4.73 -0.97
C ARG D 301 36.41 5.87 -1.90
N ASP D 302 35.98 5.77 -3.16
CA ASP D 302 36.02 6.89 -4.11
C ASP D 302 35.14 8.03 -3.58
N GLU D 303 35.49 9.27 -3.93
CA GLU D 303 34.79 10.46 -3.40
C GLU D 303 33.31 10.56 -3.77
N TRP D 304 32.89 9.85 -4.83
CA TRP D 304 31.47 9.89 -5.24
C TRP D 304 30.72 8.60 -4.92
N ARG D 305 31.25 7.83 -3.98
CA ARG D 305 30.54 6.67 -3.43
C ARG D 305 30.10 6.96 -2.01
N HIS D 306 29.54 8.15 -1.81
CA HIS D 306 29.18 8.65 -0.48
C HIS D 306 27.93 8.03 0.15
N LYS D 307 27.15 7.31 -0.65
CA LYS D 307 25.91 6.69 -0.15
C LYS D 307 26.05 5.17 0.03
N THR D 308 27.24 4.64 -0.22
CA THR D 308 27.48 3.20 -0.04
C THR D 308 27.68 2.88 1.43
N ALA D 309 27.55 1.60 1.76
CA ALA D 309 27.72 1.12 3.13
C ALA D 309 29.17 1.29 3.58
N SER D 310 29.36 1.42 4.89
CA SER D 310 30.69 1.49 5.48
C SER D 310 30.86 0.36 6.48
N ARG D 311 32.11 -0.07 6.68
CA ARG D 311 32.42 -1.20 7.55
C ARG D 311 33.12 -0.77 8.82
N PHE D 312 33.28 0.54 9.01
CA PHE D 312 33.98 1.04 10.19
C PHE D 312 33.24 2.19 10.86
N VAL D 313 33.42 2.29 12.18
CA VAL D 313 32.95 3.45 12.92
C VAL D 313 34.14 4.00 13.70
N VAL D 314 34.32 5.31 13.61
CA VAL D 314 35.28 6.01 14.46
C VAL D 314 34.55 6.80 15.54
N VAL D 315 35.12 6.80 16.74
CA VAL D 315 34.53 7.51 17.87
C VAL D 315 35.51 8.60 18.33
N LEU D 316 35.00 9.82 18.49
CA LEU D 316 35.85 10.96 18.86
C LEU D 316 35.21 11.82 19.95
N ASP D 317 36.05 12.45 20.77
CA ASP D 317 35.59 13.40 21.78
C ASP D 317 35.16 14.70 21.10
N ALA D 318 33.90 15.08 21.31
CA ALA D 318 33.34 16.26 20.65
C ALA D 318 34.05 17.56 21.01
N LYS D 319 34.43 17.70 22.28
CA LYS D 319 35.05 18.92 22.79
C LYS D 319 36.47 19.13 22.27
N THR D 320 37.21 18.03 22.12
CA THR D 320 38.64 18.10 21.79
C THR D 320 38.93 17.62 20.37
N GLY D 321 38.22 16.60 19.93
CA GLY D 321 38.40 16.04 18.60
C GLY D 321 39.37 14.88 18.55
N GLU D 322 39.81 14.41 19.71
CA GLU D 322 40.68 13.24 19.79
C GLU D 322 39.89 11.97 19.53
N ARG D 323 40.44 11.09 18.70
CA ARG D 323 39.85 9.77 18.48
C ARG D 323 39.91 8.93 19.75
N LEU D 324 38.76 8.38 20.14
CA LEU D 324 38.67 7.53 21.32
C LEU D 324 38.66 6.05 20.95
N ALA D 325 38.24 5.74 19.72
CA ALA D 325 38.17 4.36 19.24
C ALA D 325 37.88 4.29 17.73
N LYS D 326 38.24 3.16 17.13
CA LYS D 326 37.88 2.84 15.76
C LYS D 326 37.49 1.37 15.70
N PHE D 327 36.23 1.12 15.34
CA PHE D 327 35.69 -0.24 15.29
C PHE D 327 35.58 -0.78 13.88
N GLU D 328 35.94 -2.06 13.72
CA GLU D 328 35.64 -2.82 12.51
C GLU D 328 34.29 -3.48 12.75
N MET D 329 33.27 -3.03 12.02
CA MET D 329 31.88 -3.39 12.32
C MET D 329 31.49 -4.83 11.97
N GLY D 330 32.13 -5.38 10.94
CA GLY D 330 31.91 -6.78 10.56
C GLY D 330 30.77 -7.01 9.57
N HIS D 331 30.05 -5.93 9.24
CA HIS D 331 28.98 -5.98 8.23
C HIS D 331 28.96 -4.70 7.39
N GLU D 332 28.22 -4.73 6.29
CA GLU D 332 27.99 -3.56 5.45
C GLU D 332 26.95 -2.68 6.14
N ILE D 333 27.38 -1.57 6.72
CA ILE D 333 26.51 -0.71 7.53
C ILE D 333 26.16 0.62 6.87
N ASP D 334 24.87 0.93 6.84
CA ASP D 334 24.39 2.16 6.22
C ASP D 334 24.09 3.27 7.21
N SER D 335 23.54 2.89 8.36
CA SER D 335 23.10 3.86 9.35
C SER D 335 23.52 3.48 10.77
N ILE D 336 23.88 4.49 11.54
CA ILE D 336 24.17 4.30 12.96
C ILE D 336 23.36 5.27 13.81
N ASN D 337 23.21 4.88 15.07
CA ASN D 337 22.68 5.73 16.12
C ASN D 337 23.07 5.07 17.44
N VAL D 338 22.86 5.76 18.55
CA VAL D 338 23.16 5.23 19.87
C VAL D 338 21.97 5.41 20.81
N SER D 339 21.93 4.61 21.86
CA SER D 339 21.03 4.85 22.98
C SER D 339 21.62 5.98 23.82
N GLN D 340 20.75 6.76 24.46
CA GLN D 340 21.19 7.95 25.21
C GLN D 340 21.34 7.70 26.71
N ASP D 341 21.51 6.44 27.09
CA ASP D 341 21.76 6.06 28.47
C ASP D 341 23.26 5.78 28.70
N GLU D 342 23.64 5.53 29.95
CA GLU D 342 25.01 5.11 30.30
C GLU D 342 25.29 3.71 29.75
N LYS D 343 26.56 3.44 29.45
CA LYS D 343 26.99 2.19 28.81
C LYS D 343 26.19 1.97 27.52
N PRO D 344 26.12 3.01 26.65
CA PRO D 344 25.18 3.00 25.53
C PRO D 344 25.39 1.86 24.52
N LEU D 345 24.31 1.50 23.83
CA LEU D 345 24.39 0.59 22.71
C LEU D 345 24.69 1.39 21.46
N LEU D 346 25.50 0.83 20.58
CA LEU D 346 25.68 1.37 19.24
C LEU D 346 24.87 0.53 18.25
N TYR D 347 23.93 1.19 17.59
CA TYR D 347 23.08 0.55 16.60
C TYR D 347 23.67 0.73 15.24
N ALA D 348 23.77 -0.37 14.50
CA ALA D 348 24.33 -0.37 13.17
C ALA D 348 23.36 -1.08 12.25
N LEU D 349 22.66 -0.30 11.42
CA LEU D 349 21.66 -0.84 10.52
C LEU D 349 22.23 -1.07 9.11
N SER D 350 21.98 -2.28 8.61
CA SER D 350 22.38 -2.70 7.26
C SER D 350 21.14 -2.78 6.35
N THR D 351 21.10 -1.91 5.34
CA THR D 351 19.99 -1.85 4.39
C THR D 351 19.95 -3.12 3.52
N GLY D 352 21.14 -3.58 3.11
CA GLY D 352 21.26 -4.77 2.28
C GLY D 352 20.89 -6.08 2.96
N ASP D 353 21.30 -6.22 4.23
CA ASP D 353 20.98 -7.41 5.04
C ASP D 353 19.59 -7.34 5.70
N LYS D 354 18.98 -6.15 5.66
CA LYS D 354 17.73 -5.85 6.39
C LYS D 354 17.81 -6.21 7.87
N THR D 355 18.93 -5.84 8.49
CA THR D 355 19.24 -6.28 9.84
C THR D 355 19.77 -5.14 10.70
N LEU D 356 19.22 -5.01 11.90
CA LEU D 356 19.78 -4.11 12.89
C LEU D 356 20.77 -4.89 13.72
N TYR D 357 22.04 -4.54 13.60
CA TYR D 357 23.10 -5.13 14.41
C TYR D 357 23.31 -4.26 15.63
N ILE D 358 23.29 -4.87 16.81
CA ILE D 358 23.36 -4.15 18.07
C ILE D 358 24.69 -4.41 18.77
N HIS D 359 25.47 -3.33 18.93
CA HIS D 359 26.81 -3.39 19.47
C HIS D 359 26.92 -2.64 20.80
N ASP D 360 27.88 -3.07 21.62
CA ASP D 360 28.35 -2.28 22.76
C ASP D 360 29.12 -1.07 22.20
N ALA D 361 28.70 0.14 22.56
CA ALA D 361 29.32 1.36 22.06
C ALA D 361 30.72 1.59 22.63
N GLU D 362 31.00 0.96 23.76
CA GLU D 362 32.30 1.06 24.40
C GLU D 362 33.35 0.22 23.68
N SER D 363 33.08 -1.08 23.53
CA SER D 363 34.03 -2.00 22.90
C SER D 363 33.84 -2.16 21.40
N GLY D 364 32.67 -1.79 20.90
CA GLY D 364 32.32 -1.98 19.49
C GLY D 364 31.99 -3.42 19.13
N GLU D 365 31.91 -4.29 20.14
CA GLU D 365 31.60 -5.69 19.95
C GLU D 365 30.13 -5.90 19.60
N GLU D 366 29.86 -6.78 18.64
CA GLU D 366 28.49 -7.15 18.29
C GLU D 366 27.90 -8.04 19.38
N LEU D 367 26.70 -7.68 19.83
CA LEU D 367 26.03 -8.39 20.92
C LEU D 367 24.88 -9.26 20.43
N ARG D 368 24.06 -8.68 19.55
CA ARG D 368 22.88 -9.34 19.00
C ARG D 368 22.41 -8.63 17.74
N SER D 369 21.49 -9.26 17.02
CA SER D 369 20.94 -8.68 15.79
C SER D 369 19.47 -9.05 15.60
N VAL D 370 18.76 -8.16 14.92
CA VAL D 370 17.36 -8.40 14.55
C VAL D 370 17.28 -8.32 13.03
N ASN D 371 16.99 -9.45 12.41
CA ASN D 371 16.93 -9.54 10.96
C ASN D 371 15.51 -9.30 10.45
N GLN D 372 15.31 -9.49 9.14
CA GLN D 372 14.00 -9.45 8.50
C GLN D 372 13.24 -8.13 8.74
N LEU D 373 13.97 -7.02 8.74
CA LEU D 373 13.38 -5.70 8.97
C LEU D 373 12.98 -5.02 7.65
N GLY D 374 12.04 -5.64 6.94
CA GLY D 374 11.46 -5.03 5.74
C GLY D 374 12.29 -5.22 4.48
N HIS D 375 12.20 -4.23 3.60
CA HIS D 375 12.74 -4.36 2.25
C HIS D 375 14.04 -3.57 2.05
N GLY D 376 14.10 -2.37 2.63
CA GLY D 376 15.32 -1.55 2.60
C GLY D 376 15.41 -0.61 3.80
N PRO D 377 15.56 -1.16 5.02
CA PRO D 377 15.51 -0.31 6.22
C PRO D 377 16.68 0.67 6.25
N GLN D 378 16.39 1.90 6.67
CA GLN D 378 17.37 2.98 6.56
C GLN D 378 17.51 3.90 7.77
N VAL D 379 16.44 4.07 8.54
CA VAL D 379 16.44 5.11 9.59
C VAL D 379 16.27 4.57 11.02
N ILE D 380 17.26 4.86 11.86
CA ILE D 380 17.23 4.50 13.27
C ILE D 380 16.84 5.73 14.12
N THR D 381 15.88 5.55 15.03
CA THR D 381 15.52 6.62 15.96
C THR D 381 15.49 6.09 17.38
N THR D 382 16.00 6.90 18.31
CA THR D 382 15.96 6.58 19.75
C THR D 382 15.48 7.79 20.52
N ALA D 383 14.76 7.55 21.61
CA ALA D 383 14.35 8.63 22.51
C ALA D 383 15.48 8.94 23.47
N ASP D 384 15.71 10.22 23.74
CA ASP D 384 16.64 10.64 24.78
C ASP D 384 15.84 10.89 26.06
N MET D 385 15.78 9.89 26.93
CA MET D 385 14.89 9.92 28.09
C MET D 385 15.52 10.44 29.39
N GLY D 386 16.84 10.40 29.49
CA GLY D 386 17.55 10.85 30.69
C GLY D 386 17.60 12.36 30.88
N THR E 7 14.53 -28.60 5.23
CA THR E 7 15.39 -28.11 4.10
C THR E 7 14.99 -28.71 2.75
N ASP E 8 14.59 -29.98 2.76
CA ASP E 8 13.90 -30.59 1.62
C ASP E 8 12.44 -30.17 1.75
N PRO E 9 11.97 -29.26 0.86
CA PRO E 9 10.59 -28.79 1.01
C PRO E 9 9.53 -29.86 0.80
N ARG E 10 9.84 -30.87 -0.02
CA ARG E 10 8.88 -31.92 -0.35
C ARG E 10 8.86 -33.09 0.64
N ALA E 11 9.84 -33.12 1.54
CA ALA E 11 9.93 -34.18 2.55
C ALA E 11 8.82 -34.07 3.58
N LYS E 12 8.44 -35.22 4.14
CA LYS E 12 7.47 -35.27 5.23
C LYS E 12 7.89 -34.33 6.34
N TRP E 13 6.94 -33.52 6.78
CA TRP E 13 7.15 -32.51 7.80
C TRP E 13 7.40 -33.18 9.15
N VAL E 14 8.41 -32.70 9.87
CA VAL E 14 8.76 -33.25 11.18
C VAL E 14 8.64 -32.18 12.27
N PRO E 15 7.66 -32.34 13.16
CA PRO E 15 7.41 -31.40 14.28
C PRO E 15 8.51 -31.43 15.35
N GLN E 16 8.77 -30.28 15.95
CA GLN E 16 9.64 -30.15 17.13
C GLN E 16 8.92 -29.33 18.20
N ASP E 17 9.34 -29.47 19.45
CA ASP E 17 8.79 -28.68 20.54
C ASP E 17 9.90 -27.96 21.30
N ASN E 18 10.75 -27.25 20.55
CA ASN E 18 11.90 -26.57 21.15
C ASN E 18 12.11 -25.12 20.69
N ASP E 19 11.38 -24.68 19.65
CA ASP E 19 11.51 -23.32 19.13
C ASP E 19 10.26 -22.88 18.36
N ILE E 20 9.51 -21.92 18.91
CA ILE E 20 8.23 -21.47 18.33
C ILE E 20 8.39 -20.55 17.11
N GLN E 21 9.61 -20.03 16.91
CA GLN E 21 9.90 -19.15 15.78
C GLN E 21 10.30 -19.92 14.49
N ALA E 22 10.48 -21.23 14.61
CA ALA E 22 10.84 -22.04 13.46
C ALA E 22 9.59 -22.65 12.84
N CYS E 23 9.61 -22.81 11.51
CA CYS E 23 8.46 -23.32 10.76
C CYS E 23 8.15 -24.79 11.05
N ASP E 24 9.08 -25.50 11.68
CA ASP E 24 8.80 -26.88 12.07
C ASP E 24 8.30 -27.02 13.51
N TYR E 25 7.99 -25.90 14.17
CA TYR E 25 7.36 -25.95 15.48
C TYR E 25 6.02 -26.68 15.37
N TRP E 26 5.76 -27.59 16.30
CA TRP E 26 4.65 -28.54 16.14
C TRP E 26 3.25 -27.91 15.98
N ARG E 27 3.01 -26.79 16.67
CA ARG E 27 1.69 -26.13 16.60
C ARG E 27 1.46 -25.47 15.25
N HIS E 28 2.54 -25.27 14.49
CA HIS E 28 2.47 -24.57 13.21
C HIS E 28 2.19 -25.52 12.04
N CYS E 29 1.66 -26.71 12.34
CA CYS E 29 1.50 -27.76 11.34
C CYS E 29 0.55 -27.41 10.17
N SER E 30 -0.33 -26.43 10.36
CA SER E 30 -1.16 -25.95 9.25
C SER E 30 -1.26 -24.43 9.24
N ILE E 31 -0.18 -23.78 9.66
CA ILE E 31 -0.09 -22.33 9.60
C ILE E 31 0.16 -21.84 8.17
N ASP E 32 -0.43 -20.69 7.84
CA ASP E 32 -0.18 -20.03 6.58
C ASP E 32 -0.01 -18.53 6.80
N GLY E 33 1.22 -18.05 6.68
CA GLY E 33 1.49 -16.62 6.82
C GLY E 33 2.74 -16.35 7.63
N ASN E 34 2.56 -15.72 8.80
CA ASN E 34 3.68 -15.31 9.64
C ASN E 34 3.41 -15.60 11.12
N ILE E 35 4.45 -16.00 11.84
CA ILE E 35 4.36 -16.31 13.27
C ILE E 35 4.34 -15.02 14.07
N CYS E 36 3.25 -14.81 14.82
CA CYS E 36 3.00 -13.55 15.53
C CYS E 36 4.08 -13.20 16.54
N ASP E 37 4.70 -14.22 17.13
CA ASP E 37 5.81 -14.02 18.06
C ASP E 37 6.95 -13.17 17.49
N CYS E 38 7.09 -13.17 16.16
CA CYS E 38 8.17 -12.44 15.49
C CYS E 38 7.87 -10.97 15.16
N SER E 39 6.69 -10.47 15.55
CA SER E 39 6.39 -9.05 15.35
C SER E 39 5.75 -8.36 16.56
N GLY E 40 6.06 -8.87 17.75
CA GLY E 40 5.61 -8.24 18.99
C GLY E 40 4.42 -8.91 19.66
N GLY E 41 3.91 -9.97 19.05
CA GLY E 41 2.89 -10.80 19.69
C GLY E 41 3.57 -11.90 20.51
N SER E 42 2.85 -13.01 20.69
CA SER E 42 3.47 -14.22 21.27
C SER E 42 2.87 -15.43 20.60
N LEU E 43 3.16 -16.63 21.12
CA LEU E 43 2.58 -17.84 20.54
C LEU E 43 1.07 -17.74 20.39
N THR E 44 0.40 -17.20 21.41
CA THR E 44 -1.07 -17.17 21.43
C THR E 44 -1.69 -15.77 21.61
N ASN E 45 -0.89 -14.73 21.37
CA ASN E 45 -1.37 -13.34 21.49
C ASN E 45 -0.93 -12.46 20.32
N CYS E 46 -1.78 -11.51 19.94
CA CYS E 46 -1.52 -10.57 18.86
C CYS E 46 -0.59 -9.43 19.30
N PRO E 47 0.19 -8.87 18.36
CA PRO E 47 1.05 -7.71 18.63
C PRO E 47 0.22 -6.44 18.84
N PRO E 48 0.80 -5.42 19.51
CA PRO E 48 0.05 -4.17 19.73
C PRO E 48 -0.44 -3.56 18.42
N GLY E 49 -1.64 -2.99 18.45
CA GLY E 49 -2.17 -2.28 17.29
C GLY E 49 -2.95 -3.12 16.31
N THR E 50 -2.77 -4.44 16.36
CA THR E 50 -3.51 -5.36 15.49
C THR E 50 -4.81 -5.78 16.19
N LYS E 51 -5.68 -6.47 15.45
CA LYS E 51 -6.98 -6.90 15.99
C LYS E 51 -7.15 -8.42 15.86
N LEU E 52 -7.52 -9.05 16.98
CA LEU E 52 -7.67 -10.51 17.04
C LEU E 52 -8.97 -10.97 16.41
N ALA E 53 -8.85 -11.83 15.40
CA ALA E 53 -10.02 -12.42 14.76
C ALA E 53 -10.70 -13.41 15.71
N THR E 54 -11.98 -13.66 15.48
CA THR E 54 -12.65 -14.72 16.23
C THR E 54 -12.72 -16.01 15.40
N ALA E 55 -12.77 -15.87 14.08
CA ALA E 55 -12.80 -17.02 13.17
C ALA E 55 -11.45 -17.74 13.12
N SER E 56 -11.46 -19.00 12.68
CA SER E 56 -10.21 -19.74 12.53
C SER E 56 -10.23 -20.90 11.54
N 0AF E 57 -9.09 -21.25 11.02
CA 0AF E 57 -8.97 -22.59 10.43
C 0AF E 57 -8.33 -23.46 11.47
O 0AF E 57 -7.56 -23.04 12.27
CB 0AF E 57 -8.35 -22.63 9.04
CG 0AF E 57 -6.91 -22.23 9.08
CD1 0AF E 57 -5.93 -23.13 9.30
CD2 0AF E 57 -6.30 -21.00 8.96
NE1 0AF E 57 -4.79 -22.50 9.30
CE2 0AF E 57 -4.99 -21.21 9.10
CE3 0AF E 57 -6.79 -19.73 8.72
CZ2 0AF E 57 -4.12 -20.15 9.00
O1 0AF E 57 -2.84 -20.45 9.16
CZ3 0AF E 57 -5.89 -18.64 8.66
CH2 0AF E 57 -4.54 -18.84 8.80
N VAL E 58 -8.73 -24.69 11.47
CA VAL E 58 -8.22 -25.76 12.39
C VAL E 58 -7.33 -26.83 11.77
N ALA E 59 -6.50 -27.42 12.63
CA ALA E 59 -5.75 -28.62 12.29
C ALA E 59 -5.46 -29.46 13.51
N SER E 60 -5.42 -30.76 13.30
CA SER E 60 -4.92 -31.70 14.30
C SER E 60 -3.40 -31.75 14.13
N CYS E 61 -2.68 -31.23 15.12
CA CYS E 61 -1.21 -31.22 15.09
C CYS E 61 -0.65 -32.14 16.16
N TYR E 62 0.30 -32.99 15.75
CA TYR E 62 0.97 -33.92 16.67
C TYR E 62 2.02 -33.20 17.51
N ASN E 63 1.91 -33.35 18.83
CA ASN E 63 2.91 -32.80 19.75
C ASN E 63 3.96 -33.85 20.12
N PRO E 64 5.22 -33.70 19.64
CA PRO E 64 6.25 -34.71 19.91
C PRO E 64 6.73 -34.75 21.36
N THR E 65 6.32 -33.77 22.17
CA THR E 65 6.61 -33.78 23.60
C THR E 65 5.76 -34.79 24.35
N ASP E 66 4.46 -34.89 24.00
CA ASP E 66 3.55 -35.75 24.77
C ASP E 66 2.80 -36.83 23.97
N GLY E 67 3.14 -36.96 22.69
CA GLY E 67 2.54 -37.99 21.85
C GLY E 67 1.06 -37.77 21.58
N GLN E 68 0.54 -36.62 22.00
CA GLN E 68 -0.86 -36.31 21.82
C GLN E 68 -1.07 -35.41 20.61
N SER E 69 -2.26 -35.52 20.02
CA SER E 69 -2.67 -34.69 18.91
C SER E 69 -3.68 -33.67 19.40
N TYR E 70 -3.40 -32.40 19.11
CA TYR E 70 -4.23 -31.30 19.59
C TYR E 70 -4.82 -30.54 18.41
N LEU E 71 -6.04 -30.06 18.61
CA LEU E 71 -6.65 -29.12 17.68
C LEU E 71 -6.07 -27.74 17.92
N ILE E 72 -5.45 -27.19 16.87
CA ILE E 72 -4.97 -25.83 16.87
C ILE E 72 -5.97 -25.03 16.05
N ALA E 73 -6.53 -23.97 16.65
CA ALA E 73 -7.37 -23.03 15.92
C ALA E 73 -6.55 -21.81 15.57
N TYR E 74 -6.09 -21.75 14.33
CA TYR E 74 -5.24 -20.68 13.86
C TYR E 74 -6.01 -19.38 13.66
N ARG E 75 -5.88 -18.47 14.63
CA ARG E 75 -6.55 -17.18 14.56
C ARG E 75 -5.59 -16.12 14.05
N ASP E 76 -6.10 -15.24 13.21
CA ASP E 76 -5.28 -14.20 12.60
C ASP E 76 -5.33 -12.92 13.41
N CYS E 77 -4.23 -12.20 13.41
CA CYS E 77 -4.14 -10.86 13.93
C CYS E 77 -4.16 -9.95 12.72
N CYS E 78 -5.10 -9.00 12.72
CA CYS E 78 -5.53 -8.32 11.53
C CYS E 78 -5.45 -6.81 11.68
N GLY E 79 -5.54 -6.08 10.57
CA GLY E 79 -5.53 -4.63 10.59
C GLY E 79 -4.18 -4.00 10.34
N TYR E 80 -3.19 -4.85 10.05
CA TYR E 80 -1.83 -4.44 9.74
C TYR E 80 -1.39 -5.14 8.46
N ASN E 81 -0.53 -4.48 7.69
CA ASN E 81 0.18 -5.12 6.58
C ASN E 81 0.94 -6.33 7.11
N VAL E 82 1.18 -7.32 6.25
CA VAL E 82 1.86 -8.56 6.66
C VAL E 82 3.21 -8.28 7.31
N SER E 83 3.50 -8.96 8.41
CA SER E 83 4.69 -8.69 9.21
C SER E 83 6.00 -8.81 8.43
N GLY E 84 6.09 -9.83 7.56
CA GLY E 84 7.31 -10.10 6.83
C GLY E 84 8.38 -10.82 7.65
N ARG E 85 8.09 -11.08 8.92
CA ARG E 85 9.04 -11.79 9.80
C ARG E 85 8.53 -13.21 10.09
N CYS E 86 9.46 -14.17 10.12
CA CYS E 86 9.16 -15.61 10.26
C CYS E 86 8.00 -16.08 9.37
N PRO E 87 8.17 -15.99 8.03
CA PRO E 87 7.12 -16.55 7.16
C PRO E 87 7.15 -18.08 7.22
N CYS E 88 5.97 -18.70 7.23
CA CYS E 88 5.83 -20.16 7.21
C CYS E 88 4.56 -20.57 6.48
N LEU E 89 4.63 -21.70 5.78
CA LEU E 89 3.47 -22.32 5.17
C LEU E 89 3.54 -23.82 5.30
N ASN E 90 2.64 -24.37 6.12
CA ASN E 90 2.53 -25.80 6.33
C ASN E 90 1.08 -26.19 6.12
N THR E 91 0.87 -27.44 5.72
CA THR E 91 -0.47 -27.88 5.34
C THR E 91 -0.82 -29.30 5.81
N GLU E 92 -0.39 -29.67 7.02
CA GLU E 92 -0.73 -30.99 7.56
C GLU E 92 -2.22 -31.08 7.77
N GLY E 93 -2.85 -31.99 7.02
CA GLY E 93 -4.30 -32.15 7.03
C GLY E 93 -5.10 -31.12 6.22
N GLU E 94 -4.42 -30.10 5.69
CA GLU E 94 -5.10 -28.97 5.04
C GLU E 94 -5.91 -29.40 3.83
N LEU E 95 -7.19 -29.05 3.86
CA LEU E 95 -8.12 -29.44 2.80
C LEU E 95 -8.50 -28.24 1.91
N PRO E 96 -9.07 -28.51 0.72
CA PRO E 96 -9.39 -27.42 -0.19
C PRO E 96 -10.48 -26.49 0.33
N VAL E 97 -10.67 -25.38 -0.35
CA VAL E 97 -11.53 -24.29 0.11
C VAL E 97 -12.96 -24.73 0.44
N TYR E 98 -13.45 -25.77 -0.24
CA TYR E 98 -14.82 -26.24 -0.05
C TYR E 98 -15.02 -26.98 1.28
N ARG E 99 -13.91 -27.25 1.96
CA ARG E 99 -13.92 -27.73 3.35
C ARG E 99 -13.20 -26.67 4.19
N PRO E 100 -13.78 -25.44 4.28
CA PRO E 100 -13.08 -24.24 4.77
C PRO E 100 -12.56 -24.30 6.20
N GLU E 101 -13.19 -25.10 7.05
CA GLU E 101 -12.72 -25.27 8.43
C GLU E 101 -11.29 -25.84 8.48
N PHE E 102 -10.86 -26.48 7.39
CA PHE E 102 -9.50 -27.03 7.29
C PHE E 102 -8.66 -26.32 6.22
N ALA E 103 -9.17 -25.22 5.69
CA ALA E 103 -8.54 -24.53 4.57
C ALA E 103 -7.73 -23.32 5.03
N ASN E 104 -6.47 -23.23 4.62
CA ASN E 104 -5.59 -22.16 5.14
C ASN E 104 -5.15 -21.04 4.19
N ASP E 105 -5.71 -20.97 2.99
CA ASP E 105 -5.46 -19.82 2.09
C ASP E 105 -6.38 -18.66 2.46
N ILE E 106 -7.48 -18.99 3.13
CA ILE E 106 -8.48 -18.00 3.54
C ILE E 106 -7.89 -17.07 4.60
N ILE E 107 -8.16 -15.77 4.46
CA ILE E 107 -7.74 -14.83 5.50
C ILE E 107 -8.78 -14.93 6.61
N TRP E 108 -8.41 -15.59 7.70
CA TRP E 108 -9.34 -15.84 8.78
C TRP E 108 -9.35 -14.67 9.74
N CYS E 109 -9.90 -13.54 9.27
CA CYS E 109 -9.92 -12.31 10.03
C CYS E 109 -11.32 -11.90 10.51
N PHE E 110 -12.32 -12.72 10.17
CA PHE E 110 -13.72 -12.41 10.53
C PHE E 110 -13.86 -12.33 12.04
N GLY E 111 -14.66 -11.36 12.49
CA GLY E 111 -14.85 -11.12 13.91
C GLY E 111 -13.83 -10.19 14.55
N ALA E 112 -12.78 -9.83 13.81
CA ALA E 112 -11.81 -8.85 14.32
C ALA E 112 -12.49 -7.51 14.58
N GLU E 113 -12.08 -6.84 15.67
CA GLU E 113 -12.58 -5.51 16.01
C GLU E 113 -12.35 -4.53 14.86
N ASP E 114 -13.23 -3.52 14.74
CA ASP E 114 -13.16 -2.49 13.70
C ASP E 114 -13.20 -3.03 12.26
N ASP E 115 -13.82 -4.20 12.09
CA ASP E 115 -13.91 -4.88 10.77
C ASP E 115 -12.55 -5.14 10.11
N ALA E 116 -11.49 -5.29 10.91
CA ALA E 116 -10.14 -5.51 10.37
C ALA E 116 -10.08 -6.80 9.55
N MET E 117 -9.58 -6.70 8.32
CA MET E 117 -9.56 -7.85 7.40
C MET E 117 -8.22 -8.07 6.67
N THR E 118 -7.27 -7.15 6.84
CA THR E 118 -5.91 -7.36 6.33
C THR E 118 -5.16 -8.33 7.21
N TYR E 119 -4.27 -9.10 6.61
CA TYR E 119 -3.50 -10.12 7.31
C TYR E 119 -2.15 -9.62 7.84
N HIS E 120 -1.91 -9.79 9.14
CA HIS E 120 -0.60 -9.44 9.71
C HIS E 120 0.21 -10.67 10.15
N CYS E 121 -0.41 -11.52 10.97
CA CYS E 121 0.22 -12.75 11.44
C CYS E 121 -0.84 -13.67 12.05
N THR E 122 -0.42 -14.90 12.38
CA THR E 122 -1.30 -15.94 12.88
C THR E 122 -0.81 -16.43 14.25
N ILE E 123 -1.75 -16.68 15.16
CA ILE E 123 -1.41 -17.28 16.45
C ILE E 123 -1.77 -18.78 16.46
N SER E 124 -1.13 -19.53 17.35
CA SER E 124 -1.28 -20.98 17.39
C SER E 124 -1.75 -21.52 18.75
N PRO E 125 -3.00 -21.19 19.15
CA PRO E 125 -3.52 -21.71 20.42
C PRO E 125 -4.11 -23.12 20.27
N ILE E 126 -4.02 -23.91 21.33
CA ILE E 126 -4.73 -25.19 21.43
C ILE E 126 -6.16 -24.90 21.87
N VAL E 127 -7.14 -25.46 21.14
CA VAL E 127 -8.56 -25.32 21.50
C VAL E 127 -9.21 -26.62 22.02
N GLY E 128 -8.55 -27.75 21.79
CA GLY E 128 -9.06 -29.03 22.25
C GLY E 128 -8.18 -30.19 21.81
N LYS E 129 -8.54 -31.39 22.24
CA LYS E 129 -7.84 -32.60 21.80
C LYS E 129 -8.46 -33.12 20.50
N ALA E 130 -7.60 -33.67 19.64
CA ALA E 130 -8.03 -34.15 18.34
C ALA E 130 -8.90 -35.39 18.43
N SER E 131 -10.06 -35.31 17.77
CA SER E 131 -10.88 -36.48 17.43
C SER E 131 -12.06 -36.08 16.53
N GLN F 11 21.64 -14.65 -28.62
CA GLN F 11 22.58 -14.47 -27.50
C GLN F 11 22.58 -13.03 -26.96
N GLU F 12 22.44 -12.04 -27.85
CA GLU F 12 22.40 -10.63 -27.44
C GLU F 12 21.17 -10.31 -26.60
N THR F 13 21.38 -9.79 -25.39
CA THR F 13 20.27 -9.49 -24.47
C THR F 13 19.53 -8.22 -24.87
N GLN F 14 18.34 -8.01 -24.31
CA GLN F 14 17.55 -6.81 -24.59
C GLN F 14 18.25 -5.53 -24.11
N GLY F 15 18.93 -5.61 -22.97
CA GLY F 15 19.71 -4.48 -22.45
C GLY F 15 20.89 -4.13 -23.34
N GLN F 16 21.50 -5.16 -23.93
CA GLN F 16 22.59 -4.99 -24.87
C GLN F 16 22.11 -4.38 -26.19
N ALA F 17 21.05 -4.95 -26.75
CA ALA F 17 20.44 -4.44 -27.98
C ALA F 17 20.07 -2.97 -27.85
N ALA F 18 19.51 -2.61 -26.69
CA ALA F 18 19.08 -1.23 -26.44
C ALA F 18 20.27 -0.27 -26.26
N ALA F 19 21.35 -0.75 -25.66
CA ALA F 19 22.58 0.02 -25.53
C ALA F 19 23.15 0.33 -26.91
N ARG F 20 23.19 -0.68 -27.76
CA ARG F 20 23.63 -0.54 -29.14
C ARG F 20 22.78 0.49 -29.88
N ALA F 21 21.46 0.37 -29.76
CA ALA F 21 20.52 1.27 -30.42
C ALA F 21 20.68 2.72 -29.96
N ALA F 22 20.76 2.91 -28.64
CA ALA F 22 20.92 4.24 -28.06
C ALA F 22 22.22 4.90 -28.53
N ALA F 23 23.28 4.11 -28.62
CA ALA F 23 24.59 4.61 -29.07
C ALA F 23 24.57 5.06 -30.53
N ALA F 24 23.90 4.30 -31.38
CA ALA F 24 23.75 4.65 -32.79
C ALA F 24 22.95 5.94 -32.95
N ASP F 25 21.87 6.08 -32.17
CA ASP F 25 21.05 7.28 -32.15
C ASP F 25 21.87 8.51 -31.77
N LEU F 26 22.72 8.38 -30.75
CA LEU F 26 23.60 9.46 -30.31
C LEU F 26 24.63 9.85 -31.39
N ALA F 27 25.21 8.84 -32.04
CA ALA F 27 26.22 9.09 -33.07
C ALA F 27 25.61 9.67 -34.33
N ALA F 28 24.38 9.26 -34.64
CA ALA F 28 23.65 9.76 -35.80
C ALA F 28 22.89 11.04 -35.51
N GLY F 29 22.87 11.45 -34.23
CA GLY F 29 22.13 12.63 -33.79
C GLY F 29 20.63 12.48 -33.98
N GLN F 30 20.12 11.26 -33.77
CA GLN F 30 18.70 10.98 -33.85
C GLN F 30 17.98 11.51 -32.62
N ASP F 31 16.94 12.31 -32.83
CA ASP F 31 16.10 12.84 -31.75
C ASP F 31 14.86 11.98 -31.55
N ASP F 32 14.31 12.03 -30.34
CA ASP F 32 13.16 11.26 -29.92
C ASP F 32 12.53 12.04 -28.77
N GLU F 33 11.21 12.01 -28.66
CA GLU F 33 10.54 12.72 -27.56
C GLU F 33 10.26 11.78 -26.38
N PRO F 34 10.78 12.12 -25.18
CA PRO F 34 10.44 11.32 -24.01
C PRO F 34 8.94 11.37 -23.78
N ARG F 35 8.33 10.20 -23.64
CA ARG F 35 6.87 10.08 -23.62
C ARG F 35 6.42 8.81 -22.89
N ILE F 36 5.11 8.64 -22.77
CA ILE F 36 4.56 7.42 -22.21
C ILE F 36 4.35 6.40 -23.32
N LEU F 37 5.04 5.27 -23.22
CA LEU F 37 4.93 4.20 -24.21
C LEU F 37 3.57 3.53 -24.18
N GLU F 38 3.15 3.02 -25.35
CA GLU F 38 2.04 2.10 -25.44
C GLU F 38 2.62 0.68 -25.38
N ALA F 39 1.95 -0.20 -24.66
CA ALA F 39 2.28 -1.62 -24.73
C ALA F 39 1.95 -2.16 -26.13
N PRO F 40 2.77 -3.11 -26.65
CA PRO F 40 2.44 -3.82 -27.89
C PRO F 40 1.03 -4.42 -27.84
N ALA F 41 0.37 -4.49 -28.99
CA ALA F 41 -0.99 -5.04 -29.08
C ALA F 41 -1.07 -6.43 -28.43
N PRO F 42 -2.14 -6.70 -27.67
CA PRO F 42 -2.28 -8.02 -27.04
C PRO F 42 -2.20 -9.13 -28.07
N ASP F 43 -1.42 -10.17 -27.77
CA ASP F 43 -1.33 -11.33 -28.64
C ASP F 43 -1.29 -12.64 -27.85
N ALA F 44 -1.21 -13.75 -28.57
CA ALA F 44 -1.30 -15.08 -27.97
C ALA F 44 -0.19 -15.33 -26.95
N ARG F 45 0.97 -14.73 -27.19
CA ARG F 45 2.13 -14.94 -26.32
C ARG F 45 2.34 -13.86 -25.27
N ARG F 46 1.34 -13.00 -25.10
CA ARG F 46 1.30 -12.15 -23.92
C ARG F 46 0.96 -13.03 -22.71
N VAL F 47 1.64 -12.76 -21.59
CA VAL F 47 1.37 -13.47 -20.35
C VAL F 47 1.30 -12.47 -19.20
N TYR F 48 0.36 -12.70 -18.29
CA TYR F 48 0.23 -11.85 -17.11
C TYR F 48 0.68 -12.64 -15.90
N VAL F 49 1.53 -12.02 -15.08
CA VAL F 49 1.92 -12.59 -13.79
C VAL F 49 1.46 -11.69 -12.63
N ASN F 50 0.65 -12.27 -11.74
CA ASN F 50 0.21 -11.57 -10.54
C ASN F 50 1.00 -11.97 -9.32
N ASP F 51 1.30 -10.98 -8.50
CA ASP F 51 2.07 -11.15 -7.28
C ASP F 51 1.21 -10.78 -6.08
N PRO F 52 0.55 -11.77 -5.44
CA PRO F 52 -0.16 -11.49 -4.18
C PRO F 52 0.81 -11.08 -3.05
N ALA F 53 2.11 -11.27 -3.29
CA ALA F 53 3.17 -10.74 -2.43
C ALA F 53 3.05 -11.21 -0.98
N HIS F 54 2.70 -12.49 -0.82
CA HIS F 54 2.59 -13.12 0.50
C HIS F 54 1.70 -12.35 1.48
N PHE F 55 0.57 -11.86 0.96
CA PHE F 55 -0.47 -11.19 1.77
C PHE F 55 -0.19 -9.72 2.08
N ALA F 56 0.66 -9.06 1.29
CA ALA F 56 0.91 -7.64 1.50
C ALA F 56 -0.33 -6.83 1.12
N ALA F 57 -0.48 -5.68 1.77
CA ALA F 57 -1.63 -4.81 1.56
C ALA F 57 -1.73 -4.33 0.12
N VAL F 58 -0.58 -4.20 -0.56
CA VAL F 58 -0.55 -3.79 -1.96
C VAL F 58 0.23 -4.80 -2.82
N THR F 59 -0.15 -4.89 -4.08
CA THR F 59 0.35 -5.95 -4.95
C THR F 59 0.62 -5.43 -6.36
N GLN F 60 1.18 -6.30 -7.21
CA GLN F 60 1.57 -5.91 -8.57
C GLN F 60 1.29 -7.02 -9.56
N GLN F 61 0.87 -6.63 -10.76
CA GLN F 61 0.73 -7.54 -11.86
C GLN F 61 1.76 -7.14 -12.91
N PHE F 62 2.43 -8.13 -13.46
CA PHE F 62 3.43 -7.90 -14.49
C PHE F 62 2.87 -8.35 -15.85
N VAL F 63 2.85 -7.42 -16.81
CA VAL F 63 2.45 -7.74 -18.18
C VAL F 63 3.71 -8.09 -18.95
N ILE F 64 3.73 -9.28 -19.56
CA ILE F 64 4.94 -9.82 -20.17
C ILE F 64 4.72 -10.29 -21.62
N ASP F 65 5.67 -9.96 -22.49
CA ASP F 65 5.74 -10.56 -23.82
C ASP F 65 6.55 -11.84 -23.64
N GLY F 66 5.87 -12.99 -23.74
CA GLY F 66 6.51 -14.30 -23.56
C GLY F 66 7.49 -14.68 -24.67
N GLU F 67 7.25 -14.15 -25.88
CA GLU F 67 8.10 -14.40 -27.04
C GLU F 67 9.49 -13.75 -26.83
N ALA F 68 9.50 -12.51 -26.38
CA ALA F 68 10.75 -11.79 -26.11
C ALA F 68 11.28 -12.00 -24.67
N GLY F 69 10.40 -12.44 -23.78
CA GLY F 69 10.75 -12.51 -22.34
C GLY F 69 11.03 -11.11 -21.83
N ARG F 70 10.10 -10.19 -22.07
CA ARG F 70 10.24 -8.79 -21.70
C ARG F 70 9.00 -8.29 -20.95
N VAL F 71 9.22 -7.50 -19.90
CA VAL F 71 8.12 -6.84 -19.22
C VAL F 71 7.67 -5.65 -20.08
N ILE F 72 6.39 -5.65 -20.45
CA ILE F 72 5.86 -4.59 -21.30
C ILE F 72 4.91 -3.63 -20.57
N GLY F 73 4.68 -3.88 -19.29
CA GLY F 73 3.80 -3.04 -18.50
C GLY F 73 3.50 -3.68 -17.15
N MET F 74 2.95 -2.88 -16.24
CA MET F 74 2.55 -3.33 -14.92
C MET F 74 1.20 -2.73 -14.54
N ILE F 75 0.51 -3.37 -13.59
CA ILE F 75 -0.73 -2.87 -13.02
C ILE F 75 -0.66 -2.99 -11.49
N ASP F 76 -0.91 -1.87 -10.78
CA ASP F 76 -0.95 -1.89 -9.31
C ASP F 76 -2.27 -2.46 -8.81
N GLY F 77 -2.20 -3.23 -7.71
CA GLY F 77 -3.40 -3.74 -7.06
C GLY F 77 -3.37 -3.56 -5.55
N GLY F 78 -4.51 -3.85 -4.90
CA GLY F 78 -4.61 -3.72 -3.45
C GLY F 78 -4.37 -5.05 -2.76
N PHE F 79 -5.26 -5.38 -1.82
CA PHE F 79 -5.14 -6.60 -1.03
C PHE F 79 -5.75 -7.80 -1.75
N LEU F 80 -4.90 -8.79 -2.01
CA LEU F 80 -5.27 -10.04 -2.70
C LEU F 80 -6.25 -9.86 -3.85
N PRO F 81 -5.92 -9.00 -4.82
CA PRO F 81 -6.86 -8.80 -5.92
C PRO F 81 -6.99 -10.03 -6.82
N ASN F 82 -8.13 -10.15 -7.50
CA ASN F 82 -8.38 -11.20 -8.47
C ASN F 82 -8.26 -10.66 -9.90
N PRO F 83 -7.29 -11.17 -10.67
CA PRO F 83 -7.12 -10.75 -12.06
C PRO F 83 -7.98 -11.56 -13.02
N VAL F 84 -8.51 -10.90 -14.04
CA VAL F 84 -9.13 -11.58 -15.17
C VAL F 84 -8.62 -10.96 -16.45
N VAL F 85 -8.56 -11.76 -17.50
CA VAL F 85 -8.13 -11.33 -18.82
C VAL F 85 -9.18 -11.77 -19.83
N ALA F 86 -9.67 -10.84 -20.65
CA ALA F 86 -10.64 -11.15 -21.69
C ALA F 86 -9.99 -12.00 -22.76
N ASP F 87 -10.57 -13.16 -23.05
CA ASP F 87 -9.99 -14.11 -24.00
C ASP F 87 -9.74 -13.51 -25.38
N ASP F 88 -10.59 -12.57 -25.79
CA ASP F 88 -10.43 -11.89 -27.09
C ASP F 88 -9.35 -10.80 -27.07
N GLY F 89 -8.82 -10.49 -25.89
CA GLY F 89 -7.76 -9.49 -25.76
C GLY F 89 -8.23 -8.04 -25.71
N SER F 90 -9.54 -7.81 -25.65
CA SER F 90 -10.07 -6.44 -25.69
C SER F 90 -9.85 -5.63 -24.39
N PHE F 91 -9.68 -6.32 -23.26
CA PHE F 91 -9.50 -5.64 -21.97
C PHE F 91 -8.97 -6.58 -20.89
N ILE F 92 -8.45 -5.99 -19.82
CA ILE F 92 -8.15 -6.72 -18.61
C ILE F 92 -8.87 -6.07 -17.45
N ALA F 93 -9.11 -6.81 -16.38
CA ALA F 93 -9.74 -6.25 -15.20
C ALA F 93 -9.26 -6.96 -13.95
N HIS F 94 -9.45 -6.32 -12.81
CA HIS F 94 -9.32 -7.00 -11.54
C HIS F 94 -10.35 -6.53 -10.52
N ALA F 95 -10.61 -7.38 -9.53
CA ALA F 95 -11.38 -6.99 -8.36
C ALA F 95 -10.36 -6.85 -7.25
N SER F 96 -10.43 -5.73 -6.53
CA SER F 96 -9.35 -5.31 -5.66
C SER F 96 -9.90 -4.67 -4.38
N THR F 97 -9.02 -4.46 -3.40
CA THR F 97 -9.41 -4.00 -2.07
C THR F 97 -8.38 -3.02 -1.50
N VAL F 98 -8.84 -1.85 -1.08
CA VAL F 98 -7.97 -0.88 -0.41
C VAL F 98 -8.57 -0.38 0.90
N PHE F 99 -7.72 0.21 1.74
CA PHE F 99 -8.11 0.75 3.05
C PHE F 99 -7.56 2.16 3.19
N SER F 100 -8.24 2.98 3.97
CA SER F 100 -7.96 4.41 4.01
C SER F 100 -6.62 4.76 4.68
N ARG F 101 -6.10 3.81 5.45
CA ARG F 101 -4.84 3.97 6.18
C ARG F 101 -3.99 2.71 6.01
N ILE F 102 -3.55 2.50 4.78
CA ILE F 102 -2.76 1.33 4.35
C ILE F 102 -3.50 0.00 4.50
N ALA F 103 -3.63 -0.52 5.72
CA ALA F 103 -4.25 -1.82 5.97
C ALA F 103 -5.30 -1.75 7.07
N ARG F 104 -5.52 -0.54 7.57
CA ARG F 104 -6.49 -0.25 8.62
C ARG F 104 -7.47 0.82 8.14
N GLY F 105 -8.65 0.88 8.75
CA GLY F 105 -9.61 1.94 8.43
C GLY F 105 -10.70 1.46 7.49
N GLU F 106 -11.27 2.39 6.73
CA GLU F 106 -12.41 2.09 5.87
C GLU F 106 -12.01 1.24 4.67
N ARG F 107 -12.71 0.12 4.47
CA ARG F 107 -12.46 -0.78 3.36
C ARG F 107 -13.24 -0.34 2.12
N THR F 108 -12.57 -0.32 0.98
CA THR F 108 -13.27 -0.14 -0.28
C THR F 108 -12.88 -1.29 -1.21
N ASP F 109 -13.90 -2.03 -1.62
CA ASP F 109 -13.77 -3.02 -2.68
C ASP F 109 -14.26 -2.42 -4.00
N TYR F 110 -13.58 -2.74 -5.10
CA TYR F 110 -13.85 -2.09 -6.38
C TYR F 110 -13.36 -2.96 -7.52
N VAL F 111 -13.97 -2.78 -8.69
CA VAL F 111 -13.49 -3.38 -9.93
C VAL F 111 -12.93 -2.30 -10.84
N GLU F 112 -11.76 -2.56 -11.41
CA GLU F 112 -11.18 -1.71 -12.44
C GLU F 112 -11.03 -2.48 -13.74
N VAL F 113 -11.39 -1.83 -14.84
CA VAL F 113 -11.19 -2.37 -16.18
C VAL F 113 -10.06 -1.54 -16.80
N PHE F 114 -9.17 -2.19 -17.53
CA PHE F 114 -8.03 -1.50 -18.11
C PHE F 114 -7.96 -1.67 -19.59
N ASP F 115 -7.58 -0.60 -20.28
CA ASP F 115 -7.20 -0.70 -21.67
C ASP F 115 -5.91 -1.53 -21.78
N PRO F 116 -5.89 -2.55 -22.65
CA PRO F 116 -4.75 -3.49 -22.68
C PRO F 116 -3.47 -2.94 -23.32
N VAL F 117 -3.52 -1.78 -23.94
CA VAL F 117 -2.30 -1.19 -24.48
C VAL F 117 -1.83 0.07 -23.73
N THR F 118 -2.76 0.93 -23.31
CA THR F 118 -2.40 2.10 -22.50
C THR F 118 -2.31 1.75 -21.02
N LEU F 119 -2.98 0.65 -20.64
CA LEU F 119 -3.13 0.20 -19.25
C LEU F 119 -3.89 1.20 -18.35
N LEU F 120 -4.53 2.20 -18.95
CA LEU F 120 -5.31 3.17 -18.20
C LEU F 120 -6.62 2.54 -17.74
N PRO F 121 -7.06 2.85 -16.51
CA PRO F 121 -8.36 2.36 -16.08
C PRO F 121 -9.47 3.04 -16.89
N THR F 122 -10.43 2.25 -17.35
CA THR F 122 -11.52 2.76 -18.16
C THR F 122 -12.84 2.64 -17.40
N ALA F 123 -12.80 1.90 -16.30
CA ALA F 123 -13.91 1.80 -15.35
C ALA F 123 -13.36 1.60 -13.95
N ASP F 124 -13.99 2.25 -12.97
CA ASP F 124 -13.71 2.03 -11.56
C ASP F 124 -15.05 1.84 -10.87
N ILE F 125 -15.39 0.59 -10.58
CA ILE F 125 -16.73 0.22 -10.11
C ILE F 125 -16.71 -0.24 -8.66
N GLU F 126 -17.24 0.59 -7.76
CA GLU F 126 -17.28 0.27 -6.34
C GLU F 126 -18.25 -0.87 -6.06
N LEU F 127 -17.83 -1.81 -5.24
CA LEU F 127 -18.67 -2.92 -4.80
C LEU F 127 -19.16 -2.63 -3.38
N PRO F 128 -20.49 -2.46 -3.20
CA PRO F 128 -21.01 -2.07 -1.88
C PRO F 128 -20.86 -3.15 -0.82
N ASP F 129 -20.69 -2.70 0.43
CA ASP F 129 -20.63 -3.57 1.61
C ASP F 129 -19.44 -4.55 1.62
N ALA F 130 -18.32 -4.14 1.03
CA ALA F 130 -17.06 -4.90 1.09
C ALA F 130 -17.23 -6.41 0.84
N PRO F 131 -17.76 -6.79 -0.34
CA PRO F 131 -18.23 -8.16 -0.52
C PRO F 131 -17.22 -9.18 -1.04
N ARG F 132 -15.99 -8.77 -1.34
CA ARG F 132 -14.96 -9.66 -1.89
C ARG F 132 -14.50 -10.73 -0.89
N PHE F 133 -14.15 -11.90 -1.42
CA PHE F 133 -13.58 -13.00 -0.66
C PHE F 133 -12.08 -12.83 -0.61
N LEU F 134 -11.55 -12.64 0.60
CA LEU F 134 -10.12 -12.42 0.79
C LEU F 134 -9.44 -13.75 1.04
N VAL F 135 -8.67 -14.18 0.04
CA VAL F 135 -8.11 -15.51 0.03
C VAL F 135 -6.88 -15.48 -0.85
N GLY F 136 -5.89 -16.31 -0.53
CA GLY F 136 -4.79 -16.60 -1.45
C GLY F 136 -5.38 -16.81 -2.83
N THR F 137 -4.81 -16.15 -3.82
CA THR F 137 -5.48 -15.96 -5.11
C THR F 137 -5.76 -17.23 -5.90
N TYR F 138 -7.05 -17.46 -6.14
CA TYR F 138 -7.56 -18.52 -7.01
C TYR F 138 -8.18 -17.85 -8.25
N PRO F 139 -7.61 -18.12 -9.44
CA PRO F 139 -8.14 -17.50 -10.66
C PRO F 139 -9.67 -17.58 -10.78
N TRP F 140 -10.25 -18.75 -10.46
CA TRP F 140 -11.67 -18.96 -10.72
C TRP F 140 -12.61 -18.57 -9.57
N MET F 141 -12.13 -17.66 -8.72
CA MET F 141 -12.96 -17.01 -7.71
C MET F 141 -13.45 -15.65 -8.19
N THR F 142 -12.99 -15.26 -9.37
CA THR F 142 -13.52 -14.10 -10.09
C THR F 142 -13.38 -14.39 -11.57
N SER F 143 -14.46 -14.18 -12.32
CA SER F 143 -14.58 -14.72 -13.67
C SER F 143 -15.43 -13.86 -14.59
N LEU F 144 -15.05 -13.82 -15.86
CA LEU F 144 -15.80 -13.12 -16.89
C LEU F 144 -16.74 -14.06 -17.60
N THR F 145 -17.92 -13.54 -17.97
CA THR F 145 -18.82 -14.25 -18.86
C THR F 145 -18.22 -14.28 -20.26
N PRO F 146 -18.60 -15.27 -21.10
CA PRO F 146 -17.95 -15.40 -22.42
C PRO F 146 -18.05 -14.14 -23.29
N ASP F 147 -19.12 -13.37 -23.13
CA ASP F 147 -19.32 -12.14 -23.90
C ASP F 147 -18.51 -10.97 -23.35
N GLY F 148 -17.90 -11.17 -22.19
CA GLY F 148 -17.05 -10.16 -21.55
C GLY F 148 -17.80 -8.96 -20.98
N LYS F 149 -19.12 -9.06 -20.90
CA LYS F 149 -19.99 -7.98 -20.43
C LYS F 149 -20.20 -8.00 -18.92
N THR F 150 -19.98 -9.17 -18.31
CA THR F 150 -20.23 -9.34 -16.88
C THR F 150 -19.02 -9.91 -16.15
N LEU F 151 -18.78 -9.39 -14.96
CA LEU F 151 -17.80 -9.95 -14.06
C LEU F 151 -18.54 -10.55 -12.88
N LEU F 152 -18.15 -11.77 -12.53
CA LEU F 152 -18.73 -12.48 -11.41
C LEU F 152 -17.64 -12.67 -10.36
N PHE F 153 -17.94 -12.32 -9.11
CA PHE F 153 -16.98 -12.51 -8.02
C PHE F 153 -17.60 -13.29 -6.87
N TYR F 154 -16.77 -14.02 -6.13
CA TYR F 154 -17.24 -14.86 -5.04
C TYR F 154 -17.21 -14.11 -3.71
N GLN F 155 -18.21 -14.39 -2.90
CA GLN F 155 -18.28 -13.90 -1.53
C GLN F 155 -18.37 -15.13 -0.66
N PHE F 156 -17.61 -15.11 0.44
CA PHE F 156 -17.64 -16.20 1.41
C PHE F 156 -18.36 -15.77 2.68
N SER F 157 -18.23 -14.49 3.02
CA SER F 157 -18.81 -13.94 4.25
C SER F 157 -19.91 -12.91 3.97
N PRO F 158 -21.04 -12.97 4.70
CA PRO F 158 -21.39 -13.91 5.77
C PRO F 158 -21.72 -15.33 5.32
N ALA F 159 -22.01 -15.53 4.04
CA ALA F 159 -22.27 -16.88 3.49
C ALA F 159 -21.87 -16.92 2.01
N PRO F 160 -21.63 -18.13 1.44
CA PRO F 160 -21.32 -18.19 0.02
C PRO F 160 -22.32 -17.41 -0.83
N ALA F 161 -21.78 -16.53 -1.68
CA ALA F 161 -22.58 -15.72 -2.57
C ALA F 161 -21.76 -15.34 -3.80
N VAL F 162 -22.45 -14.98 -4.88
CA VAL F 162 -21.79 -14.54 -6.11
C VAL F 162 -22.26 -13.13 -6.49
N GLY F 163 -21.29 -12.22 -6.63
CA GLY F 163 -21.59 -10.84 -7.00
C GLY F 163 -21.60 -10.69 -8.51
N VAL F 164 -22.55 -9.89 -8.99
CA VAL F 164 -22.72 -9.66 -10.42
C VAL F 164 -22.37 -8.20 -10.72
N VAL F 165 -21.38 -8.02 -11.58
CA VAL F 165 -20.90 -6.69 -11.99
C VAL F 165 -21.08 -6.52 -13.48
N ASP F 166 -21.89 -5.54 -13.86
CA ASP F 166 -22.11 -5.19 -15.26
C ASP F 166 -20.97 -4.28 -15.74
N LEU F 167 -20.05 -4.86 -16.51
CA LEU F 167 -18.89 -4.13 -17.03
C LEU F 167 -19.27 -3.19 -18.17
N GLU F 168 -20.27 -3.58 -18.95
CA GLU F 168 -20.77 -2.75 -20.04
C GLU F 168 -21.34 -1.44 -19.47
N GLY F 169 -22.22 -1.57 -18.48
CA GLY F 169 -22.86 -0.42 -17.85
C GLY F 169 -22.04 0.20 -16.73
N LYS F 170 -20.91 -0.42 -16.41
CA LYS F 170 -19.98 0.05 -15.37
C LYS F 170 -20.69 0.24 -14.03
N ALA F 171 -21.40 -0.79 -13.59
CA ALA F 171 -22.15 -0.73 -12.34
C ALA F 171 -22.27 -2.11 -11.71
N PHE F 172 -22.21 -2.13 -10.37
CA PHE F 172 -22.56 -3.31 -9.59
C PHE F 172 -24.05 -3.58 -9.74
N LYS F 173 -24.42 -4.85 -9.95
CA LYS F 173 -25.83 -5.21 -10.11
C LYS F 173 -26.45 -5.78 -8.84
N ARG F 174 -25.96 -6.93 -8.38
CA ARG F 174 -26.58 -7.65 -7.26
C ARG F 174 -25.72 -8.75 -6.71
N MET F 175 -26.07 -9.22 -5.51
CA MET F 175 -25.49 -10.42 -4.93
C MET F 175 -26.46 -11.58 -5.18
N LEU F 176 -25.92 -12.76 -5.49
CA LEU F 176 -26.75 -13.95 -5.63
C LEU F 176 -26.50 -14.91 -4.48
N ASP F 177 -27.56 -15.28 -3.75
CA ASP F 177 -27.46 -16.35 -2.75
C ASP F 177 -27.26 -17.68 -3.46
N VAL F 178 -26.22 -18.41 -3.06
CA VAL F 178 -25.95 -19.74 -3.61
C VAL F 178 -25.89 -20.79 -2.49
N PRO F 179 -25.86 -22.09 -2.85
CA PRO F 179 -25.72 -23.05 -1.76
C PRO F 179 -24.25 -23.11 -1.30
N ASP F 180 -23.92 -24.08 -0.46
CA ASP F 180 -22.57 -24.21 0.05
C ASP F 180 -21.62 -24.70 -1.06
N CYS F 181 -21.23 -23.77 -1.93
CA CYS F 181 -20.48 -24.10 -3.15
C CYS F 181 -19.41 -23.03 -3.42
N TYR F 182 -18.45 -23.38 -4.28
CA TYR F 182 -17.20 -22.63 -4.42
C TYR F 182 -16.75 -22.55 -5.88
N HIS F 183 -16.02 -21.48 -6.21
CA HIS F 183 -15.51 -21.21 -7.56
C HIS F 183 -16.65 -20.79 -8.50
N ILE F 184 -16.29 -20.19 -9.63
CA ILE F 184 -17.26 -19.67 -10.60
C ILE F 184 -16.74 -19.96 -12.00
N PHE F 185 -17.39 -20.88 -12.70
CA PHE F 185 -17.03 -21.24 -14.07
C PHE F 185 -18.17 -20.86 -15.03
N PRO F 186 -18.10 -19.66 -15.62
CA PRO F 186 -19.18 -19.16 -16.50
C PRO F 186 -19.28 -19.92 -17.82
N THR F 187 -20.51 -20.14 -18.27
CA THR F 187 -20.79 -20.94 -19.48
C THR F 187 -21.62 -20.17 -20.50
N ALA F 188 -22.16 -19.04 -20.08
CA ALA F 188 -23.06 -18.23 -20.90
C ALA F 188 -23.26 -16.89 -20.21
N PRO F 189 -23.92 -15.91 -20.88
CA PRO F 189 -24.13 -14.61 -20.25
C PRO F 189 -24.88 -14.64 -18.92
N ASP F 190 -25.67 -15.69 -18.69
CA ASP F 190 -26.54 -15.75 -17.52
C ASP F 190 -26.36 -17.03 -16.69
N THR F 191 -25.25 -17.74 -16.92
CA THR F 191 -25.06 -19.05 -16.33
C THR F 191 -23.61 -19.34 -15.97
N PHE F 192 -23.43 -19.96 -14.80
CA PHE F 192 -22.13 -20.44 -14.37
C PHE F 192 -22.29 -21.68 -13.51
N PHE F 193 -21.17 -22.35 -13.27
CA PHE F 193 -21.13 -23.55 -12.45
C PHE F 193 -20.23 -23.33 -11.24
N MET F 194 -20.57 -24.00 -10.15
CA MET F 194 -19.83 -23.94 -8.91
C MET F 194 -19.57 -25.36 -8.44
N HIS F 195 -18.52 -25.54 -7.65
CA HIS F 195 -18.23 -26.83 -7.02
C HIS F 195 -18.74 -26.83 -5.58
N CYS F 196 -19.53 -27.83 -5.22
CA CYS F 196 -20.20 -27.83 -3.92
C CYS F 196 -19.58 -28.80 -2.93
N ARG F 197 -19.71 -28.46 -1.65
CA ARG F 197 -19.25 -29.31 -0.55
C ARG F 197 -19.72 -30.76 -0.69
N ASP F 198 -20.96 -30.93 -1.16
CA ASP F 198 -21.59 -32.24 -1.24
C ASP F 198 -21.08 -33.15 -2.36
N GLY F 199 -20.13 -32.66 -3.15
CA GLY F 199 -19.51 -33.44 -4.21
C GLY F 199 -20.17 -33.28 -5.57
N SER F 200 -21.18 -32.41 -5.65
CA SER F 200 -21.84 -32.09 -6.91
C SER F 200 -21.29 -30.78 -7.48
N LEU F 201 -21.65 -30.52 -8.73
CA LEU F 201 -21.56 -29.17 -9.27
C LEU F 201 -22.94 -28.54 -9.17
N ALA F 202 -22.98 -27.23 -8.94
CA ALA F 202 -24.23 -26.48 -9.00
C ALA F 202 -24.21 -25.58 -10.22
N LYS F 203 -25.30 -25.64 -10.98
CA LYS F 203 -25.49 -24.78 -12.13
C LYS F 203 -26.36 -23.62 -11.68
N VAL F 204 -25.88 -22.40 -11.88
CA VAL F 204 -26.62 -21.19 -11.50
C VAL F 204 -26.98 -20.38 -12.74
N ALA F 205 -28.27 -20.36 -13.07
CA ALA F 205 -28.79 -19.51 -14.14
C ALA F 205 -29.49 -18.30 -13.51
N PHE F 206 -28.96 -17.11 -13.75
CA PHE F 206 -29.42 -15.94 -13.00
C PHE F 206 -30.08 -14.83 -13.84
N GLY F 207 -30.75 -13.93 -13.12
CA GLY F 207 -31.36 -12.73 -13.69
C GLY F 207 -31.05 -11.52 -12.84
N THR F 208 -31.57 -10.36 -13.26
CA THR F 208 -31.35 -9.07 -12.59
C THR F 208 -32.04 -9.00 -11.22
N GLU F 209 -33.13 -9.74 -11.08
CA GLU F 209 -33.80 -9.91 -9.81
C GLU F 209 -34.52 -11.26 -9.79
N GLY F 210 -34.81 -11.75 -8.59
CA GLY F 210 -35.45 -13.04 -8.41
C GLY F 210 -34.42 -14.11 -8.11
N THR F 211 -34.82 -15.07 -7.30
CA THR F 211 -34.01 -16.24 -7.00
C THR F 211 -33.51 -16.84 -8.32
N PRO F 212 -32.20 -17.13 -8.42
CA PRO F 212 -31.70 -17.81 -9.60
C PRO F 212 -32.14 -19.27 -9.65
N GLU F 213 -32.16 -19.85 -10.85
CA GLU F 213 -32.44 -21.26 -11.03
C GLU F 213 -31.18 -22.05 -10.71
N ILE F 214 -31.20 -22.76 -9.59
CA ILE F 214 -30.03 -23.54 -9.16
C ILE F 214 -30.29 -25.04 -9.27
N THR F 215 -29.49 -25.71 -10.08
CA THR F 215 -29.63 -27.13 -10.34
C THR F 215 -28.32 -27.84 -10.02
N HIS F 216 -28.42 -28.96 -9.32
CA HIS F 216 -27.23 -29.72 -8.97
C HIS F 216 -27.05 -30.87 -9.95
N THR F 217 -25.81 -31.08 -10.38
CA THR F 217 -25.48 -32.30 -11.12
C THR F 217 -25.52 -33.45 -10.13
N GLU F 218 -25.24 -34.65 -10.61
CA GLU F 218 -25.02 -35.78 -9.71
C GLU F 218 -23.66 -35.56 -9.02
N VAL F 219 -23.48 -36.21 -7.87
CA VAL F 219 -22.20 -36.23 -7.17
C VAL F 219 -21.16 -36.98 -8.02
N PHE F 220 -19.97 -36.41 -8.19
CA PHE F 220 -18.97 -37.02 -9.06
C PHE F 220 -17.66 -37.49 -8.40
N HIS F 221 -17.54 -37.30 -7.10
CA HIS F 221 -16.36 -37.77 -6.37
C HIS F 221 -16.70 -38.06 -4.90
N PRO F 222 -15.90 -38.91 -4.23
CA PRO F 222 -16.10 -39.18 -2.80
C PRO F 222 -15.60 -38.04 -1.91
N GLU F 223 -16.09 -38.02 -0.67
CA GLU F 223 -15.72 -36.98 0.30
C GLU F 223 -14.21 -36.98 0.65
N ASP F 224 -13.53 -38.09 0.38
CA ASP F 224 -12.11 -38.23 0.72
C ASP F 224 -11.17 -38.14 -0.50
N GLU F 225 -11.73 -37.76 -1.65
CA GLU F 225 -10.95 -37.33 -2.79
C GLU F 225 -10.95 -35.81 -2.76
N PHE F 226 -9.77 -35.20 -2.73
CA PHE F 226 -9.69 -33.77 -2.51
C PHE F 226 -9.34 -33.03 -3.79
N LEU F 227 -10.27 -32.20 -4.25
CA LEU F 227 -10.15 -31.47 -5.52
C LEU F 227 -9.44 -30.15 -5.31
N ILE F 228 -8.36 -29.91 -6.04
CA ILE F 228 -7.47 -28.77 -5.77
C ILE F 228 -8.14 -27.40 -5.99
N ASN F 229 -7.63 -26.40 -5.29
CA ASN F 229 -8.14 -25.03 -5.40
C ASN F 229 -7.87 -24.34 -6.74
N HIS F 230 -6.98 -24.92 -7.56
CA HIS F 230 -6.65 -24.34 -8.87
C HIS F 230 -6.94 -25.27 -10.05
N PRO F 231 -8.22 -25.58 -10.29
CA PRO F 231 -8.51 -26.33 -11.52
C PRO F 231 -8.27 -25.47 -12.76
N ALA F 232 -8.00 -26.11 -13.90
CA ALA F 232 -7.95 -25.41 -15.17
C ALA F 232 -9.33 -25.44 -15.83
N TYR F 233 -9.74 -24.29 -16.36
CA TYR F 233 -11.01 -24.15 -17.05
C TYR F 233 -10.81 -23.42 -18.36
N SER F 234 -11.19 -24.07 -19.46
CA SER F 234 -11.25 -23.43 -20.76
C SER F 234 -12.71 -23.07 -21.06
N GLN F 235 -12.98 -21.77 -21.06
CA GLN F 235 -14.32 -21.25 -21.32
C GLN F 235 -14.79 -21.56 -22.74
N LYS F 236 -13.90 -21.38 -23.71
N LYS F 236 -13.90 -21.38 -23.71
CA LYS F 236 -14.22 -21.60 -25.12
CA LYS F 236 -14.21 -21.60 -25.12
C LYS F 236 -14.45 -23.08 -25.44
C LYS F 236 -14.42 -23.08 -25.45
N ALA F 237 -13.76 -23.96 -24.71
CA ALA F 237 -13.95 -25.41 -24.89
C ALA F 237 -15.03 -25.95 -23.94
N GLY F 238 -15.39 -25.13 -22.94
CA GLY F 238 -16.28 -25.56 -21.86
C GLY F 238 -15.69 -26.73 -21.07
N ARG F 239 -14.36 -26.77 -20.95
CA ARG F 239 -13.68 -27.92 -20.34
C ARG F 239 -13.15 -27.57 -18.97
N LEU F 240 -13.63 -28.30 -17.96
CA LEU F 240 -13.15 -28.14 -16.60
C LEU F 240 -12.24 -29.31 -16.26
N VAL F 241 -10.98 -29.01 -15.98
CA VAL F 241 -9.95 -30.02 -15.69
C VAL F 241 -9.58 -29.89 -14.21
N TRP F 242 -9.97 -30.90 -13.43
CA TRP F 242 -9.91 -30.80 -11.98
C TRP F 242 -9.12 -31.95 -11.36
N PRO F 243 -7.85 -31.70 -11.03
CA PRO F 243 -7.02 -32.70 -10.36
C PRO F 243 -7.39 -32.88 -8.89
N THR F 244 -7.14 -34.08 -8.38
CA THR F 244 -7.17 -34.35 -6.95
C THR F 244 -5.74 -34.29 -6.45
N TYR F 245 -5.55 -34.44 -5.13
CA TYR F 245 -4.25 -34.51 -4.49
C TYR F 245 -3.34 -35.61 -5.04
N THR F 246 -3.93 -36.64 -5.64
CA THR F 246 -3.16 -37.81 -6.11
C THR F 246 -2.81 -37.75 -7.59
N GLY F 247 -3.24 -36.69 -8.27
CA GLY F 247 -2.97 -36.55 -9.71
C GLY F 247 -4.01 -37.22 -10.58
N LYS F 248 -5.03 -37.82 -9.96
CA LYS F 248 -6.22 -38.26 -10.67
C LYS F 248 -6.92 -37.00 -11.17
N ILE F 249 -7.41 -37.04 -12.40
CA ILE F 249 -7.99 -35.86 -13.03
C ILE F 249 -9.45 -36.05 -13.45
N HIS F 250 -10.32 -35.26 -12.82
CA HIS F 250 -11.72 -35.18 -13.19
C HIS F 250 -11.88 -34.22 -14.35
N GLN F 251 -12.57 -34.66 -15.38
CA GLN F 251 -12.87 -33.81 -16.53
C GLN F 251 -14.38 -33.70 -16.70
N ILE F 252 -14.86 -32.46 -16.74
CA ILE F 252 -16.28 -32.16 -16.91
C ILE F 252 -16.46 -31.35 -18.20
N ASP F 253 -17.29 -31.87 -19.10
CA ASP F 253 -17.62 -31.18 -20.33
C ASP F 253 -18.87 -30.32 -20.11
N LEU F 254 -18.69 -29.01 -20.16
CA LEU F 254 -19.79 -28.07 -19.95
C LEU F 254 -20.26 -27.40 -21.24
N SER F 255 -19.77 -27.88 -22.39
CA SER F 255 -20.04 -27.23 -23.68
C SER F 255 -21.52 -27.22 -24.11
N SER F 256 -22.29 -28.22 -23.69
CA SER F 256 -23.72 -28.28 -24.01
C SER F 256 -24.55 -27.30 -23.16
N GLY F 257 -23.92 -26.74 -22.13
CA GLY F 257 -24.62 -25.88 -21.18
C GLY F 257 -25.04 -26.67 -19.95
N ASP F 258 -24.97 -28.00 -20.06
CA ASP F 258 -25.17 -28.92 -18.94
C ASP F 258 -23.90 -29.74 -18.69
N ALA F 259 -23.75 -30.25 -17.46
CA ALA F 259 -22.55 -30.99 -17.09
C ALA F 259 -22.54 -32.42 -17.64
N LYS F 260 -21.48 -32.75 -18.36
CA LYS F 260 -21.25 -34.11 -18.85
C LYS F 260 -19.95 -34.60 -18.23
N PHE F 261 -20.00 -35.76 -17.57
CA PHE F 261 -18.84 -36.29 -16.88
C PHE F 261 -18.02 -37.23 -17.73
N LEU F 262 -16.80 -36.78 -18.05
CA LEU F 262 -15.87 -37.54 -18.87
C LEU F 262 -15.16 -38.57 -18.02
N PRO F 263 -14.60 -39.63 -18.65
CA PRO F 263 -13.83 -40.58 -17.87
C PRO F 263 -12.65 -39.93 -17.16
N ALA F 264 -12.38 -40.38 -15.94
CA ALA F 264 -11.28 -39.89 -15.15
C ALA F 264 -9.97 -40.46 -15.70
N VAL F 265 -8.90 -39.66 -15.63
CA VAL F 265 -7.57 -40.11 -16.00
C VAL F 265 -6.59 -39.90 -14.85
N GLU F 266 -5.54 -40.71 -14.83
CA GLU F 266 -4.50 -40.63 -13.81
C GLU F 266 -3.26 -40.00 -14.43
N ALA F 267 -2.84 -38.86 -13.91
CA ALA F 267 -1.65 -38.17 -14.41
C ALA F 267 -0.37 -38.94 -14.11
N LEU F 268 -0.36 -39.66 -12.99
CA LEU F 268 0.80 -40.46 -12.63
C LEU F 268 0.44 -41.94 -12.73
N THR F 269 1.46 -42.76 -13.00
CA THR F 269 1.27 -44.21 -13.10
C THR F 269 1.21 -44.80 -11.70
N GLU F 270 0.78 -46.07 -11.63
CA GLU F 270 0.62 -46.76 -10.36
C GLU F 270 1.97 -46.86 -9.64
N ALA F 271 3.02 -47.18 -10.40
CA ALA F 271 4.37 -47.27 -9.85
C ALA F 271 4.85 -45.92 -9.34
N GLU F 272 4.59 -44.86 -10.09
CA GLU F 272 4.96 -43.51 -9.67
C GLU F 272 4.28 -43.13 -8.35
N ARG F 273 2.98 -43.38 -8.26
CA ARG F 273 2.20 -43.16 -7.03
C ARG F 273 2.75 -43.97 -5.85
N ALA F 274 3.06 -45.25 -6.09
CA ALA F 274 3.68 -46.11 -5.07
C ALA F 274 4.99 -45.51 -4.58
N ASP F 275 5.68 -44.81 -5.47
CA ASP F 275 6.99 -44.23 -5.14
C ASP F 275 6.94 -42.77 -4.64
N GLY F 276 5.73 -42.27 -4.37
CA GLY F 276 5.56 -40.98 -3.72
C GLY F 276 5.33 -39.78 -4.63
N TRP F 277 5.10 -40.04 -5.92
CA TRP F 277 4.84 -38.97 -6.87
C TRP F 277 3.44 -38.38 -6.68
N ARG F 278 3.37 -37.07 -6.55
CA ARG F 278 2.12 -36.36 -6.38
C ARG F 278 2.20 -34.99 -7.03
N PRO F 279 1.05 -34.45 -7.47
CA PRO F 279 1.05 -33.05 -7.89
C PRO F 279 1.32 -32.15 -6.69
N GLY F 280 1.84 -30.97 -6.95
CA GLY F 280 2.08 -30.02 -5.88
C GLY F 280 2.49 -28.65 -6.38
N GLY F 281 1.96 -27.63 -5.71
CA GLY F 281 2.28 -26.24 -6.02
C GLY F 281 1.08 -25.35 -5.81
N TRP F 282 0.93 -24.38 -6.71
CA TRP F 282 -0.18 -23.43 -6.69
C TRP F 282 -1.08 -23.71 -7.90
N GLN F 283 -0.76 -23.14 -9.05
CA GLN F 283 -1.44 -23.53 -10.29
C GLN F 283 -0.79 -24.80 -10.84
N GLN F 284 -1.27 -25.94 -10.36
CA GLN F 284 -0.66 -27.22 -10.69
C GLN F 284 -1.05 -27.75 -12.06
N VAL F 285 -2.14 -27.21 -12.62
CA VAL F 285 -2.67 -27.75 -13.87
C VAL F 285 -2.88 -26.70 -14.96
N ALA F 286 -2.46 -27.06 -16.18
CA ALA F 286 -2.77 -26.27 -17.37
C ALA F 286 -3.53 -27.12 -18.40
N TYR F 287 -4.25 -26.44 -19.27
CA TYR F 287 -4.99 -27.11 -20.33
C TYR F 287 -4.83 -26.35 -21.62
N HIS F 288 -4.40 -27.05 -22.67
CA HIS F 288 -4.33 -26.48 -24.01
C HIS F 288 -5.54 -26.93 -24.82
N ARG F 289 -6.37 -25.98 -25.20
CA ARG F 289 -7.61 -26.25 -25.91
C ARG F 289 -7.40 -26.91 -27.28
N ALA F 290 -6.69 -26.24 -28.17
CA ALA F 290 -6.51 -26.73 -29.55
C ALA F 290 -5.83 -28.11 -29.60
N LEU F 291 -4.90 -28.36 -28.69
CA LEU F 291 -4.20 -29.64 -28.64
C LEU F 291 -4.91 -30.68 -27.78
N ASP F 292 -5.89 -30.23 -26.99
CA ASP F 292 -6.60 -31.07 -26.02
C ASP F 292 -5.60 -31.80 -25.12
N ARG F 293 -4.68 -31.02 -24.52
CA ARG F 293 -3.59 -31.55 -23.69
C ARG F 293 -3.63 -31.04 -22.26
N ILE F 294 -3.28 -31.91 -21.32
CA ILE F 294 -3.22 -31.54 -19.90
C ILE F 294 -1.78 -31.56 -19.38
N TYR F 295 -1.41 -30.50 -18.68
CA TYR F 295 -0.08 -30.31 -18.10
C TYR F 295 -0.24 -30.30 -16.58
N LEU F 296 0.58 -31.09 -15.88
CA LEU F 296 0.47 -31.18 -14.42
C LEU F 296 1.83 -31.13 -13.72
N LEU F 297 1.97 -30.18 -12.80
CA LEU F 297 3.13 -30.09 -11.93
C LEU F 297 3.13 -31.26 -10.97
N VAL F 298 4.19 -32.07 -11.05
CA VAL F 298 4.34 -33.24 -10.19
C VAL F 298 5.76 -33.34 -9.62
N ASP F 299 5.89 -34.06 -8.51
CA ASP F 299 7.19 -34.33 -7.93
C ASP F 299 7.02 -35.42 -6.88
N GLN F 300 8.13 -35.94 -6.37
CA GLN F 300 8.10 -36.90 -5.28
C GLN F 300 7.89 -36.10 -3.98
N ARG F 301 6.83 -36.43 -3.24
CA ARG F 301 6.48 -35.66 -2.04
C ARG F 301 5.60 -36.43 -1.07
N ASP F 302 5.67 -36.04 0.20
CA ASP F 302 4.73 -36.50 1.19
C ASP F 302 3.33 -35.95 0.89
N GLU F 303 2.30 -36.74 1.22
CA GLU F 303 0.91 -36.39 0.90
C GLU F 303 0.42 -35.01 1.36
N TRP F 304 0.98 -34.47 2.44
CA TRP F 304 0.54 -33.17 2.94
C TRP F 304 1.53 -32.04 2.64
N ARG F 305 2.32 -32.22 1.58
CA ARG F 305 3.18 -31.13 1.08
C ARG F 305 2.66 -30.68 -0.28
N HIS F 306 1.34 -30.60 -0.39
CA HIS F 306 0.66 -30.34 -1.66
C HIS F 306 0.76 -28.91 -2.16
N LYS F 307 1.29 -27.99 -1.37
CA LYS F 307 1.48 -26.60 -1.81
C LYS F 307 2.93 -26.22 -2.13
N THR F 308 3.85 -27.17 -1.92
CA THR F 308 5.27 -26.94 -2.23
C THR F 308 5.51 -26.95 -3.73
N ALA F 309 6.64 -26.36 -4.15
CA ALA F 309 7.01 -26.32 -5.55
C ALA F 309 7.29 -27.72 -6.09
N SER F 310 7.16 -27.86 -7.41
CA SER F 310 7.50 -29.10 -8.09
C SER F 310 8.53 -28.82 -9.19
N ARG F 311 9.25 -29.87 -9.58
CA ARG F 311 10.34 -29.75 -10.55
C ARG F 311 10.09 -30.50 -11.86
N PHE F 312 8.89 -31.04 -12.03
CA PHE F 312 8.55 -31.83 -13.22
C PHE F 312 7.15 -31.48 -13.71
N VAL F 313 6.95 -31.55 -15.03
CA VAL F 313 5.62 -31.43 -15.60
C VAL F 313 5.31 -32.66 -16.45
N VAL F 314 4.20 -33.32 -16.15
CA VAL F 314 3.72 -34.39 -17.03
C VAL F 314 2.71 -33.81 -18.02
N VAL F 315 2.81 -34.25 -19.27
CA VAL F 315 1.90 -33.81 -20.33
C VAL F 315 1.11 -35.03 -20.77
N LEU F 316 -0.20 -34.90 -20.89
CA LEU F 316 -1.03 -36.04 -21.24
C LEU F 316 -2.22 -35.68 -22.14
N ASP F 317 -2.59 -36.64 -22.98
CA ASP F 317 -3.74 -36.53 -23.88
C ASP F 317 -5.01 -36.56 -23.05
N ALA F 318 -5.86 -35.54 -23.21
CA ALA F 318 -7.09 -35.42 -22.42
C ALA F 318 -8.11 -36.51 -22.73
N LYS F 319 -8.12 -36.98 -23.98
CA LYS F 319 -9.08 -38.00 -24.43
C LYS F 319 -8.72 -39.38 -23.91
N THR F 320 -7.46 -39.77 -24.06
CA THR F 320 -7.02 -41.14 -23.77
C THR F 320 -6.36 -41.26 -22.40
N GLY F 321 -5.81 -40.15 -21.90
CA GLY F 321 -5.07 -40.16 -20.65
C GLY F 321 -3.64 -40.63 -20.83
N GLU F 322 -3.22 -40.75 -22.09
CA GLU F 322 -1.90 -41.26 -22.43
C GLU F 322 -0.84 -40.18 -22.23
N ARG F 323 0.25 -40.55 -21.56
CA ARG F 323 1.32 -39.60 -21.28
C ARG F 323 2.11 -39.32 -22.54
N LEU F 324 2.27 -38.04 -22.86
CA LEU F 324 3.02 -37.63 -24.04
C LEU F 324 4.43 -37.19 -23.68
N ALA F 325 4.62 -36.75 -22.45
CA ALA F 325 5.91 -36.26 -22.00
C ALA F 325 5.98 -36.08 -20.49
N LYS F 326 7.20 -36.15 -19.96
CA LYS F 326 7.51 -35.77 -18.59
C LYS F 326 8.74 -34.88 -18.63
N PHE F 327 8.56 -33.58 -18.39
CA PHE F 327 9.65 -32.60 -18.45
C PHE F 327 10.32 -32.39 -17.11
N GLU F 328 11.65 -32.36 -17.13
CA GLU F 328 12.43 -31.95 -15.97
C GLU F 328 12.66 -30.45 -16.08
N MET F 329 12.03 -29.71 -15.17
CA MET F 329 11.95 -28.24 -15.31
C MET F 329 13.25 -27.52 -14.95
N GLY F 330 14.04 -28.13 -14.07
CA GLY F 330 15.32 -27.55 -13.65
C GLY F 330 15.19 -26.37 -12.71
N HIS F 331 13.97 -26.11 -12.24
CA HIS F 331 13.72 -25.05 -11.25
C HIS F 331 12.60 -25.45 -10.29
N GLU F 332 12.50 -24.73 -9.17
CA GLU F 332 11.42 -24.89 -8.21
C GLU F 332 10.18 -24.18 -8.73
N ILE F 333 9.26 -24.94 -9.32
CA ILE F 333 8.10 -24.33 -10.00
C ILE F 333 6.81 -24.50 -9.21
N ASP F 334 6.10 -23.38 -9.00
CA ASP F 334 4.86 -23.37 -8.24
C ASP F 334 3.61 -23.34 -9.11
N SER F 335 3.72 -22.71 -10.27
CA SER F 335 2.57 -22.52 -11.14
C SER F 335 2.94 -22.74 -12.60
N ILE F 336 2.01 -23.34 -13.33
CA ILE F 336 2.14 -23.49 -14.78
C ILE F 336 0.89 -22.97 -15.51
N ASN F 337 1.10 -22.61 -16.78
CA ASN F 337 0.03 -22.26 -17.71
C ASN F 337 0.63 -22.35 -19.10
N VAL F 338 -0.21 -22.24 -20.13
CA VAL F 338 0.26 -22.34 -21.51
C VAL F 338 -0.30 -21.19 -22.34
N SER F 339 0.41 -20.83 -23.40
CA SER F 339 -0.19 -19.99 -24.41
C SER F 339 -1.14 -20.90 -25.19
N GLN F 340 -2.12 -20.32 -25.88
CA GLN F 340 -3.17 -21.13 -26.49
C GLN F 340 -3.06 -21.19 -28.02
N ASP F 341 -1.92 -20.76 -28.54
CA ASP F 341 -1.63 -20.79 -29.97
C ASP F 341 -0.97 -22.12 -30.35
N GLU F 342 -0.69 -22.30 -31.64
CA GLU F 342 0.12 -23.43 -32.13
C GLU F 342 1.54 -23.28 -31.59
N LYS F 343 2.24 -24.41 -31.44
CA LYS F 343 3.58 -24.44 -30.84
C LYS F 343 3.60 -23.60 -29.56
N PRO F 344 2.75 -23.96 -28.58
CA PRO F 344 2.60 -23.09 -27.41
C PRO F 344 3.83 -23.04 -26.50
N LEU F 345 3.91 -21.96 -25.72
CA LEU F 345 4.89 -21.83 -24.66
C LEU F 345 4.33 -22.44 -23.39
N LEU F 346 5.19 -23.12 -22.63
CA LEU F 346 4.85 -23.59 -21.29
C LEU F 346 5.46 -22.61 -20.29
N TYR F 347 4.60 -21.95 -19.52
CA TYR F 347 5.02 -20.98 -18.51
C TYR F 347 5.21 -21.69 -17.18
N ALA F 348 6.33 -21.41 -16.54
CA ALA F 348 6.66 -22.06 -15.28
C ALA F 348 7.12 -21.00 -14.31
N LEU F 349 6.26 -20.70 -13.33
CA LEU F 349 6.49 -19.61 -12.40
C LEU F 349 7.02 -20.09 -11.06
N SER F 350 8.13 -19.50 -10.62
CA SER F 350 8.74 -19.81 -9.34
C SER F 350 8.52 -18.68 -8.33
N THR F 351 7.67 -18.96 -7.34
CA THR F 351 7.38 -18.02 -6.25
C THR F 351 8.67 -17.71 -5.49
N GLY F 352 9.44 -18.77 -5.23
CA GLY F 352 10.74 -18.67 -4.56
C GLY F 352 11.74 -17.79 -5.32
N ASP F 353 11.94 -18.07 -6.61
CA ASP F 353 12.89 -17.32 -7.44
C ASP F 353 12.37 -15.96 -7.89
N LYS F 354 11.08 -15.75 -7.68
CA LYS F 354 10.37 -14.58 -8.24
C LYS F 354 10.67 -14.47 -9.74
N THR F 355 10.58 -15.59 -10.45
CA THR F 355 11.02 -15.67 -11.84
C THR F 355 10.07 -16.51 -12.67
N LEU F 356 9.66 -15.96 -13.82
CA LEU F 356 8.87 -16.70 -14.78
C LEU F 356 9.81 -17.37 -15.76
N TYR F 357 9.80 -18.70 -15.79
CA TYR F 357 10.59 -19.44 -16.75
C TYR F 357 9.73 -19.80 -17.94
N ILE F 358 10.22 -19.48 -19.14
CA ILE F 358 9.46 -19.65 -20.36
C ILE F 358 10.03 -20.82 -21.15
N HIS F 359 9.22 -21.87 -21.28
CA HIS F 359 9.61 -23.12 -21.91
C HIS F 359 8.85 -23.36 -23.23
N ASP F 360 9.48 -24.13 -24.12
CA ASP F 360 8.82 -24.68 -25.29
C ASP F 360 7.97 -25.85 -24.78
N ALA F 361 6.67 -25.81 -25.05
CA ALA F 361 5.75 -26.83 -24.52
C ALA F 361 5.88 -28.21 -25.17
N GLU F 362 6.50 -28.26 -26.36
CA GLU F 362 6.71 -29.52 -27.06
C GLU F 362 7.92 -30.28 -26.53
N SER F 363 9.08 -29.62 -26.47
CA SER F 363 10.32 -30.25 -26.02
C SER F 363 10.57 -30.09 -24.52
N GLY F 364 9.85 -29.16 -23.89
CA GLY F 364 10.09 -28.82 -22.49
C GLY F 364 11.36 -28.02 -22.21
N GLU F 365 12.07 -27.62 -23.26
CA GLU F 365 13.32 -26.87 -23.12
C GLU F 365 13.10 -25.44 -22.62
N GLU F 366 13.88 -25.03 -21.63
CA GLU F 366 13.85 -23.64 -21.17
C GLU F 366 14.40 -22.72 -22.27
N LEU F 367 13.60 -21.72 -22.63
CA LEU F 367 13.97 -20.80 -23.72
C LEU F 367 14.55 -19.49 -23.19
N ARG F 368 13.90 -18.93 -22.18
CA ARG F 368 14.27 -17.63 -21.63
C ARG F 368 13.63 -17.50 -20.24
N SER F 369 13.89 -16.40 -19.55
CA SER F 369 13.24 -16.14 -18.25
C SER F 369 13.10 -14.65 -17.93
N VAL F 370 12.15 -14.35 -17.06
CA VAL F 370 11.91 -12.98 -16.61
C VAL F 370 11.97 -13.00 -15.09
N ASN F 371 12.97 -12.32 -14.53
CA ASN F 371 13.16 -12.32 -13.09
C ASN F 371 12.61 -11.06 -12.43
N GLN F 372 12.85 -10.93 -11.12
CA GLN F 372 12.45 -9.77 -10.32
C GLN F 372 10.95 -9.48 -10.44
N LEU F 373 10.13 -10.53 -10.38
CA LEU F 373 8.68 -10.36 -10.48
C LEU F 373 8.02 -10.25 -9.10
N GLY F 374 8.39 -9.19 -8.38
CA GLY F 374 7.77 -8.88 -7.10
C GLY F 374 8.32 -9.72 -5.97
N HIS F 375 7.45 -10.02 -5.00
CA HIS F 375 7.87 -10.62 -3.75
C HIS F 375 7.51 -12.08 -3.65
N GLY F 376 6.33 -12.44 -4.18
CA GLY F 376 5.84 -13.81 -4.12
C GLY F 376 4.82 -14.13 -5.21
N PRO F 377 5.23 -14.04 -6.49
CA PRO F 377 4.34 -14.20 -7.62
C PRO F 377 3.83 -15.65 -7.71
N GLN F 378 2.56 -15.80 -8.06
CA GLN F 378 1.86 -17.09 -7.96
C GLN F 378 0.91 -17.37 -9.10
N VAL F 379 0.41 -16.33 -9.76
CA VAL F 379 -0.70 -16.51 -10.71
C VAL F 379 -0.34 -16.11 -12.14
N ILE F 380 -0.40 -17.09 -13.03
CA ILE F 380 -0.19 -16.87 -14.46
C ILE F 380 -1.51 -16.84 -15.21
N THR F 381 -1.72 -15.81 -16.00
CA THR F 381 -2.91 -15.75 -16.87
C THR F 381 -2.52 -15.43 -18.30
N THR F 382 -3.19 -16.09 -19.25
CA THR F 382 -3.03 -15.85 -20.68
C THR F 382 -4.42 -15.71 -21.32
N ALA F 383 -4.49 -15.07 -22.48
CA ALA F 383 -5.74 -14.99 -23.25
C ALA F 383 -5.82 -16.08 -24.33
N ASP F 384 -6.99 -16.70 -24.45
CA ASP F 384 -7.24 -17.65 -25.52
C ASP F 384 -7.89 -16.89 -26.68
N MET F 385 -7.07 -16.41 -27.60
CA MET F 385 -7.51 -15.50 -28.65
C MET F 385 -7.81 -16.24 -29.96
N GLY F 386 -7.33 -17.48 -30.06
CA GLY F 386 -7.37 -18.25 -31.31
C GLY F 386 -8.72 -18.85 -31.66
NA NA G . 2.78 49.21 -22.03
NA NA H . -6.68 31.42 -40.06
C CMO I . 8.92 43.12 -40.75
O CMO I . 7.80 42.69 -41.00
FE HEC J . 10.68 43.18 -39.85
CHA HEC J . 9.25 40.59 -38.04
CHB HEC J . 12.71 40.97 -41.52
CHC HEC J . 11.40 45.64 -42.15
CHD HEC J . 9.35 45.51 -37.71
NA HEC J . 10.94 41.11 -39.79
C1A HEC J . 10.34 40.20 -38.99
C2A HEC J . 10.86 38.81 -39.19
C3A HEC J . 11.83 38.94 -40.18
C4A HEC J . 11.83 40.39 -40.50
CMA HEC J . 12.71 37.89 -40.80
CAA HEC J . 10.42 37.54 -38.49
CBA HEC J . 11.41 37.21 -37.38
CGA HEC J . 10.84 36.20 -36.39
O1A HEC J . 11.61 35.73 -35.52
O2A HEC J . 9.63 35.87 -36.43
NB HEC J . 11.88 43.29 -41.57
C1B HEC J . 12.57 42.30 -42.15
C2B HEC J . 13.16 42.68 -43.46
C3B HEC J . 12.80 44.00 -43.64
C4B HEC J . 12.02 44.33 -42.42
CMB HEC J . 13.98 41.81 -44.39
CAB HEC J . 13.10 44.93 -44.80
CBB HEC J . 12.29 44.56 -46.03
NC HEC J . 10.40 45.25 -39.92
C1C HEC J . 10.80 46.11 -40.89
C2C HEC J . 10.53 47.53 -40.58
C3C HEC J . 9.94 47.52 -39.32
C4C HEC J . 9.90 46.07 -38.97
CMC HEC J . 10.88 48.69 -41.48
CAC HEC J . 9.48 48.67 -38.45
CBC HEC J . 8.31 49.45 -38.99
ND HEC J . 9.51 43.07 -38.11
C1D HEC J . 8.91 44.10 -37.48
C2D HEC J . 7.80 43.69 -36.58
C3D HEC J . 7.78 42.30 -36.67
C4D HEC J . 8.88 41.98 -37.62
CMD HEC J . 6.90 44.57 -35.74
CAD HEC J . 6.84 41.34 -35.98
CBD HEC J . 5.55 41.36 -36.80
CGD HEC J . 4.65 40.17 -36.50
O1D HEC J . 3.45 40.27 -36.80
O2D HEC J . 5.13 39.11 -36.00
FE HEC K . 9.72 31.32 -22.40
CHA HEC K . 9.12 34.15 -24.28
CHB HEC K . 12.42 32.77 -20.95
CHC HEC K . 9.64 28.89 -19.98
CHD HEC K . 7.67 29.45 -24.41
NA HEC K . 10.65 33.19 -22.59
C1A HEC K . 10.29 34.23 -23.36
C2A HEC K . 11.16 35.42 -23.17
C3A HEC K . 12.10 35.02 -22.24
C4A HEC K . 11.70 33.63 -21.92
CMA HEC K . 13.24 35.79 -21.65
CAA HEC K . 11.07 36.74 -23.88
CBA HEC K . 11.99 36.63 -25.10
CGA HEC K . 11.65 37.64 -26.19
O1A HEC K . 10.69 38.42 -26.03
O2A HEC K . 12.37 37.65 -27.20
NB HEC K . 10.85 30.91 -20.71
C1B HEC K . 11.93 31.57 -20.28
C2B HEC K . 12.57 30.97 -19.09
C3B HEC K . 11.77 29.87 -18.80
C4B HEC K . 10.73 29.88 -19.85
CMB HEC K . 13.80 31.47 -18.36
CAB HEC K . 11.92 28.86 -17.68
CBB HEC K . 11.60 29.53 -16.36
NC HEC K . 8.78 29.45 -22.22
C1C HEC K . 8.87 28.59 -21.20
C2C HEC K . 8.10 27.33 -21.42
C3C HEC K . 7.53 27.49 -22.67
C4C HEC K . 8.01 28.83 -23.11
CMC HEC K . 7.98 26.17 -20.47
CAC HEC K . 6.66 26.54 -23.46
CBC HEC K . 5.31 26.40 -22.77
ND HEC K . 8.60 31.71 -24.11
C1D HEC K . 7.72 30.90 -24.72
C2D HEC K . 6.87 31.57 -25.73
C3D HEC K . 7.29 32.88 -25.68
C4D HEC K . 8.37 32.92 -24.66
CMD HEC K . 5.80 30.94 -26.60
CAD HEC K . 6.76 34.04 -26.48
CBD HEC K . 5.54 34.48 -25.68
CGD HEC K . 4.83 35.52 -26.46
O1D HEC K . 5.43 36.60 -26.69
O2D HEC K . 3.67 35.26 -26.85
CA CA L . 11.94 42.36 -27.85
NA NA M . -44.07 -18.83 25.30
C CMO N . -34.30 -24.20 42.78
O CMO N . -34.65 -23.23 43.43
FE HEC O . -34.07 -25.87 41.73
CHA HEC O . -32.17 -23.70 39.81
CHB HEC O . -31.22 -27.29 43.03
CHC HEC O . -35.98 -27.42 44.15
CHD HEC O . -36.89 -25.11 39.92
NA HEC O . -32.02 -25.55 41.46
C1A HEC O . -31.40 -24.67 40.64
C2A HEC O . -29.91 -24.75 40.69
C3A HEC O . -29.65 -25.77 41.60
C4A HEC O . -31.00 -26.21 42.05
CMA HEC O . -28.33 -26.33 42.07
CAA HEC O . -28.91 -23.93 39.92
CBA HEC O . -28.38 -24.69 38.70
CGA HEC O . -27.68 -23.75 37.73
O1A HEC O . -27.18 -24.24 36.70
O2A HEC O . -27.65 -22.52 37.96
NB HEC O . -33.66 -27.14 43.35
C1B HEC O . -32.46 -27.61 43.75
C2B HEC O . -32.52 -28.46 44.97
C3B HEC O . -33.88 -28.49 45.28
C4B HEC O . -34.53 -27.68 44.22
CMB HEC O . -31.35 -29.11 45.67
CAB HEC O . -34.62 -29.19 46.42
CBB HEC O . -34.42 -28.44 47.72
NC HEC O . -36.12 -26.19 42.00
C1C HEC O . -36.72 -26.89 42.98
C2C HEC O . -38.19 -27.04 42.80
C3C HEC O . -38.47 -26.37 41.62
C4C HEC O . -37.14 -25.88 41.17
CMC HEC O . -39.12 -27.76 43.74
CAC HEC O . -39.79 -26.21 40.88
CBC HEC O . -40.83 -25.41 41.64
ND HEC O . -34.47 -24.64 40.07
C1D HEC O . -35.69 -24.30 39.61
C2D HEC O . -35.68 -23.05 38.79
C3D HEC O . -34.36 -22.66 38.75
C4D HEC O . -33.65 -23.69 39.56
CMD HEC O . -36.88 -22.39 38.15
CAD HEC O . -33.74 -21.44 38.09
CBD HEC O . -34.08 -20.28 39.01
CGD HEC O . -33.23 -19.04 38.83
O1D HEC O . -33.52 -18.03 39.50
O2D HEC O . -32.27 -19.05 38.04
FE HEC P . -24.77 -20.18 23.53
CHA HEC P . -27.47 -20.55 25.59
CHB HEC P . -25.52 -23.07 21.89
CHC HEC P . -22.69 -19.20 20.96
CHD HEC P . -23.39 -17.89 25.62
NA HEC P . -26.28 -21.59 23.71
C1A HEC P . -27.28 -21.62 24.59
C2A HEC P . -28.19 -22.79 24.42
C3A HEC P . -27.63 -23.49 23.36
C4A HEC P . -26.45 -22.69 22.98
CMA HEC P . -28.08 -24.79 22.72
CAA HEC P . -29.42 -23.11 25.24
CBA HEC P . -28.97 -24.09 26.31
CGA HEC P . -29.92 -24.12 27.50
O1A HEC P . -30.87 -23.32 27.57
O2A HEC P . -29.68 -24.97 28.38
NB HEC P . -24.20 -21.01 21.69
C1B HEC P . -24.58 -22.17 21.18
C2B HEC P . -23.99 -22.49 19.87
C3B HEC P . -23.18 -21.39 19.59
C4B HEC P . -23.35 -20.51 20.78
CMB HEC P . -24.25 -23.74 19.06
CAB HEC P . -22.32 -21.11 18.38
CBB HEC P . -23.23 -20.74 17.23
NC HEC P . -23.26 -18.76 23.33
C1C HEC P . -22.51 -18.48 22.25
C2C HEC P . -21.54 -17.36 22.48
C3C HEC P . -21.75 -16.99 23.80
C4C HEC P . -22.83 -17.89 24.26
CMC HEC P . -20.55 -16.79 21.49
CAC HEC P . -21.05 -15.94 24.63
CBC HEC P . -21.16 -14.57 23.99
ND HEC P . -25.33 -19.36 25.35
C1D HEC P . -24.72 -18.37 26.01
C2D HEC P . -25.49 -17.84 27.16
C3D HEC P . -26.65 -18.59 27.15
C4D HEC P . -26.49 -19.52 26.01
CMD HEC P . -25.08 -16.74 28.10
CAD HEC P . -27.83 -18.48 28.08
CBD HEC P . -28.65 -17.32 27.52
CGD HEC P . -29.78 -17.03 28.46
O1D HEC P . -30.58 -17.95 28.72
O2D HEC P . -29.89 -15.87 28.91
CA CA Q . -34.14 -25.95 29.51
C ACT R . 30.96 14.65 -11.55
O ACT R . 30.95 15.79 -11.04
OXT ACT R . 31.92 13.89 -11.25
CH3 ACT R . 29.88 14.19 -12.48
C ACT S . 0.20 -7.87 28.41
O ACT S . -0.23 -9.03 28.22
OXT ACT S . 0.55 -7.24 27.39
CH3 ACT S . 0.32 -7.27 29.80
C ACT T . 5.16 3.76 -28.85
O ACT T . 4.60 3.60 -27.76
OXT ACT T . 6.04 4.65 -28.88
CH3 ACT T . 4.80 2.94 -30.06
C1 PG6 U . -25.07 -42.38 -14.32
O1 PG6 U . -25.36 -43.65 -14.91
C2 PG6 U . -24.26 -44.56 -14.82
C3 PG6 U . -23.84 -45.04 -16.21
O2 PG6 U . -22.41 -45.05 -16.29
C4 PG6 U . -21.90 -44.90 -17.62
C5 PG6 U . -21.32 -43.50 -17.80
O3 PG6 U . -19.90 -43.53 -17.95
C6 PG6 U . -19.35 -42.21 -18.04
C7 PG6 U . -18.12 -42.04 -17.14
O4 PG6 U . -18.48 -41.36 -15.94
C8 PG6 U . -17.38 -41.17 -15.05
C9 PG6 U . -17.83 -41.43 -13.61
O5 PG6 U . -18.15 -40.22 -12.90
C10 PG6 U . -19.45 -39.72 -13.21
C11 PG6 U . -20.41 -39.78 -12.02
O6 PG6 U . -21.62 -39.11 -12.37
C12 PG6 U . -22.77 -39.96 -12.36
#